data_6TDF
# 
_entry.id   6TDF 
# 
_audit_conform.dict_name       mmcif_pdbx.dic 
_audit_conform.dict_version    5.383 
_audit_conform.dict_location   http://mmcif.pdb.org/dictionaries/ascii/mmcif_pdbx.dic 
# 
loop_
_database_2.database_id 
_database_2.database_code 
_database_2.pdbx_database_accession 
_database_2.pdbx_DOI 
PDB   6TDF         pdb_00006tdf 10.2210/pdb6tdf/pdb 
WWPDB D_1292105282 ?            ?                   
# 
loop_
_pdbx_audit_revision_history.ordinal 
_pdbx_audit_revision_history.data_content_type 
_pdbx_audit_revision_history.major_revision 
_pdbx_audit_revision_history.minor_revision 
_pdbx_audit_revision_history.revision_date 
1 'Structure model' 1 0 2020-04-29 
2 'Structure model' 1 1 2020-05-13 
3 'Structure model' 1 2 2020-07-08 
4 'Structure model' 1 3 2020-07-29 
5 'Structure model' 1 4 2024-01-24 
# 
loop_
_pdbx_audit_revision_details.ordinal 
_pdbx_audit_revision_details.revision_ordinal 
_pdbx_audit_revision_details.data_content_type 
_pdbx_audit_revision_details.provider 
_pdbx_audit_revision_details.type 
_pdbx_audit_revision_details.description 
_pdbx_audit_revision_details.details 
1 1 'Structure model' repository 'Initial release' ?                          ? 
2 4 'Structure model' repository Remediation       'Carbohydrate remediation' ? 
# 
loop_
_pdbx_audit_revision_group.ordinal 
_pdbx_audit_revision_group.revision_ordinal 
_pdbx_audit_revision_group.data_content_type 
_pdbx_audit_revision_group.group 
1 2 'Structure model' 'Database references'    
2 3 'Structure model' 'Database references'    
3 4 'Structure model' 'Data collection'        
4 4 'Structure model' 'Derived calculations'   
5 4 'Structure model' 'Structure summary'      
6 5 'Structure model' 'Data collection'        
7 5 'Structure model' 'Database references'    
8 5 'Structure model' 'Refinement description' 
9 5 'Structure model' 'Structure summary'      
# 
loop_
_pdbx_audit_revision_category.ordinal 
_pdbx_audit_revision_category.revision_ordinal 
_pdbx_audit_revision_category.data_content_type 
_pdbx_audit_revision_category.category 
1  2 'Structure model' citation                      
2  2 'Structure model' citation_author               
3  3 'Structure model' citation                      
4  3 'Structure model' citation_author               
5  4 'Structure model' chem_comp                     
6  4 'Structure model' entity                        
7  4 'Structure model' pdbx_chem_comp_identifier     
8  4 'Structure model' pdbx_entity_nonpoly           
9  4 'Structure model' struct_site                   
10 4 'Structure model' struct_site_gen               
11 5 'Structure model' chem_comp                     
12 5 'Structure model' chem_comp_atom                
13 5 'Structure model' chem_comp_bond                
14 5 'Structure model' database_2                    
15 5 'Structure model' pdbx_initial_refinement_model 
# 
loop_
_pdbx_audit_revision_item.ordinal 
_pdbx_audit_revision_item.revision_ordinal 
_pdbx_audit_revision_item.data_content_type 
_pdbx_audit_revision_item.item 
1  2 'Structure model' '_citation.pdbx_database_id_DOI'      
2  2 'Structure model' '_citation.pdbx_database_id_PubMed'   
3  2 'Structure model' '_citation.title'                     
4  2 'Structure model' '_citation_author.identifier_ORCID'   
5  2 'Structure model' '_citation_author.name'               
6  3 'Structure model' '_citation.journal_volume'            
7  3 'Structure model' '_citation.page_first'                
8  3 'Structure model' '_citation.page_last'                 
9  3 'Structure model' '_citation_author.identifier_ORCID'   
10 4 'Structure model' '_chem_comp.mon_nstd_flag'            
11 4 'Structure model' '_chem_comp.name'                     
12 4 'Structure model' '_chem_comp.type'                     
13 4 'Structure model' '_entity.pdbx_description'            
14 4 'Structure model' '_pdbx_entity_nonpoly.name'           
15 5 'Structure model' '_chem_comp.pdbx_synonyms'            
16 5 'Structure model' '_database_2.pdbx_DOI'                
17 5 'Structure model' '_database_2.pdbx_database_accession' 
# 
_pdbx_database_status.status_code                     REL 
_pdbx_database_status.status_code_sf                  REL 
_pdbx_database_status.status_code_mr                  ? 
_pdbx_database_status.entry_id                        6TDF 
_pdbx_database_status.recvd_initial_deposition_date   2019-11-08 
_pdbx_database_status.SG_entry                        N 
_pdbx_database_status.deposit_site                    PDBE 
_pdbx_database_status.process_site                    PDBE 
_pdbx_database_status.status_code_cs                  ? 
_pdbx_database_status.methods_development_category    ? 
_pdbx_database_status.pdb_format_compatible           Y 
_pdbx_database_status.status_code_nmr_data            ? 
# 
loop_
_audit_author.name 
_audit_author.pdbx_ordinal 
_audit_author.identifier_ORCID 
'Raimi, O.G.'  1 ? 
'Stanley, M.'  2 ? 
'Lockhart, D.' 3 ? 
# 
_citation.abstract                  ? 
_citation.abstract_id_CAS           ? 
_citation.book_id_ISBN              ? 
_citation.book_publisher            ? 
_citation.book_publisher_city       ? 
_citation.book_title                ? 
_citation.coordinate_linkage        ? 
_citation.country                   US 
_citation.database_id_Medline       ? 
_citation.details                   ? 
_citation.id                        primary 
_citation.journal_abbrev            J.Biol.Chem. 
_citation.journal_id_ASTM           JBCHA3 
_citation.journal_id_CSD            0071 
_citation.journal_id_ISSN           1083-351X 
_citation.journal_full              ? 
_citation.journal_issue             ? 
_citation.journal_volume            295 
_citation.language                  ? 
_citation.page_first                8678 
_citation.page_last                 8691 
_citation.title                     'Targeting a critical step in fungal hexosamine biosynthesis.' 
_citation.year                      2020 
_citation.database_id_CSD           ? 
_citation.pdbx_database_id_DOI      10.1074/jbc.RA120.012985 
_citation.pdbx_database_id_PubMed   32341126 
_citation.unpublished_flag          ? 
# 
loop_
_citation_author.citation_id 
_citation_author.name 
_citation_author.ordinal 
_citation_author.identifier_ORCID 
primary 'Lockhart, D.E.A.'   1 0000-0002-4262-3842 
primary 'Stanley, M.'        2 0000-0002-0631-8306 
primary 'Raimi, O.G.'        3 0000-0003-2782-7318 
primary 'Robinson, D.A.'     4 0000-0003-1979-5918 
primary 'Boldovjakova, D.'   5 ?                   
primary 'Squair, D.R.'       6 ?                   
primary 'Ferenbach, A.T.'    7 ?                   
primary 'Fang, W.'           8 ?                   
primary 'van Aalten, D.M.F.' 9 0000-0002-1499-6908 
# 
loop_
_entity.id 
_entity.type 
_entity.src_method 
_entity.pdbx_description 
_entity.formula_weight 
_entity.pdbx_number_of_molecules 
_entity.pdbx_ec 
_entity.pdbx_mutation 
_entity.pdbx_fragment 
_entity.details 
1 polymer     man 'Glucosamine 6-phosphate N-acetyltransferase'                                              21126.113 1  2.3.1.4 
? ? ? 
2 non-polymer syn 'ACETYL COENZYME *A'                                                                       809.571   1  ?       
? ? ? 
3 non-polymer syn '2-[[3,5-bis(chloranyl)-4-(4~{H}-1,2,4-triazol-3-yl)phenyl]-(2-hydroxyethyl)amino]ethanol' 317.171   1  ?       
? ? ? 
4 non-polymer man 6-O-phosphono-alpha-D-glucopyranose                                                        260.136   1  ?       
? ? ? 
5 water       nat water                                                                                      18.015    45 ?       
? ? ? 
# 
_entity_poly.entity_id                      1 
_entity_poly.type                           'polypeptide(L)' 
_entity_poly.nstd_linkage                   no 
_entity_poly.nstd_monomer                   no 
_entity_poly.pdbx_seq_one_letter_code       
;MTNATIAPTTTAAPVTKSVDAPTADENTPLFSPSLISPDVLAVLPADYTIRPLCRSDYKRGYLDVLRVLTTVGDINEEQW
NSRYEWIRARSDEYYLLVVCDGEGRIVGTGSLVVERKFIHSLGMVGHIEDIAVEKGQQGKKLGLRIIQALDYVAEKVGCY
KTILDCSEANEGFYIKCGFKRAGLEMAHYY
;
_entity_poly.pdbx_seq_one_letter_code_can   
;MTNATIAPTTTAAPVTKSVDAPTADENTPLFSPSLISPDVLAVLPADYTIRPLCRSDYKRGYLDVLRVLTTVGDINEEQW
NSRYEWIRARSDEYYLLVVCDGEGRIVGTGSLVVERKFIHSLGMVGHIEDIAVEKGQQGKKLGLRIIQALDYVAEKVGCY
KTILDCSEANEGFYIKCGFKRAGLEMAHYY
;
_entity_poly.pdbx_strand_id                 A 
_entity_poly.pdbx_target_identifier         ? 
# 
loop_
_pdbx_entity_nonpoly.entity_id 
_pdbx_entity_nonpoly.name 
_pdbx_entity_nonpoly.comp_id 
2 'ACETYL COENZYME *A'                                                                       ACO 
3 '2-[[3,5-bis(chloranyl)-4-(4~{H}-1,2,4-triazol-3-yl)phenyl]-(2-hydroxyethyl)amino]ethanol' N3Q 
4 6-O-phosphono-alpha-D-glucopyranose                                                        G6P 
5 water                                                                                      HOH 
# 
loop_
_entity_poly_seq.entity_id 
_entity_poly_seq.num 
_entity_poly_seq.mon_id 
_entity_poly_seq.hetero 
1 1   MET n 
1 2   THR n 
1 3   ASN n 
1 4   ALA n 
1 5   THR n 
1 6   ILE n 
1 7   ALA n 
1 8   PRO n 
1 9   THR n 
1 10  THR n 
1 11  THR n 
1 12  ALA n 
1 13  ALA n 
1 14  PRO n 
1 15  VAL n 
1 16  THR n 
1 17  LYS n 
1 18  SER n 
1 19  VAL n 
1 20  ASP n 
1 21  ALA n 
1 22  PRO n 
1 23  THR n 
1 24  ALA n 
1 25  ASP n 
1 26  GLU n 
1 27  ASN n 
1 28  THR n 
1 29  PRO n 
1 30  LEU n 
1 31  PHE n 
1 32  SER n 
1 33  PRO n 
1 34  SER n 
1 35  LEU n 
1 36  ILE n 
1 37  SER n 
1 38  PRO n 
1 39  ASP n 
1 40  VAL n 
1 41  LEU n 
1 42  ALA n 
1 43  VAL n 
1 44  LEU n 
1 45  PRO n 
1 46  ALA n 
1 47  ASP n 
1 48  TYR n 
1 49  THR n 
1 50  ILE n 
1 51  ARG n 
1 52  PRO n 
1 53  LEU n 
1 54  CYS n 
1 55  ARG n 
1 56  SER n 
1 57  ASP n 
1 58  TYR n 
1 59  LYS n 
1 60  ARG n 
1 61  GLY n 
1 62  TYR n 
1 63  LEU n 
1 64  ASP n 
1 65  VAL n 
1 66  LEU n 
1 67  ARG n 
1 68  VAL n 
1 69  LEU n 
1 70  THR n 
1 71  THR n 
1 72  VAL n 
1 73  GLY n 
1 74  ASP n 
1 75  ILE n 
1 76  ASN n 
1 77  GLU n 
1 78  GLU n 
1 79  GLN n 
1 80  TRP n 
1 81  ASN n 
1 82  SER n 
1 83  ARG n 
1 84  TYR n 
1 85  GLU n 
1 86  TRP n 
1 87  ILE n 
1 88  ARG n 
1 89  ALA n 
1 90  ARG n 
1 91  SER n 
1 92  ASP n 
1 93  GLU n 
1 94  TYR n 
1 95  TYR n 
1 96  LEU n 
1 97  LEU n 
1 98  VAL n 
1 99  VAL n 
1 100 CYS n 
1 101 ASP n 
1 102 GLY n 
1 103 GLU n 
1 104 GLY n 
1 105 ARG n 
1 106 ILE n 
1 107 VAL n 
1 108 GLY n 
1 109 THR n 
1 110 GLY n 
1 111 SER n 
1 112 LEU n 
1 113 VAL n 
1 114 VAL n 
1 115 GLU n 
1 116 ARG n 
1 117 LYS n 
1 118 PHE n 
1 119 ILE n 
1 120 HIS n 
1 121 SER n 
1 122 LEU n 
1 123 GLY n 
1 124 MET n 
1 125 VAL n 
1 126 GLY n 
1 127 HIS n 
1 128 ILE n 
1 129 GLU n 
1 130 ASP n 
1 131 ILE n 
1 132 ALA n 
1 133 VAL n 
1 134 GLU n 
1 135 LYS n 
1 136 GLY n 
1 137 GLN n 
1 138 GLN n 
1 139 GLY n 
1 140 LYS n 
1 141 LYS n 
1 142 LEU n 
1 143 GLY n 
1 144 LEU n 
1 145 ARG n 
1 146 ILE n 
1 147 ILE n 
1 148 GLN n 
1 149 ALA n 
1 150 LEU n 
1 151 ASP n 
1 152 TYR n 
1 153 VAL n 
1 154 ALA n 
1 155 GLU n 
1 156 LYS n 
1 157 VAL n 
1 158 GLY n 
1 159 CYS n 
1 160 TYR n 
1 161 LYS n 
1 162 THR n 
1 163 ILE n 
1 164 LEU n 
1 165 ASP n 
1 166 CYS n 
1 167 SER n 
1 168 GLU n 
1 169 ALA n 
1 170 ASN n 
1 171 GLU n 
1 172 GLY n 
1 173 PHE n 
1 174 TYR n 
1 175 ILE n 
1 176 LYS n 
1 177 CYS n 
1 178 GLY n 
1 179 PHE n 
1 180 LYS n 
1 181 ARG n 
1 182 ALA n 
1 183 GLY n 
1 184 LEU n 
1 185 GLU n 
1 186 MET n 
1 187 ALA n 
1 188 HIS n 
1 189 TYR n 
1 190 TYR n 
# 
_entity_src_gen.entity_id                          1 
_entity_src_gen.pdbx_src_id                        1 
_entity_src_gen.pdbx_alt_source_flag               sample 
_entity_src_gen.pdbx_seq_type                      'Biological sequence' 
_entity_src_gen.pdbx_beg_seq_num                   1 
_entity_src_gen.pdbx_end_seq_num                   190 
_entity_src_gen.gene_src_common_name               ? 
_entity_src_gen.gene_src_genus                     ? 
_entity_src_gen.pdbx_gene_src_gene                 AFUA_6G02460 
_entity_src_gen.gene_src_species                   ? 
_entity_src_gen.gene_src_strain                    ? 
_entity_src_gen.gene_src_tissue                    ? 
_entity_src_gen.gene_src_tissue_fraction           ? 
_entity_src_gen.gene_src_details                   ? 
_entity_src_gen.pdbx_gene_src_fragment             ? 
_entity_src_gen.pdbx_gene_src_scientific_name      'Aspergillus fumigatus Af293' 
_entity_src_gen.pdbx_gene_src_ncbi_taxonomy_id     330879 
_entity_src_gen.pdbx_gene_src_variant              ? 
_entity_src_gen.pdbx_gene_src_cell_line            ? 
_entity_src_gen.pdbx_gene_src_atcc                 ? 
_entity_src_gen.pdbx_gene_src_organ                ? 
_entity_src_gen.pdbx_gene_src_organelle            ? 
_entity_src_gen.pdbx_gene_src_cell                 ? 
_entity_src_gen.pdbx_gene_src_cellular_location    ? 
_entity_src_gen.host_org_common_name               ? 
_entity_src_gen.pdbx_host_org_scientific_name      'Escherichia coli' 
_entity_src_gen.pdbx_host_org_ncbi_taxonomy_id     562 
_entity_src_gen.host_org_genus                     ? 
_entity_src_gen.pdbx_host_org_gene                 ? 
_entity_src_gen.pdbx_host_org_organ                ? 
_entity_src_gen.host_org_species                   ? 
_entity_src_gen.pdbx_host_org_tissue               ? 
_entity_src_gen.pdbx_host_org_tissue_fraction      ? 
_entity_src_gen.pdbx_host_org_strain               ? 
_entity_src_gen.pdbx_host_org_variant              ? 
_entity_src_gen.pdbx_host_org_cell_line            ? 
_entity_src_gen.pdbx_host_org_atcc                 ? 
_entity_src_gen.pdbx_host_org_culture_collection   ? 
_entity_src_gen.pdbx_host_org_cell                 ? 
_entity_src_gen.pdbx_host_org_organelle            ? 
_entity_src_gen.pdbx_host_org_cellular_location    ? 
_entity_src_gen.pdbx_host_org_vector_type          ? 
_entity_src_gen.pdbx_host_org_vector               ? 
_entity_src_gen.host_org_details                   ? 
_entity_src_gen.expression_system_id               ? 
_entity_src_gen.plasmid_name                       ? 
_entity_src_gen.plasmid_details                    ? 
_entity_src_gen.pdbx_description                   ? 
# 
loop_
_chem_comp.id 
_chem_comp.type 
_chem_comp.mon_nstd_flag 
_chem_comp.name 
_chem_comp.pdbx_synonyms 
_chem_comp.formula 
_chem_comp.formula_weight 
ACO non-polymer                   . 'ACETYL COENZYME *A'                                                                       ? 
'C23 H38 N7 O17 P3 S' 809.571 
ALA 'L-peptide linking'           y ALANINE                                                                                    ? 
'C3 H7 N O2'          89.093  
ARG 'L-peptide linking'           y ARGININE                                                                                   ? 
'C6 H15 N4 O2 1'      175.209 
ASN 'L-peptide linking'           y ASPARAGINE                                                                                 ? 
'C4 H8 N2 O3'         132.118 
ASP 'L-peptide linking'           y 'ASPARTIC ACID'                                                                            ? 
'C4 H7 N O4'          133.103 
CYS 'L-peptide linking'           y CYSTEINE                                                                                   ? 
'C3 H7 N O2 S'        121.158 
G6P 'D-saccharide, alpha linking' n 6-O-phosphono-alpha-D-glucopyranose                                                        
'ALPHA-D-GLUCOSE-6-PHOSPHATE; 6-O-phosphono-alpha-D-glucose; 6-O-phosphono-D-glucose; 6-O-phosphono-glucose' 'C6 H13 O9 P'         
260.136 
GLN 'L-peptide linking'           y GLUTAMINE                                                                                  ? 
'C5 H10 N2 O3'        146.144 
GLU 'L-peptide linking'           y 'GLUTAMIC ACID'                                                                            ? 
'C5 H9 N O4'          147.129 
GLY 'peptide linking'             y GLYCINE                                                                                    ? 
'C2 H5 N O2'          75.067  
HIS 'L-peptide linking'           y HISTIDINE                                                                                  ? 
'C6 H10 N3 O2 1'      156.162 
HOH non-polymer                   . WATER                                                                                      ? 
'H2 O'                18.015  
ILE 'L-peptide linking'           y ISOLEUCINE                                                                                 ? 
'C6 H13 N O2'         131.173 
LEU 'L-peptide linking'           y LEUCINE                                                                                    ? 
'C6 H13 N O2'         131.173 
LYS 'L-peptide linking'           y LYSINE                                                                                     ? 
'C6 H15 N2 O2 1'      147.195 
MET 'L-peptide linking'           y METHIONINE                                                                                 ? 
'C5 H11 N O2 S'       149.211 
N3Q non-polymer                   . '2-[[3,5-bis(chloranyl)-4-(4~{H}-1,2,4-triazol-3-yl)phenyl]-(2-hydroxyethyl)amino]ethanol' ? 
'C12 H14 Cl2 N4 O2'   317.171 
PHE 'L-peptide linking'           y PHENYLALANINE                                                                              ? 
'C9 H11 N O2'         165.189 
PRO 'L-peptide linking'           y PROLINE                                                                                    ? 
'C5 H9 N O2'          115.130 
SER 'L-peptide linking'           y SERINE                                                                                     ? 
'C3 H7 N O3'          105.093 
THR 'L-peptide linking'           y THREONINE                                                                                  ? 
'C4 H9 N O3'          119.119 
TRP 'L-peptide linking'           y TRYPTOPHAN                                                                                 ? 
'C11 H12 N2 O2'       204.225 
TYR 'L-peptide linking'           y TYROSINE                                                                                   ? 
'C9 H11 N O3'         181.189 
VAL 'L-peptide linking'           y VALINE                                                                                     ? 
'C5 H11 N O2'         117.146 
# 
_pdbx_chem_comp_identifier.comp_id           G6P 
_pdbx_chem_comp_identifier.type              'IUPAC CARBOHYDRATE SYMBOL' 
_pdbx_chem_comp_identifier.program           PDB-CARE 
_pdbx_chem_comp_identifier.program_version   1.0 
_pdbx_chem_comp_identifier.identifier        a-D-Glcp6PO3 
# 
loop_
_pdbx_poly_seq_scheme.asym_id 
_pdbx_poly_seq_scheme.entity_id 
_pdbx_poly_seq_scheme.seq_id 
_pdbx_poly_seq_scheme.mon_id 
_pdbx_poly_seq_scheme.ndb_seq_num 
_pdbx_poly_seq_scheme.pdb_seq_num 
_pdbx_poly_seq_scheme.auth_seq_num 
_pdbx_poly_seq_scheme.pdb_mon_id 
_pdbx_poly_seq_scheme.auth_mon_id 
_pdbx_poly_seq_scheme.pdb_strand_id 
_pdbx_poly_seq_scheme.pdb_ins_code 
_pdbx_poly_seq_scheme.hetero 
A 1 1   MET 1   1   ?   ?   ?   A . n 
A 1 2   THR 2   2   ?   ?   ?   A . n 
A 1 3   ASN 3   3   ?   ?   ?   A . n 
A 1 4   ALA 4   4   ?   ?   ?   A . n 
A 1 5   THR 5   5   ?   ?   ?   A . n 
A 1 6   ILE 6   6   ?   ?   ?   A . n 
A 1 7   ALA 7   7   ?   ?   ?   A . n 
A 1 8   PRO 8   8   ?   ?   ?   A . n 
A 1 9   THR 9   9   ?   ?   ?   A . n 
A 1 10  THR 10  10  ?   ?   ?   A . n 
A 1 11  THR 11  11  ?   ?   ?   A . n 
A 1 12  ALA 12  12  ?   ?   ?   A . n 
A 1 13  ALA 13  13  ?   ?   ?   A . n 
A 1 14  PRO 14  14  ?   ?   ?   A . n 
A 1 15  VAL 15  15  ?   ?   ?   A . n 
A 1 16  THR 16  16  ?   ?   ?   A . n 
A 1 17  LYS 17  17  ?   ?   ?   A . n 
A 1 18  SER 18  18  ?   ?   ?   A . n 
A 1 19  VAL 19  19  ?   ?   ?   A . n 
A 1 20  ASP 20  20  ?   ?   ?   A . n 
A 1 21  ALA 21  21  ?   ?   ?   A . n 
A 1 22  PRO 22  22  ?   ?   ?   A . n 
A 1 23  THR 23  23  ?   ?   ?   A . n 
A 1 24  ALA 24  24  ?   ?   ?   A . n 
A 1 25  ASP 25  25  ?   ?   ?   A . n 
A 1 26  GLU 26  26  26  GLU GLU A . n 
A 1 27  ASN 27  27  27  ASN ASN A . n 
A 1 28  THR 28  28  28  THR THR A . n 
A 1 29  PRO 29  29  29  PRO PRO A . n 
A 1 30  LEU 30  30  30  LEU LEU A . n 
A 1 31  PHE 31  31  31  PHE PHE A . n 
A 1 32  SER 32  32  32  SER SER A . n 
A 1 33  PRO 33  33  33  PRO PRO A . n 
A 1 34  SER 34  34  34  SER SER A . n 
A 1 35  LEU 35  35  35  LEU LEU A . n 
A 1 36  ILE 36  36  36  ILE ILE A . n 
A 1 37  SER 37  37  37  SER SER A . n 
A 1 38  PRO 38  38  38  PRO PRO A . n 
A 1 39  ASP 39  39  39  ASP ASP A . n 
A 1 40  VAL 40  40  40  VAL VAL A . n 
A 1 41  LEU 41  41  41  LEU LEU A . n 
A 1 42  ALA 42  42  42  ALA ALA A . n 
A 1 43  VAL 43  43  43  VAL VAL A . n 
A 1 44  LEU 44  44  44  LEU LEU A . n 
A 1 45  PRO 45  45  45  PRO PRO A . n 
A 1 46  ALA 46  46  46  ALA ALA A . n 
A 1 47  ASP 47  47  47  ASP ASP A . n 
A 1 48  TYR 48  48  48  TYR TYR A . n 
A 1 49  THR 49  49  49  THR THR A . n 
A 1 50  ILE 50  50  50  ILE ILE A . n 
A 1 51  ARG 51  51  51  ARG ARG A . n 
A 1 52  PRO 52  52  52  PRO PRO A . n 
A 1 53  LEU 53  53  53  LEU LEU A . n 
A 1 54  CYS 54  54  54  CYS CYS A . n 
A 1 55  ARG 55  55  55  ARG ARG A . n 
A 1 56  SER 56  56  56  SER SER A . n 
A 1 57  ASP 57  57  57  ASP ASP A . n 
A 1 58  TYR 58  58  58  TYR TYR A . n 
A 1 59  LYS 59  59  59  LYS LYS A . n 
A 1 60  ARG 60  60  60  ARG ARG A . n 
A 1 61  GLY 61  61  61  GLY GLY A . n 
A 1 62  TYR 62  62  62  TYR TYR A . n 
A 1 63  LEU 63  63  63  LEU LEU A . n 
A 1 64  ASP 64  64  64  ASP ASP A . n 
A 1 65  VAL 65  65  65  VAL VAL A . n 
A 1 66  LEU 66  66  66  LEU LEU A . n 
A 1 67  ARG 67  67  67  ARG ARG A . n 
A 1 68  VAL 68  68  68  VAL VAL A . n 
A 1 69  LEU 69  69  69  LEU LEU A . n 
A 1 70  THR 70  70  70  THR THR A . n 
A 1 71  THR 71  71  71  THR THR A . n 
A 1 72  VAL 72  72  72  VAL VAL A . n 
A 1 73  GLY 73  73  73  GLY GLY A . n 
A 1 74  ASP 74  74  74  ASP ASP A . n 
A 1 75  ILE 75  75  75  ILE ILE A . n 
A 1 76  ASN 76  76  76  ASN ASN A . n 
A 1 77  GLU 77  77  77  GLU GLU A . n 
A 1 78  GLU 78  78  78  GLU GLU A . n 
A 1 79  GLN 79  79  79  GLN GLN A . n 
A 1 80  TRP 80  80  80  TRP TRP A . n 
A 1 81  ASN 81  81  81  ASN ASN A . n 
A 1 82  SER 82  82  82  SER SER A . n 
A 1 83  ARG 83  83  83  ARG ARG A . n 
A 1 84  TYR 84  84  84  TYR TYR A . n 
A 1 85  GLU 85  85  85  GLU GLU A . n 
A 1 86  TRP 86  86  86  TRP TRP A . n 
A 1 87  ILE 87  87  87  ILE ILE A . n 
A 1 88  ARG 88  88  88  ARG ARG A . n 
A 1 89  ALA 89  89  89  ALA ALA A . n 
A 1 90  ARG 90  90  90  ARG ARG A . n 
A 1 91  SER 91  91  91  SER SER A . n 
A 1 92  ASP 92  92  92  ASP ASP A . n 
A 1 93  GLU 93  93  93  GLU GLU A . n 
A 1 94  TYR 94  94  94  TYR TYR A . n 
A 1 95  TYR 95  95  95  TYR TYR A . n 
A 1 96  LEU 96  96  96  LEU LEU A . n 
A 1 97  LEU 97  97  97  LEU LEU A . n 
A 1 98  VAL 98  98  98  VAL VAL A . n 
A 1 99  VAL 99  99  99  VAL VAL A . n 
A 1 100 CYS 100 100 100 CYS CYS A . n 
A 1 101 ASP 101 101 101 ASP ASP A . n 
A 1 102 GLY 102 102 102 GLY GLY A . n 
A 1 103 GLU 103 103 103 GLU GLU A . n 
A 1 104 GLY 104 104 104 GLY GLY A . n 
A 1 105 ARG 105 105 105 ARG ARG A . n 
A 1 106 ILE 106 106 106 ILE ILE A . n 
A 1 107 VAL 107 107 107 VAL VAL A . n 
A 1 108 GLY 108 108 108 GLY GLY A . n 
A 1 109 THR 109 109 109 THR THR A . n 
A 1 110 GLY 110 110 110 GLY GLY A . n 
A 1 111 SER 111 111 111 SER SER A . n 
A 1 112 LEU 112 112 112 LEU LEU A . n 
A 1 113 VAL 113 113 113 VAL VAL A . n 
A 1 114 VAL 114 114 114 VAL VAL A . n 
A 1 115 GLU 115 115 115 GLU GLU A . n 
A 1 116 ARG 116 116 116 ARG ARG A . n 
A 1 117 LYS 117 117 117 LYS LYS A . n 
A 1 118 PHE 118 118 118 PHE PHE A . n 
A 1 119 ILE 119 119 119 ILE ILE A . n 
A 1 120 HIS 120 120 120 HIS HIS A . n 
A 1 121 SER 121 121 121 SER SER A . n 
A 1 122 LEU 122 122 122 LEU LEU A . n 
A 1 123 GLY 123 123 123 GLY GLY A . n 
A 1 124 MET 124 124 124 MET MET A . n 
A 1 125 VAL 125 125 125 VAL VAL A . n 
A 1 126 GLY 126 126 126 GLY GLY A . n 
A 1 127 HIS 127 127 127 HIS HIS A . n 
A 1 128 ILE 128 128 128 ILE ILE A . n 
A 1 129 GLU 129 129 129 GLU GLU A . n 
A 1 130 ASP 130 130 130 ASP ASP A . n 
A 1 131 ILE 131 131 131 ILE ILE A . n 
A 1 132 ALA 132 132 132 ALA ALA A . n 
A 1 133 VAL 133 133 133 VAL VAL A . n 
A 1 134 GLU 134 134 134 GLU GLU A . n 
A 1 135 LYS 135 135 135 LYS LYS A . n 
A 1 136 GLY 136 136 136 GLY GLY A . n 
A 1 137 GLN 137 137 137 GLN GLN A . n 
A 1 138 GLN 138 138 138 GLN GLN A . n 
A 1 139 GLY 139 139 139 GLY GLY A . n 
A 1 140 LYS 140 140 140 LYS LYS A . n 
A 1 141 LYS 141 141 141 LYS LYS A . n 
A 1 142 LEU 142 142 142 LEU LEU A . n 
A 1 143 GLY 143 143 143 GLY GLY A . n 
A 1 144 LEU 144 144 144 LEU LEU A . n 
A 1 145 ARG 145 145 145 ARG ARG A . n 
A 1 146 ILE 146 146 146 ILE ILE A . n 
A 1 147 ILE 147 147 147 ILE ILE A . n 
A 1 148 GLN 148 148 148 GLN GLN A . n 
A 1 149 ALA 149 149 149 ALA ALA A . n 
A 1 150 LEU 150 150 150 LEU LEU A . n 
A 1 151 ASP 151 151 151 ASP ASP A . n 
A 1 152 TYR 152 152 152 TYR TYR A . n 
A 1 153 VAL 153 153 153 VAL VAL A . n 
A 1 154 ALA 154 154 154 ALA ALA A . n 
A 1 155 GLU 155 155 155 GLU GLU A . n 
A 1 156 LYS 156 156 156 LYS LYS A . n 
A 1 157 VAL 157 157 157 VAL VAL A . n 
A 1 158 GLY 158 158 158 GLY GLY A . n 
A 1 159 CYS 159 159 159 CYS CYS A . n 
A 1 160 TYR 160 160 160 TYR TYR A . n 
A 1 161 LYS 161 161 161 LYS LYS A . n 
A 1 162 THR 162 162 162 THR THR A . n 
A 1 163 ILE 163 163 163 ILE ILE A . n 
A 1 164 LEU 164 164 164 LEU LEU A . n 
A 1 165 ASP 165 165 165 ASP ASP A . n 
A 1 166 CYS 166 166 166 CYS CYS A . n 
A 1 167 SER 167 167 167 SER SER A . n 
A 1 168 GLU 168 168 168 GLU GLU A . n 
A 1 169 ALA 169 169 169 ALA ALA A . n 
A 1 170 ASN 170 170 170 ASN ASN A . n 
A 1 171 GLU 171 171 171 GLU GLU A . n 
A 1 172 GLY 172 172 172 GLY GLY A . n 
A 1 173 PHE 173 173 173 PHE PHE A . n 
A 1 174 TYR 174 174 174 TYR TYR A . n 
A 1 175 ILE 175 175 175 ILE ILE A . n 
A 1 176 LYS 176 176 176 LYS LYS A . n 
A 1 177 CYS 177 177 177 CYS CYS A . n 
A 1 178 GLY 178 178 178 GLY GLY A . n 
A 1 179 PHE 179 179 179 PHE PHE A . n 
A 1 180 LYS 180 180 180 LYS LYS A . n 
A 1 181 ARG 181 181 181 ARG ARG A . n 
A 1 182 ALA 182 182 182 ALA ALA A . n 
A 1 183 GLY 183 183 183 GLY GLY A . n 
A 1 184 LEU 184 184 184 LEU LEU A . n 
A 1 185 GLU 185 185 185 GLU GLU A . n 
A 1 186 MET 186 186 186 MET MET A . n 
A 1 187 ALA 187 187 187 ALA ALA A . n 
A 1 188 HIS 188 188 188 HIS HIS A . n 
A 1 189 TYR 189 189 189 TYR TYR A . n 
A 1 190 TYR 190 190 190 TYR TYR A . n 
# 
loop_
_pdbx_nonpoly_scheme.asym_id 
_pdbx_nonpoly_scheme.entity_id 
_pdbx_nonpoly_scheme.mon_id 
_pdbx_nonpoly_scheme.ndb_seq_num 
_pdbx_nonpoly_scheme.pdb_seq_num 
_pdbx_nonpoly_scheme.auth_seq_num 
_pdbx_nonpoly_scheme.pdb_mon_id 
_pdbx_nonpoly_scheme.auth_mon_id 
_pdbx_nonpoly_scheme.pdb_strand_id 
_pdbx_nonpoly_scheme.pdb_ins_code 
B 2 ACO 1  201 201 ACO ACO A . 
C 3 N3Q 1  202 1   N3Q DRG A . 
D 4 G6P 1  203 1   G6P G6P A . 
E 5 HOH 1  301 45  HOH HOH A . 
E 5 HOH 2  302 16  HOH HOH A . 
E 5 HOH 3  303 1   HOH HOH A . 
E 5 HOH 4  304 12  HOH HOH A . 
E 5 HOH 5  305 24  HOH HOH A . 
E 5 HOH 6  306 11  HOH HOH A . 
E 5 HOH 7  307 8   HOH HOH A . 
E 5 HOH 8  308 13  HOH HOH A . 
E 5 HOH 9  309 2   HOH HOH A . 
E 5 HOH 10 310 3   HOH HOH A . 
E 5 HOH 11 311 38  HOH HOH A . 
E 5 HOH 12 312 44  HOH HOH A . 
E 5 HOH 13 313 4   HOH HOH A . 
E 5 HOH 14 314 22  HOH HOH A . 
E 5 HOH 15 315 42  HOH HOH A . 
E 5 HOH 16 316 40  HOH HOH A . 
E 5 HOH 17 317 27  HOH HOH A . 
E 5 HOH 18 318 41  HOH HOH A . 
E 5 HOH 19 319 18  HOH HOH A . 
E 5 HOH 20 320 39  HOH HOH A . 
E 5 HOH 21 321 25  HOH HOH A . 
E 5 HOH 22 322 36  HOH HOH A . 
E 5 HOH 23 323 10  HOH HOH A . 
E 5 HOH 24 324 9   HOH HOH A . 
E 5 HOH 25 325 15  HOH HOH A . 
E 5 HOH 26 326 28  HOH HOH A . 
E 5 HOH 27 327 7   HOH HOH A . 
E 5 HOH 28 328 33  HOH HOH A . 
E 5 HOH 29 329 37  HOH HOH A . 
E 5 HOH 30 330 31  HOH HOH A . 
E 5 HOH 31 331 29  HOH HOH A . 
E 5 HOH 32 332 19  HOH HOH A . 
E 5 HOH 33 333 23  HOH HOH A . 
E 5 HOH 34 334 5   HOH HOH A . 
E 5 HOH 35 335 6   HOH HOH A . 
E 5 HOH 36 336 35  HOH HOH A . 
E 5 HOH 37 337 14  HOH HOH A . 
E 5 HOH 38 338 17  HOH HOH A . 
E 5 HOH 39 339 26  HOH HOH A . 
E 5 HOH 40 340 30  HOH HOH A . 
E 5 HOH 41 341 20  HOH HOH A . 
E 5 HOH 42 342 43  HOH HOH A . 
E 5 HOH 43 343 21  HOH HOH A . 
E 5 HOH 44 344 34  HOH HOH A . 
E 5 HOH 45 345 32  HOH HOH A . 
# 
loop_
_software.citation_id 
_software.classification 
_software.compiler_name 
_software.compiler_version 
_software.contact_author 
_software.contact_author_email 
_software.date 
_software.description 
_software.dependencies 
_software.hardware 
_software.language 
_software.location 
_software.mods 
_software.name 
_software.os 
_software.os_version 
_software.type 
_software.version 
_software.pdbx_ordinal 
? refinement        ? ? ? ? ? ? ? ? ? ? ? REFMAC      ? ? ? 5.8.0257 1 
? 'data scaling'    ? ? ? ? ? ? ? ? ? ? ? Aimless     ? ? ? .        2 
? 'data extraction' ? ? ? ? ? ? ? ? ? ? ? PDB_EXTRACT ? ? ? 3.25     3 
? 'data reduction'  ? ? ? ? ? ? ? ? ? ? ? XDS         ? ? ? .        4 
? phasing           ? ? ? ? ? ? ? ? ? ? ? MOLREP      ? ? ? .        5 
# 
_cell.angle_alpha                  90.000 
_cell.angle_alpha_esd              ? 
_cell.angle_beta                   90.000 
_cell.angle_beta_esd               ? 
_cell.angle_gamma                  90.000 
_cell.angle_gamma_esd              ? 
_cell.entry_id                     6TDF 
_cell.details                      ? 
_cell.formula_units_Z              ? 
_cell.length_a                     70.960 
_cell.length_a_esd                 ? 
_cell.length_b                     101.710 
_cell.length_b_esd                 ? 
_cell.length_c                     55.910 
_cell.length_c_esd                 ? 
_cell.volume                       ? 
_cell.volume_esd                   ? 
_cell.Z_PDB                        8 
_cell.reciprocal_angle_alpha       ? 
_cell.reciprocal_angle_beta        ? 
_cell.reciprocal_angle_gamma       ? 
_cell.reciprocal_angle_alpha_esd   ? 
_cell.reciprocal_angle_beta_esd    ? 
_cell.reciprocal_angle_gamma_esd   ? 
_cell.reciprocal_length_a          ? 
_cell.reciprocal_length_b          ? 
_cell.reciprocal_length_c          ? 
_cell.reciprocal_length_a_esd      ? 
_cell.reciprocal_length_b_esd      ? 
_cell.reciprocal_length_c_esd      ? 
_cell.pdbx_unique_axis             ? 
# 
_symmetry.entry_id                         6TDF 
_symmetry.cell_setting                     ? 
_symmetry.Int_Tables_number                20 
_symmetry.space_group_name_Hall            ? 
_symmetry.space_group_name_H-M             'C 2 2 21' 
_symmetry.pdbx_full_space_group_name_H-M   ? 
# 
_exptl.absorpt_coefficient_mu     ? 
_exptl.absorpt_correction_T_max   ? 
_exptl.absorpt_correction_T_min   ? 
_exptl.absorpt_correction_type    ? 
_exptl.absorpt_process_details    ? 
_exptl.entry_id                   6TDF 
_exptl.crystals_number            1 
_exptl.details                    ? 
_exptl.method                     'X-RAY DIFFRACTION' 
_exptl.method_details             ? 
# 
_exptl_crystal.colour                      ? 
_exptl_crystal.density_diffrn              ? 
_exptl_crystal.density_Matthews            2.70 
_exptl_crystal.density_method              ? 
_exptl_crystal.density_percent_sol         54.41 
_exptl_crystal.description                 ? 
_exptl_crystal.F_000                       ? 
_exptl_crystal.id                          1 
_exptl_crystal.preparation                 ? 
_exptl_crystal.size_max                    ? 
_exptl_crystal.size_mid                    ? 
_exptl_crystal.size_min                    ? 
_exptl_crystal.size_rad                    ? 
_exptl_crystal.colour_lustre               ? 
_exptl_crystal.colour_modifier             ? 
_exptl_crystal.colour_primary              ? 
_exptl_crystal.density_meas                ? 
_exptl_crystal.density_meas_esd            ? 
_exptl_crystal.density_meas_gt             ? 
_exptl_crystal.density_meas_lt             ? 
_exptl_crystal.density_meas_temp           ? 
_exptl_crystal.density_meas_temp_esd       ? 
_exptl_crystal.density_meas_temp_gt        ? 
_exptl_crystal.density_meas_temp_lt        ? 
_exptl_crystal.pdbx_crystal_image_url      ? 
_exptl_crystal.pdbx_crystal_image_format   ? 
_exptl_crystal.pdbx_mosaicity              ? 
_exptl_crystal.pdbx_mosaicity_esd          ? 
# 
_exptl_crystal_grow.apparatus       ? 
_exptl_crystal_grow.atmosphere      ? 
_exptl_crystal_grow.crystal_id      1 
_exptl_crystal_grow.details         ? 
_exptl_crystal_grow.method          'VAPOR DIFFUSION, SITTING DROP' 
_exptl_crystal_grow.method_ref      ? 
_exptl_crystal_grow.pH              ? 
_exptl_crystal_grow.pressure        ? 
_exptl_crystal_grow.pressure_esd    ? 
_exptl_crystal_grow.seeding         ? 
_exptl_crystal_grow.seeding_ref     ? 
_exptl_crystal_grow.temp            277 
_exptl_crystal_grow.temp_details    ? 
_exptl_crystal_grow.temp_esd        ? 
_exptl_crystal_grow.time            ? 
_exptl_crystal_grow.pdbx_details    
;1. 10% peg 1000, 10%peg 8000
2. 30% peg1500
;
_exptl_crystal_grow.pdbx_pH_range   ? 
# 
_diffrn.ambient_environment              ? 
_diffrn.ambient_temp                     277 
_diffrn.ambient_temp_details             ? 
_diffrn.ambient_temp_esd                 ? 
_diffrn.crystal_id                       1 
_diffrn.crystal_support                  ? 
_diffrn.crystal_treatment                ? 
_diffrn.details                          ? 
_diffrn.id                               1 
_diffrn.ambient_pressure                 ? 
_diffrn.ambient_pressure_esd             ? 
_diffrn.ambient_pressure_gt              ? 
_diffrn.ambient_pressure_lt              ? 
_diffrn.ambient_temp_gt                  ? 
_diffrn.ambient_temp_lt                  ? 
_diffrn.pdbx_serial_crystal_experiment   N 
# 
_diffrn_detector.details                      ? 
_diffrn_detector.detector                     PIXEL 
_diffrn_detector.diffrn_id                    1 
_diffrn_detector.type                         'DECTRIS PILATUS3 2M' 
_diffrn_detector.area_resol_mean              ? 
_diffrn_detector.dtime                        ? 
_diffrn_detector.pdbx_frames_total            ? 
_diffrn_detector.pdbx_collection_time_total   ? 
_diffrn_detector.pdbx_collection_date         2017-11-17 
_diffrn_detector.pdbx_frequency               ? 
# 
_diffrn_radiation.collimation                      ? 
_diffrn_radiation.diffrn_id                        1 
_diffrn_radiation.filter_edge                      ? 
_diffrn_radiation.inhomogeneity                    ? 
_diffrn_radiation.monochromator                    ? 
_diffrn_radiation.polarisn_norm                    ? 
_diffrn_radiation.polarisn_ratio                   ? 
_diffrn_radiation.probe                            ? 
_diffrn_radiation.type                             ? 
_diffrn_radiation.xray_symbol                      ? 
_diffrn_radiation.wavelength_id                    1 
_diffrn_radiation.pdbx_monochromatic_or_laue_m_l   M 
_diffrn_radiation.pdbx_wavelength_list             ? 
_diffrn_radiation.pdbx_wavelength                  ? 
_diffrn_radiation.pdbx_diffrn_protocol             'SINGLE WAVELENGTH' 
_diffrn_radiation.pdbx_analyzer                    ? 
_diffrn_radiation.pdbx_scattering_type             x-ray 
# 
_diffrn_radiation_wavelength.id           1 
_diffrn_radiation_wavelength.wavelength   0.966 
_diffrn_radiation_wavelength.wt           1.0 
# 
_diffrn_source.current                     ? 
_diffrn_source.details                     ? 
_diffrn_source.diffrn_id                   1 
_diffrn_source.power                       ? 
_diffrn_source.size                        ? 
_diffrn_source.source                      SYNCHROTRON 
_diffrn_source.target                      ? 
_diffrn_source.type                        'ESRF BEAMLINE ID30B' 
_diffrn_source.voltage                     ? 
_diffrn_source.take-off_angle              ? 
_diffrn_source.pdbx_wavelength_list        0.966 
_diffrn_source.pdbx_wavelength             ? 
_diffrn_source.pdbx_synchrotron_beamline   ID30B 
_diffrn_source.pdbx_synchrotron_site       ESRF 
# 
_reflns.B_iso_Wilson_estimate            ? 
_reflns.entry_id                         6TDF 
_reflns.data_reduction_details           ? 
_reflns.data_reduction_method            ? 
_reflns.d_resolution_high                2.0 
_reflns.d_resolution_low                 58.2 
_reflns.details                          ? 
_reflns.limit_h_max                      ? 
_reflns.limit_h_min                      ? 
_reflns.limit_k_max                      ? 
_reflns.limit_k_min                      ? 
_reflns.limit_l_max                      ? 
_reflns.limit_l_min                      ? 
_reflns.number_all                       ? 
_reflns.number_obs                       13064 
_reflns.observed_criterion               ? 
_reflns.observed_criterion_F_max         ? 
_reflns.observed_criterion_F_min         ? 
_reflns.observed_criterion_I_max         ? 
_reflns.observed_criterion_I_min         ? 
_reflns.observed_criterion_sigma_F       ? 
_reflns.observed_criterion_sigma_I       ? 
_reflns.percent_possible_obs             94.6 
_reflns.R_free_details                   ? 
_reflns.Rmerge_F_all                     ? 
_reflns.Rmerge_F_obs                     ? 
_reflns.Friedel_coverage                 ? 
_reflns.number_gt                        ? 
_reflns.threshold_expression             ? 
_reflns.pdbx_redundancy                  4.0 
_reflns.pdbx_Rmerge_I_obs                ? 
_reflns.pdbx_Rmerge_I_all                ? 
_reflns.pdbx_Rsym_value                  0.049 
_reflns.pdbx_netI_over_av_sigmaI         ? 
_reflns.pdbx_netI_over_sigmaI            14.5 
_reflns.pdbx_res_netI_over_av_sigmaI_2   ? 
_reflns.pdbx_res_netI_over_sigmaI_2      ? 
_reflns.pdbx_chi_squared                 ? 
_reflns.pdbx_scaling_rejects             ? 
_reflns.pdbx_d_res_high_opt              ? 
_reflns.pdbx_d_res_low_opt               ? 
_reflns.pdbx_d_res_opt_method            ? 
_reflns.phase_calculation_details        ? 
_reflns.pdbx_Rrim_I_all                  ? 
_reflns.pdbx_Rpim_I_all                  ? 
_reflns.pdbx_d_opt                       ? 
_reflns.pdbx_number_measured_all         ? 
_reflns.pdbx_diffrn_id                   1 
_reflns.pdbx_ordinal                     1 
_reflns.pdbx_CC_half                     1.0 
_reflns.pdbx_CC_star                     ? 
_reflns.pdbx_R_split                     ? 
# 
_reflns_shell.d_res_high                  2.0 
_reflns_shell.d_res_low                   2.08 
_reflns_shell.meanI_over_sigI_all         ? 
_reflns_shell.meanI_over_sigI_obs         2.4 
_reflns_shell.number_measured_all         ? 
_reflns_shell.number_measured_obs         ? 
_reflns_shell.number_possible             ? 
_reflns_shell.number_unique_all           ? 
_reflns_shell.number_unique_obs           13064 
_reflns_shell.percent_possible_all        ? 
_reflns_shell.percent_possible_obs        ? 
_reflns_shell.Rmerge_F_all                ? 
_reflns_shell.Rmerge_F_obs                ? 
_reflns_shell.Rmerge_I_all                ? 
_reflns_shell.Rmerge_I_obs                ? 
_reflns_shell.meanI_over_sigI_gt          ? 
_reflns_shell.meanI_over_uI_all           ? 
_reflns_shell.meanI_over_uI_gt            ? 
_reflns_shell.number_measured_gt          ? 
_reflns_shell.number_unique_gt            ? 
_reflns_shell.percent_possible_gt         ? 
_reflns_shell.Rmerge_F_gt                 ? 
_reflns_shell.Rmerge_I_gt                 ? 
_reflns_shell.pdbx_redundancy             4.2 
_reflns_shell.pdbx_Rsym_value             0.578 
_reflns_shell.pdbx_chi_squared            ? 
_reflns_shell.pdbx_netI_over_sigmaI_all   ? 
_reflns_shell.pdbx_netI_over_sigmaI_obs   ? 
_reflns_shell.pdbx_Rrim_I_all             ? 
_reflns_shell.pdbx_Rpim_I_all             ? 
_reflns_shell.pdbx_rejects                ? 
_reflns_shell.pdbx_ordinal                1 
_reflns_shell.pdbx_diffrn_id              1 
_reflns_shell.pdbx_CC_half                1.0 
_reflns_shell.pdbx_CC_star                ? 
_reflns_shell.pdbx_R_split                ? 
# 
_refine.aniso_B[1][1]                            4.6100 
_refine.aniso_B[1][2]                            0.0000 
_refine.aniso_B[1][3]                            0.0000 
_refine.aniso_B[2][2]                            -2.5300 
_refine.aniso_B[2][3]                            0.0000 
_refine.aniso_B[3][3]                            -2.0800 
_refine.B_iso_max                                90.660 
_refine.B_iso_mean                               43.1140 
_refine.B_iso_min                                29.030 
_refine.correlation_coeff_Fo_to_Fc               0.9610 
_refine.correlation_coeff_Fo_to_Fc_free          0.9450 
_refine.details                                  
'HYDROGENS HAVE BEEN ADDED IN THE RIDING POSITIONS U VALUES      : REFINED INDIVIDUALLY' 
_refine.diff_density_max                         ? 
_refine.diff_density_max_esd                     ? 
_refine.diff_density_min                         ? 
_refine.diff_density_min_esd                     ? 
_refine.diff_density_rms                         ? 
_refine.diff_density_rms_esd                     ? 
_refine.entry_id                                 6TDF 
_refine.pdbx_refine_id                           'X-RAY DIFFRACTION' 
_refine.ls_abs_structure_details                 ? 
_refine.ls_abs_structure_Flack                   ? 
_refine.ls_abs_structure_Flack_esd               ? 
_refine.ls_abs_structure_Rogers                  ? 
_refine.ls_abs_structure_Rogers_esd              ? 
_refine.ls_d_res_high                            2.0100 
_refine.ls_d_res_low                             58.2000 
_refine.ls_extinction_coef                       ? 
_refine.ls_extinction_coef_esd                   ? 
_refine.ls_extinction_expression                 ? 
_refine.ls_extinction_method                     ? 
_refine.ls_goodness_of_fit_all                   ? 
_refine.ls_goodness_of_fit_all_esd               ? 
_refine.ls_goodness_of_fit_obs                   ? 
_refine.ls_goodness_of_fit_obs_esd               ? 
_refine.ls_hydrogen_treatment                    ? 
_refine.ls_matrix_type                           ? 
_refine.ls_number_constraints                    ? 
_refine.ls_number_parameters                     ? 
_refine.ls_number_reflns_all                     ? 
_refine.ls_number_reflns_obs                     12493 
_refine.ls_number_reflns_R_free                  652 
_refine.ls_number_reflns_R_work                  ? 
_refine.ls_number_restraints                     ? 
_refine.ls_percent_reflns_obs                    94.5300 
_refine.ls_percent_reflns_R_free                 5.0000 
_refine.ls_R_factor_all                          ? 
_refine.ls_R_factor_obs                          0.2133 
_refine.ls_R_factor_R_free                       0.2642 
_refine.ls_R_factor_R_free_error                 ? 
_refine.ls_R_factor_R_free_error_details         ? 
_refine.ls_R_factor_R_work                       0.2107 
_refine.ls_R_Fsqd_factor_obs                     ? 
_refine.ls_R_I_factor_obs                        ? 
_refine.ls_redundancy_reflns_all                 ? 
_refine.ls_redundancy_reflns_obs                 ? 
_refine.ls_restrained_S_all                      ? 
_refine.ls_restrained_S_obs                      ? 
_refine.ls_shift_over_esd_max                    ? 
_refine.ls_shift_over_esd_mean                   ? 
_refine.ls_structure_factor_coef                 ? 
_refine.ls_weighting_details                     ? 
_refine.ls_weighting_scheme                      ? 
_refine.ls_wR_factor_all                         ? 
_refine.ls_wR_factor_obs                         ? 
_refine.ls_wR_factor_R_free                      ? 
_refine.ls_wR_factor_R_work                      ? 
_refine.occupancy_max                            ? 
_refine.occupancy_min                            ? 
_refine.solvent_model_details                    MASK 
_refine.solvent_model_param_bsol                 ? 
_refine.solvent_model_param_ksol                 ? 
_refine.pdbx_R_complete                          ? 
_refine.ls_R_factor_gt                           ? 
_refine.ls_goodness_of_fit_gt                    ? 
_refine.ls_goodness_of_fit_ref                   ? 
_refine.ls_shift_over_su_max                     ? 
_refine.ls_shift_over_su_max_lt                  ? 
_refine.ls_shift_over_su_mean                    ? 
_refine.ls_shift_over_su_mean_lt                 ? 
_refine.pdbx_ls_sigma_I                          ? 
_refine.pdbx_ls_sigma_F                          0.000 
_refine.pdbx_ls_sigma_Fsqd                       ? 
_refine.pdbx_data_cutoff_high_absF               ? 
_refine.pdbx_data_cutoff_high_rms_absF           ? 
_refine.pdbx_data_cutoff_low_absF                ? 
_refine.pdbx_isotropic_thermal_model             ? 
_refine.pdbx_ls_cross_valid_method               THROUGHOUT 
_refine.pdbx_method_to_determine_struct          'MOLECULAR REPLACEMENT' 
_refine.pdbx_starting_model                      2vez 
_refine.pdbx_stereochemistry_target_values       'MAXIMUM LIKELIHOOD' 
_refine.pdbx_R_Free_selection_details            RANDOM 
_refine.pdbx_stereochem_target_val_spec_case     ? 
_refine.pdbx_overall_ESU_R                       0.2030 
_refine.pdbx_overall_ESU_R_Free                  0.1870 
_refine.pdbx_solvent_vdw_probe_radii             1.2000 
_refine.pdbx_solvent_ion_probe_radii             0.8000 
_refine.pdbx_solvent_shrinkage_radii             0.8000 
_refine.pdbx_real_space_R                        ? 
_refine.pdbx_density_correlation                 ? 
_refine.pdbx_pd_number_of_powder_patterns        ? 
_refine.pdbx_pd_number_of_points                 ? 
_refine.pdbx_pd_meas_number_of_points            ? 
_refine.pdbx_pd_proc_ls_prof_R_factor            ? 
_refine.pdbx_pd_proc_ls_prof_wR_factor           ? 
_refine.pdbx_pd_Marquardt_correlation_coeff      ? 
_refine.pdbx_pd_Fsqrd_R_factor                   ? 
_refine.pdbx_pd_ls_matrix_band_width             ? 
_refine.pdbx_overall_phase_error                 ? 
_refine.pdbx_overall_SU_R_free_Cruickshank_DPI   ? 
_refine.pdbx_overall_SU_R_free_Blow_DPI          ? 
_refine.pdbx_overall_SU_R_Blow_DPI               ? 
_refine.pdbx_TLS_residual_ADP_flag               ? 
_refine.pdbx_diffrn_id                           1 
_refine.overall_SU_B                             7.0490 
_refine.overall_SU_ML                            0.1790 
_refine.overall_SU_R_Cruickshank_DPI             ? 
_refine.overall_SU_R_free                        ? 
_refine.overall_FOM_free_R_set                   ? 
_refine.overall_FOM_work_R_set                   ? 
_refine.pdbx_average_fsc_overall                 ? 
_refine.pdbx_average_fsc_work                    ? 
_refine.pdbx_average_fsc_free                    ? 
# 
_refine_hist.pdbx_refine_id                   'X-RAY DIFFRACTION' 
_refine_hist.cycle_id                         final 
_refine_hist.details                          ? 
_refine_hist.d_res_high                       2.0100 
_refine_hist.d_res_low                        58.2000 
_refine_hist.number_atoms_solvent             45 
_refine_hist.number_atoms_total               1446 
_refine_hist.number_reflns_all                ? 
_refine_hist.number_reflns_obs                ? 
_refine_hist.number_reflns_R_free             ? 
_refine_hist.number_reflns_R_work             ? 
_refine_hist.R_factor_all                     ? 
_refine_hist.R_factor_obs                     ? 
_refine_hist.R_factor_R_free                  ? 
_refine_hist.R_factor_R_work                  ? 
_refine_hist.pdbx_number_residues_total       165 
_refine_hist.pdbx_B_iso_mean_ligand           48.25 
_refine_hist.pdbx_B_iso_mean_solvent          54.03 
_refine_hist.pdbx_number_atoms_protein        1314 
_refine_hist.pdbx_number_atoms_nucleic_acid   0 
_refine_hist.pdbx_number_atoms_ligand         87 
_refine_hist.pdbx_number_atoms_lipid          ? 
_refine_hist.pdbx_number_atoms_carb           ? 
_refine_hist.pdbx_pseudo_atom_details         ? 
# 
loop_
_refine_ls_restr.pdbx_refine_id 
_refine_ls_restr.criterion 
_refine_ls_restr.dev_ideal 
_refine_ls_restr.dev_ideal_target 
_refine_ls_restr.number 
_refine_ls_restr.rejects 
_refine_ls_restr.type 
_refine_ls_restr.weight 
_refine_ls_restr.pdbx_restraint_function 
'X-RAY DIFFRACTION' ? 0.009  0.013  1430 ? r_bond_refined_d       ? ? 
'X-RAY DIFFRACTION' ? 0.003  0.017  1314 ? r_bond_other_d         ? ? 
'X-RAY DIFFRACTION' ? 1.809  1.732  1943 ? r_angle_refined_deg    ? ? 
'X-RAY DIFFRACTION' ? 1.329  1.639  3038 ? r_angle_other_deg      ? ? 
'X-RAY DIFFRACTION' ? 6.985  5.000  164  ? r_dihedral_angle_1_deg ? ? 
'X-RAY DIFFRACTION' ? 27.941 21.233 73   ? r_dihedral_angle_2_deg ? ? 
'X-RAY DIFFRACTION' ? 15.058 15.000 235  ? r_dihedral_angle_3_deg ? ? 
'X-RAY DIFFRACTION' ? 11.041 15.000 11   ? r_dihedral_angle_4_deg ? ? 
'X-RAY DIFFRACTION' ? 0.079  0.200  179  ? r_chiral_restr         ? ? 
'X-RAY DIFFRACTION' ? 0.006  0.020  1556 ? r_gen_planes_refined   ? ? 
'X-RAY DIFFRACTION' ? 0.001  0.020  310  ? r_gen_planes_other     ? ? 
# 
_refine_ls_shell.pdbx_refine_id                   'X-RAY DIFFRACTION' 
_refine_ls_shell.d_res_high                       2.01 
_refine_ls_shell.d_res_low                        2.08 
_refine_ls_shell.number_reflns_all                ? 
_refine_ls_shell.number_reflns_obs                ? 
_refine_ls_shell.number_reflns_R_free             64 
_refine_ls_shell.number_reflns_R_work             861 
_refine_ls_shell.percent_reflns_obs               93.4300 
_refine_ls_shell.percent_reflns_R_free            ? 
_refine_ls_shell.R_factor_all                     ? 
_refine_ls_shell.R_factor_obs                     ? 
_refine_ls_shell.R_factor_R_free                  0.4220 
_refine_ls_shell.R_factor_R_free_error            0.0000 
_refine_ls_shell.R_factor_R_work                  0.3590 
_refine_ls_shell.redundancy_reflns_all            ? 
_refine_ls_shell.redundancy_reflns_obs            ? 
_refine_ls_shell.wR_factor_all                    ? 
_refine_ls_shell.wR_factor_obs                    ? 
_refine_ls_shell.wR_factor_R_free                 ? 
_refine_ls_shell.wR_factor_R_work                 ? 
_refine_ls_shell.pdbx_R_complete                  ? 
_refine_ls_shell.pdbx_total_number_of_bins_used   ? 
_refine_ls_shell.pdbx_phase_error                 ? 
_refine_ls_shell.pdbx_fsc_work                    ? 
_refine_ls_shell.pdbx_fsc_free                    ? 
# 
_struct.entry_id                     6TDF 
_struct.title                        
'Crystal structure of Aspergillus fumigatus Glucosamine-6-phosphate N-acetyltransferase 1 in complex with compound 3' 
_struct.pdbx_model_details           ? 
_struct.pdbx_formula_weight          ? 
_struct.pdbx_formula_weight_method   ? 
_struct.pdbx_model_type_details      ? 
_struct.pdbx_CASP_flag               N 
# 
_struct_keywords.entry_id        6TDF 
_struct_keywords.text            'fragment screening, anti fungal, Aspergillus fumigatus, inhibitor, TRANSFERASE' 
_struct_keywords.pdbx_keywords   TRANSFERASE 
# 
loop_
_struct_asym.id 
_struct_asym.pdbx_blank_PDB_chainid_flag 
_struct_asym.pdbx_modified 
_struct_asym.entity_id 
_struct_asym.details 
A N N 1 ? 
B N N 2 ? 
C N N 3 ? 
D N N 4 ? 
E N N 5 ? 
# 
_struct_ref.id                         1 
_struct_ref.db_name                    UNP 
_struct_ref.db_code                    Q4WCU5_ASPFU 
_struct_ref.pdbx_db_accession          Q4WCU5 
_struct_ref.pdbx_db_isoform            ? 
_struct_ref.entity_id                  1 
_struct_ref.pdbx_seq_one_letter_code   
;MTNATIAPTTTAAPVTKSVDAPTADENTPLFSPSLISPDVLAVLPADYTIRPLCRSDYKRGYLDVLRVLTTVGDINEEQW
NSRYEWIRARSDEYYLLVVCDGEGRIVGTGSLVVERKFIHSLGMVGHIEDIAVEKGQQGKKLGLRIIQALDYVAEKVGCY
KTILDCSEANEGFYIKCGFKRAGLEMAHYY
;
_struct_ref.pdbx_align_begin           1 
# 
_struct_ref_seq.align_id                      1 
_struct_ref_seq.ref_id                        1 
_struct_ref_seq.pdbx_PDB_id_code              6TDF 
_struct_ref_seq.pdbx_strand_id                A 
_struct_ref_seq.seq_align_beg                 1 
_struct_ref_seq.pdbx_seq_align_beg_ins_code   ? 
_struct_ref_seq.seq_align_end                 190 
_struct_ref_seq.pdbx_seq_align_end_ins_code   ? 
_struct_ref_seq.pdbx_db_accession             Q4WCU5 
_struct_ref_seq.db_align_beg                  1 
_struct_ref_seq.pdbx_db_align_beg_ins_code    ? 
_struct_ref_seq.db_align_end                  190 
_struct_ref_seq.pdbx_db_align_end_ins_code    ? 
_struct_ref_seq.pdbx_auth_seq_align_beg       1 
_struct_ref_seq.pdbx_auth_seq_align_end       190 
# 
_pdbx_struct_assembly.id                   1 
_pdbx_struct_assembly.details              author_and_software_defined_assembly 
_pdbx_struct_assembly.method_details       PISA 
_pdbx_struct_assembly.oligomeric_details   dimeric 
_pdbx_struct_assembly.oligomeric_count     2 
# 
loop_
_pdbx_struct_assembly_prop.biol_id 
_pdbx_struct_assembly_prop.type 
_pdbx_struct_assembly_prop.value 
_pdbx_struct_assembly_prop.details 
1 'ABSA (A^2)' 9610  ? 
1 MORE         -36   ? 
1 'SSA (A^2)'  13400 ? 
# 
_pdbx_struct_assembly_gen.assembly_id       1 
_pdbx_struct_assembly_gen.oper_expression   1,2 
_pdbx_struct_assembly_gen.asym_id_list      A,B,C,D,E 
# 
_pdbx_struct_assembly_auth_evidence.id                     1 
_pdbx_struct_assembly_auth_evidence.assembly_id            1 
_pdbx_struct_assembly_auth_evidence.experimental_support   'gel filtration' 
_pdbx_struct_assembly_auth_evidence.details                ? 
# 
loop_
_pdbx_struct_oper_list.id 
_pdbx_struct_oper_list.type 
_pdbx_struct_oper_list.name 
_pdbx_struct_oper_list.symmetry_operation 
_pdbx_struct_oper_list.matrix[1][1] 
_pdbx_struct_oper_list.matrix[1][2] 
_pdbx_struct_oper_list.matrix[1][3] 
_pdbx_struct_oper_list.vector[1] 
_pdbx_struct_oper_list.matrix[2][1] 
_pdbx_struct_oper_list.matrix[2][2] 
_pdbx_struct_oper_list.matrix[2][3] 
_pdbx_struct_oper_list.vector[2] 
_pdbx_struct_oper_list.matrix[3][1] 
_pdbx_struct_oper_list.matrix[3][2] 
_pdbx_struct_oper_list.matrix[3][3] 
_pdbx_struct_oper_list.vector[3] 
1 'identity operation'         1_555 x,y,z       1.0000000000  0.0000000000  0.0000000000 0.0000000000  0.0000000000  1.0000000000 0.0000000000  0.0000000000  0.0000000000 0.0000000000  1.0000000000  0.0000000000   
2 'crystal symmetry operation' 3_555 -x,y,-z+1/2 -0.9616251916 -0.2660464606 0.0670542450 -8.9898896932 -0.2660464606 0.8444579157 -0.4648764454 -7.2320702157 0.0670542450 -0.4648764454 -0.8828327241 -23.5493127938 
# 
loop_
_struct_conf.conf_type_id 
_struct_conf.id 
_struct_conf.pdbx_PDB_helix_id 
_struct_conf.beg_label_comp_id 
_struct_conf.beg_label_asym_id 
_struct_conf.beg_label_seq_id 
_struct_conf.pdbx_beg_PDB_ins_code 
_struct_conf.end_label_comp_id 
_struct_conf.end_label_asym_id 
_struct_conf.end_label_seq_id 
_struct_conf.pdbx_end_PDB_ins_code 
_struct_conf.beg_auth_comp_id 
_struct_conf.beg_auth_asym_id 
_struct_conf.beg_auth_seq_id 
_struct_conf.end_auth_comp_id 
_struct_conf.end_auth_asym_id 
_struct_conf.end_auth_seq_id 
_struct_conf.pdbx_PDB_helix_class 
_struct_conf.details 
_struct_conf.pdbx_PDB_helix_length 
HELX_P HELX_P1 AA1 SER A 32  ? ILE A 36  ? SER A 32  ILE A 36  5 ? 5  
HELX_P HELX_P2 AA2 SER A 37  ? LEU A 44  ? SER A 37  LEU A 44  1 ? 8  
HELX_P HELX_P3 AA3 CYS A 54  ? ARG A 60  ? CYS A 54  ARG A 60  5 ? 7  
HELX_P HELX_P4 AA4 GLY A 61  ? ARG A 67  ? GLY A 61  ARG A 67  1 ? 7  
HELX_P HELX_P5 AA5 ASN A 76  ? ALA A 89  ? ASN A 76  ALA A 89  1 ? 14 
HELX_P HELX_P6 AA6 PHE A 118 ? GLY A 123 ? PHE A 118 GLY A 123 1 ? 6  
HELX_P HELX_P7 AA7 LYS A 135 ? GLN A 138 ? LYS A 135 GLN A 138 5 ? 4  
HELX_P HELX_P8 AA8 LYS A 141 ? VAL A 157 ? LYS A 141 VAL A 157 1 ? 17 
HELX_P HELX_P9 AA9 ASN A 170 ? CYS A 177 ? ASN A 170 CYS A 177 1 ? 8  
# 
_struct_conf_type.id          HELX_P 
_struct_conf_type.criteria    ? 
_struct_conf_type.reference   ? 
# 
_struct_sheet.id               AA1 
_struct_sheet.type             ? 
_struct_sheet.number_strands   5 
_struct_sheet.details          ? 
# 
loop_
_struct_sheet_order.sheet_id 
_struct_sheet_order.range_id_1 
_struct_sheet_order.range_id_2 
_struct_sheet_order.offset 
_struct_sheet_order.sense 
AA1 1 2 ? anti-parallel 
AA1 2 3 ? anti-parallel 
AA1 3 4 ? anti-parallel 
AA1 4 5 ? parallel      
# 
loop_
_struct_sheet_range.sheet_id 
_struct_sheet_range.id 
_struct_sheet_range.beg_label_comp_id 
_struct_sheet_range.beg_label_asym_id 
_struct_sheet_range.beg_label_seq_id 
_struct_sheet_range.pdbx_beg_PDB_ins_code 
_struct_sheet_range.end_label_comp_id 
_struct_sheet_range.end_label_asym_id 
_struct_sheet_range.end_label_seq_id 
_struct_sheet_range.pdbx_end_PDB_ins_code 
_struct_sheet_range.beg_auth_comp_id 
_struct_sheet_range.beg_auth_asym_id 
_struct_sheet_range.beg_auth_seq_id 
_struct_sheet_range.end_auth_comp_id 
_struct_sheet_range.end_auth_asym_id 
_struct_sheet_range.end_auth_seq_id 
AA1 1 THR A 49  ? PRO A 52  ? THR A 49  PRO A 52  
AA1 2 TYR A 94  ? CYS A 100 ? TYR A 94  CYS A 100 
AA1 3 ILE A 106 ? ARG A 116 ? ILE A 106 ARG A 116 
AA1 4 MET A 124 ? VAL A 133 ? MET A 124 VAL A 133 
AA1 5 LYS A 161 ? ILE A 163 ? LYS A 161 ILE A 163 
# 
loop_
_pdbx_struct_sheet_hbond.sheet_id 
_pdbx_struct_sheet_hbond.range_id_1 
_pdbx_struct_sheet_hbond.range_id_2 
_pdbx_struct_sheet_hbond.range_1_label_atom_id 
_pdbx_struct_sheet_hbond.range_1_label_comp_id 
_pdbx_struct_sheet_hbond.range_1_label_asym_id 
_pdbx_struct_sheet_hbond.range_1_label_seq_id 
_pdbx_struct_sheet_hbond.range_1_PDB_ins_code 
_pdbx_struct_sheet_hbond.range_1_auth_atom_id 
_pdbx_struct_sheet_hbond.range_1_auth_comp_id 
_pdbx_struct_sheet_hbond.range_1_auth_asym_id 
_pdbx_struct_sheet_hbond.range_1_auth_seq_id 
_pdbx_struct_sheet_hbond.range_2_label_atom_id 
_pdbx_struct_sheet_hbond.range_2_label_comp_id 
_pdbx_struct_sheet_hbond.range_2_label_asym_id 
_pdbx_struct_sheet_hbond.range_2_label_seq_id 
_pdbx_struct_sheet_hbond.range_2_PDB_ins_code 
_pdbx_struct_sheet_hbond.range_2_auth_atom_id 
_pdbx_struct_sheet_hbond.range_2_auth_comp_id 
_pdbx_struct_sheet_hbond.range_2_auth_asym_id 
_pdbx_struct_sheet_hbond.range_2_auth_seq_id 
AA1 1 2 N ARG A 51  ? N ARG A 51  O VAL A 98  ? O VAL A 98  
AA1 2 3 N TYR A 95  ? N TYR A 95  O LEU A 112 ? O LEU A 112 
AA1 3 4 N GLU A 115 ? N GLU A 115 O VAL A 125 ? O VAL A 125 
AA1 4 5 N GLY A 126 ? N GLY A 126 O ILE A 163 ? O ILE A 163 
# 
loop_
_pdbx_validate_torsion.id 
_pdbx_validate_torsion.PDB_model_num 
_pdbx_validate_torsion.auth_comp_id 
_pdbx_validate_torsion.auth_asym_id 
_pdbx_validate_torsion.auth_seq_id 
_pdbx_validate_torsion.PDB_ins_code 
_pdbx_validate_torsion.label_alt_id 
_pdbx_validate_torsion.phi 
_pdbx_validate_torsion.psi 
1 1 PRO A 33 ? ? -49.78  -15.77  
2 1 ASP A 47 ? ? 76.20   -2.42   
3 1 THR A 70 ? ? -176.98 -179.65 
4 1 ALA A 89 ? ? -57.92  -7.20   
# 
loop_
_pdbx_struct_special_symmetry.id 
_pdbx_struct_special_symmetry.PDB_model_num 
_pdbx_struct_special_symmetry.auth_asym_id 
_pdbx_struct_special_symmetry.auth_comp_id 
_pdbx_struct_special_symmetry.auth_seq_id 
_pdbx_struct_special_symmetry.PDB_ins_code 
_pdbx_struct_special_symmetry.label_asym_id 
_pdbx_struct_special_symmetry.label_comp_id 
_pdbx_struct_special_symmetry.label_seq_id 
1 1 A N3Q 202 ? C N3Q . 
2 1 A N3Q 202 ? C N3Q . 
3 1 A N3Q 202 ? C N3Q . 
4 1 A N3Q 202 ? C N3Q . 
# 
_pdbx_entry_details.entry_id                 6TDF 
_pdbx_entry_details.has_ligand_of_interest   Y 
_pdbx_entry_details.compound_details         ? 
_pdbx_entry_details.source_details           ? 
_pdbx_entry_details.nonpolymer_details       ? 
_pdbx_entry_details.sequence_details         ? 
# 
loop_
_pdbx_unobs_or_zero_occ_residues.id 
_pdbx_unobs_or_zero_occ_residues.PDB_model_num 
_pdbx_unobs_or_zero_occ_residues.polymer_flag 
_pdbx_unobs_or_zero_occ_residues.occupancy_flag 
_pdbx_unobs_or_zero_occ_residues.auth_asym_id 
_pdbx_unobs_or_zero_occ_residues.auth_comp_id 
_pdbx_unobs_or_zero_occ_residues.auth_seq_id 
_pdbx_unobs_or_zero_occ_residues.PDB_ins_code 
_pdbx_unobs_or_zero_occ_residues.label_asym_id 
_pdbx_unobs_or_zero_occ_residues.label_comp_id 
_pdbx_unobs_or_zero_occ_residues.label_seq_id 
1  1 Y 1 A MET 1  ? A MET 1  
2  1 Y 1 A THR 2  ? A THR 2  
3  1 Y 1 A ASN 3  ? A ASN 3  
4  1 Y 1 A ALA 4  ? A ALA 4  
5  1 Y 1 A THR 5  ? A THR 5  
6  1 Y 1 A ILE 6  ? A ILE 6  
7  1 Y 1 A ALA 7  ? A ALA 7  
8  1 Y 1 A PRO 8  ? A PRO 8  
9  1 Y 1 A THR 9  ? A THR 9  
10 1 Y 1 A THR 10 ? A THR 10 
11 1 Y 1 A THR 11 ? A THR 11 
12 1 Y 1 A ALA 12 ? A ALA 12 
13 1 Y 1 A ALA 13 ? A ALA 13 
14 1 Y 1 A PRO 14 ? A PRO 14 
15 1 Y 1 A VAL 15 ? A VAL 15 
16 1 Y 1 A THR 16 ? A THR 16 
17 1 Y 1 A LYS 17 ? A LYS 17 
18 1 Y 1 A SER 18 ? A SER 18 
19 1 Y 1 A VAL 19 ? A VAL 19 
20 1 Y 1 A ASP 20 ? A ASP 20 
21 1 Y 1 A ALA 21 ? A ALA 21 
22 1 Y 1 A PRO 22 ? A PRO 22 
23 1 Y 1 A THR 23 ? A THR 23 
24 1 Y 1 A ALA 24 ? A ALA 24 
25 1 Y 1 A ASP 25 ? A ASP 25 
# 
loop_
_chem_comp_atom.comp_id 
_chem_comp_atom.atom_id 
_chem_comp_atom.type_symbol 
_chem_comp_atom.pdbx_aromatic_flag 
_chem_comp_atom.pdbx_stereo_config 
_chem_comp_atom.pdbx_ordinal 
ACO N1A  N  Y N 1   
ACO C2A  C  Y N 2   
ACO N3A  N  Y N 3   
ACO C4A  C  Y N 4   
ACO C5A  C  Y N 5   
ACO C6A  C  Y N 6   
ACO N6A  N  N N 7   
ACO N7A  N  Y N 8   
ACO C8A  C  Y N 9   
ACO N9A  N  Y N 10  
ACO C1B  C  N R 11  
ACO C2B  C  N R 12  
ACO O2B  O  N N 13  
ACO C3B  C  N S 14  
ACO O3B  O  N N 15  
ACO P3B  P  N N 16  
ACO O7A  O  N N 17  
ACO O8A  O  N N 18  
ACO O9A  O  N N 19  
ACO C4B  C  N R 20  
ACO O4B  O  N N 21  
ACO C5B  C  N N 22  
ACO O5B  O  N N 23  
ACO P1A  P  N S 24  
ACO O1A  O  N N 25  
ACO O2A  O  N N 26  
ACO O3A  O  N N 27  
ACO P2A  P  N S 28  
ACO O4A  O  N N 29  
ACO O5A  O  N N 30  
ACO O6A  O  N N 31  
ACO CBP  C  N N 32  
ACO CCP  C  N N 33  
ACO CDP  C  N N 34  
ACO CEP  C  N N 35  
ACO CAP  C  N R 36  
ACO OAP  O  N N 37  
ACO C9P  C  N N 38  
ACO O9P  O  N N 39  
ACO N8P  N  N N 40  
ACO C7P  C  N N 41  
ACO C6P  C  N N 42  
ACO C5P  C  N N 43  
ACO O5P  O  N N 44  
ACO N4P  N  N N 45  
ACO C3P  C  N N 46  
ACO C2P  C  N N 47  
ACO S1P  S  N N 48  
ACO C    C  N N 49  
ACO O    O  N N 50  
ACO CH3  C  N N 51  
ACO H2A  H  N N 52  
ACO H61A H  N N 53  
ACO H62A H  N N 54  
ACO H8A  H  N N 55  
ACO H1B  H  N N 56  
ACO H2B  H  N N 57  
ACO HO2A H  N N 58  
ACO H3B  H  N N 59  
ACO HOA8 H  N N 60  
ACO HOA9 H  N N 61  
ACO H4B  H  N N 62  
ACO H51A H  N N 63  
ACO H52A H  N N 64  
ACO HOA2 H  N N 65  
ACO HOA5 H  N N 66  
ACO H121 H  N N 67  
ACO H122 H  N N 68  
ACO H131 H  N N 69  
ACO H132 H  N N 70  
ACO H133 H  N N 71  
ACO H141 H  N N 72  
ACO H142 H  N N 73  
ACO H143 H  N N 74  
ACO H10  H  N N 75  
ACO HO1  H  N N 76  
ACO HN8  H  N N 77  
ACO H71  H  N N 78  
ACO H72  H  N N 79  
ACO H61  H  N N 80  
ACO H62  H  N N 81  
ACO HN4  H  N N 82  
ACO H31  H  N N 83  
ACO H32  H  N N 84  
ACO H21  H  N N 85  
ACO H22  H  N N 86  
ACO HH31 H  N N 87  
ACO HH32 H  N N 88  
ACO HH33 H  N N 89  
ALA N    N  N N 90  
ALA CA   C  N S 91  
ALA C    C  N N 92  
ALA O    O  N N 93  
ALA CB   C  N N 94  
ALA OXT  O  N N 95  
ALA H    H  N N 96  
ALA H2   H  N N 97  
ALA HA   H  N N 98  
ALA HB1  H  N N 99  
ALA HB2  H  N N 100 
ALA HB3  H  N N 101 
ALA HXT  H  N N 102 
ARG N    N  N N 103 
ARG CA   C  N S 104 
ARG C    C  N N 105 
ARG O    O  N N 106 
ARG CB   C  N N 107 
ARG CG   C  N N 108 
ARG CD   C  N N 109 
ARG NE   N  N N 110 
ARG CZ   C  N N 111 
ARG NH1  N  N N 112 
ARG NH2  N  N N 113 
ARG OXT  O  N N 114 
ARG H    H  N N 115 
ARG H2   H  N N 116 
ARG HA   H  N N 117 
ARG HB2  H  N N 118 
ARG HB3  H  N N 119 
ARG HG2  H  N N 120 
ARG HG3  H  N N 121 
ARG HD2  H  N N 122 
ARG HD3  H  N N 123 
ARG HE   H  N N 124 
ARG HH11 H  N N 125 
ARG HH12 H  N N 126 
ARG HH21 H  N N 127 
ARG HH22 H  N N 128 
ARG HXT  H  N N 129 
ASN N    N  N N 130 
ASN CA   C  N S 131 
ASN C    C  N N 132 
ASN O    O  N N 133 
ASN CB   C  N N 134 
ASN CG   C  N N 135 
ASN OD1  O  N N 136 
ASN ND2  N  N N 137 
ASN OXT  O  N N 138 
ASN H    H  N N 139 
ASN H2   H  N N 140 
ASN HA   H  N N 141 
ASN HB2  H  N N 142 
ASN HB3  H  N N 143 
ASN HD21 H  N N 144 
ASN HD22 H  N N 145 
ASN HXT  H  N N 146 
ASP N    N  N N 147 
ASP CA   C  N S 148 
ASP C    C  N N 149 
ASP O    O  N N 150 
ASP CB   C  N N 151 
ASP CG   C  N N 152 
ASP OD1  O  N N 153 
ASP OD2  O  N N 154 
ASP OXT  O  N N 155 
ASP H    H  N N 156 
ASP H2   H  N N 157 
ASP HA   H  N N 158 
ASP HB2  H  N N 159 
ASP HB3  H  N N 160 
ASP HD2  H  N N 161 
ASP HXT  H  N N 162 
CYS N    N  N N 163 
CYS CA   C  N R 164 
CYS C    C  N N 165 
CYS O    O  N N 166 
CYS CB   C  N N 167 
CYS SG   S  N N 168 
CYS OXT  O  N N 169 
CYS H    H  N N 170 
CYS H2   H  N N 171 
CYS HA   H  N N 172 
CYS HB2  H  N N 173 
CYS HB3  H  N N 174 
CYS HG   H  N N 175 
CYS HXT  H  N N 176 
G6P C1   C  N S 177 
G6P C2   C  N R 178 
G6P C3   C  N S 179 
G6P C4   C  N S 180 
G6P C5   C  N R 181 
G6P C6   C  N N 182 
G6P O1   O  N N 183 
G6P O2   O  N N 184 
G6P O3   O  N N 185 
G6P O4   O  N N 186 
G6P O5   O  N N 187 
G6P O6   O  N N 188 
G6P P    P  N N 189 
G6P O1P  O  N N 190 
G6P O2P  O  N N 191 
G6P O3P  O  N N 192 
G6P H1   H  N N 193 
G6P H2   H  N N 194 
G6P H3   H  N N 195 
G6P H4   H  N N 196 
G6P H5   H  N N 197 
G6P H61  H  N N 198 
G6P H62  H  N N 199 
G6P HO1  H  N N 200 
G6P HO2  H  N N 201 
G6P HO3  H  N N 202 
G6P HO4  H  N N 203 
G6P HO1P H  N N 204 
G6P HO2P H  N N 205 
GLN N    N  N N 206 
GLN CA   C  N S 207 
GLN C    C  N N 208 
GLN O    O  N N 209 
GLN CB   C  N N 210 
GLN CG   C  N N 211 
GLN CD   C  N N 212 
GLN OE1  O  N N 213 
GLN NE2  N  N N 214 
GLN OXT  O  N N 215 
GLN H    H  N N 216 
GLN H2   H  N N 217 
GLN HA   H  N N 218 
GLN HB2  H  N N 219 
GLN HB3  H  N N 220 
GLN HG2  H  N N 221 
GLN HG3  H  N N 222 
GLN HE21 H  N N 223 
GLN HE22 H  N N 224 
GLN HXT  H  N N 225 
GLU N    N  N N 226 
GLU CA   C  N S 227 
GLU C    C  N N 228 
GLU O    O  N N 229 
GLU CB   C  N N 230 
GLU CG   C  N N 231 
GLU CD   C  N N 232 
GLU OE1  O  N N 233 
GLU OE2  O  N N 234 
GLU OXT  O  N N 235 
GLU H    H  N N 236 
GLU H2   H  N N 237 
GLU HA   H  N N 238 
GLU HB2  H  N N 239 
GLU HB3  H  N N 240 
GLU HG2  H  N N 241 
GLU HG3  H  N N 242 
GLU HE2  H  N N 243 
GLU HXT  H  N N 244 
GLY N    N  N N 245 
GLY CA   C  N N 246 
GLY C    C  N N 247 
GLY O    O  N N 248 
GLY OXT  O  N N 249 
GLY H    H  N N 250 
GLY H2   H  N N 251 
GLY HA2  H  N N 252 
GLY HA3  H  N N 253 
GLY HXT  H  N N 254 
HIS N    N  N N 255 
HIS CA   C  N S 256 
HIS C    C  N N 257 
HIS O    O  N N 258 
HIS CB   C  N N 259 
HIS CG   C  Y N 260 
HIS ND1  N  Y N 261 
HIS CD2  C  Y N 262 
HIS CE1  C  Y N 263 
HIS NE2  N  Y N 264 
HIS OXT  O  N N 265 
HIS H    H  N N 266 
HIS H2   H  N N 267 
HIS HA   H  N N 268 
HIS HB2  H  N N 269 
HIS HB3  H  N N 270 
HIS HD1  H  N N 271 
HIS HD2  H  N N 272 
HIS HE1  H  N N 273 
HIS HE2  H  N N 274 
HIS HXT  H  N N 275 
HOH O    O  N N 276 
HOH H1   H  N N 277 
HOH H2   H  N N 278 
ILE N    N  N N 279 
ILE CA   C  N S 280 
ILE C    C  N N 281 
ILE O    O  N N 282 
ILE CB   C  N S 283 
ILE CG1  C  N N 284 
ILE CG2  C  N N 285 
ILE CD1  C  N N 286 
ILE OXT  O  N N 287 
ILE H    H  N N 288 
ILE H2   H  N N 289 
ILE HA   H  N N 290 
ILE HB   H  N N 291 
ILE HG12 H  N N 292 
ILE HG13 H  N N 293 
ILE HG21 H  N N 294 
ILE HG22 H  N N 295 
ILE HG23 H  N N 296 
ILE HD11 H  N N 297 
ILE HD12 H  N N 298 
ILE HD13 H  N N 299 
ILE HXT  H  N N 300 
LEU N    N  N N 301 
LEU CA   C  N S 302 
LEU C    C  N N 303 
LEU O    O  N N 304 
LEU CB   C  N N 305 
LEU CG   C  N N 306 
LEU CD1  C  N N 307 
LEU CD2  C  N N 308 
LEU OXT  O  N N 309 
LEU H    H  N N 310 
LEU H2   H  N N 311 
LEU HA   H  N N 312 
LEU HB2  H  N N 313 
LEU HB3  H  N N 314 
LEU HG   H  N N 315 
LEU HD11 H  N N 316 
LEU HD12 H  N N 317 
LEU HD13 H  N N 318 
LEU HD21 H  N N 319 
LEU HD22 H  N N 320 
LEU HD23 H  N N 321 
LEU HXT  H  N N 322 
LYS N    N  N N 323 
LYS CA   C  N S 324 
LYS C    C  N N 325 
LYS O    O  N N 326 
LYS CB   C  N N 327 
LYS CG   C  N N 328 
LYS CD   C  N N 329 
LYS CE   C  N N 330 
LYS NZ   N  N N 331 
LYS OXT  O  N N 332 
LYS H    H  N N 333 
LYS H2   H  N N 334 
LYS HA   H  N N 335 
LYS HB2  H  N N 336 
LYS HB3  H  N N 337 
LYS HG2  H  N N 338 
LYS HG3  H  N N 339 
LYS HD2  H  N N 340 
LYS HD3  H  N N 341 
LYS HE2  H  N N 342 
LYS HE3  H  N N 343 
LYS HZ1  H  N N 344 
LYS HZ2  H  N N 345 
LYS HZ3  H  N N 346 
LYS HXT  H  N N 347 
MET N    N  N N 348 
MET CA   C  N S 349 
MET C    C  N N 350 
MET O    O  N N 351 
MET CB   C  N N 352 
MET CG   C  N N 353 
MET SD   S  N N 354 
MET CE   C  N N 355 
MET OXT  O  N N 356 
MET H    H  N N 357 
MET H2   H  N N 358 
MET HA   H  N N 359 
MET HB2  H  N N 360 
MET HB3  H  N N 361 
MET HG2  H  N N 362 
MET HG3  H  N N 363 
MET HE1  H  N N 364 
MET HE2  H  N N 365 
MET HE3  H  N N 366 
MET HXT  H  N N 367 
N3Q OAP  O  N N 368 
N3Q CAO  C  N N 369 
N3Q CAM  C  N N 370 
N3Q NAL  N  N N 371 
N3Q CAN  C  N N 372 
N3Q CAQ  C  N N 373 
N3Q OAR  O  N N 374 
N3Q CAF  C  Y N 375 
N3Q CAA  C  Y N 376 
N3Q CAB  C  Y N 377 
N3Q CL2  CL N N 378 
N3Q CAE  C  Y N 379 
N3Q CAD  C  Y N 380 
N3Q CL1  CL N N 381 
N3Q CAC  C  Y N 382 
N3Q CAG  C  Y N 383 
N3Q NAK  N  Y N 384 
N3Q CAJ  C  Y N 385 
N3Q NAI  N  Y N 386 
N3Q NAH  N  Y N 387 
N3Q H1   H  N N 388 
N3Q H2   H  N N 389 
N3Q H3   H  N N 390 
N3Q H4   H  N N 391 
N3Q H5   H  N N 392 
N3Q H6   H  N N 393 
N3Q H7   H  N N 394 
N3Q H8   H  N N 395 
N3Q H9   H  N N 396 
N3Q H10  H  N N 397 
N3Q H11  H  N N 398 
N3Q H12  H  N N 399 
N3Q H13  H  N N 400 
N3Q H14  H  N N 401 
PHE N    N  N N 402 
PHE CA   C  N S 403 
PHE C    C  N N 404 
PHE O    O  N N 405 
PHE CB   C  N N 406 
PHE CG   C  Y N 407 
PHE CD1  C  Y N 408 
PHE CD2  C  Y N 409 
PHE CE1  C  Y N 410 
PHE CE2  C  Y N 411 
PHE CZ   C  Y N 412 
PHE OXT  O  N N 413 
PHE H    H  N N 414 
PHE H2   H  N N 415 
PHE HA   H  N N 416 
PHE HB2  H  N N 417 
PHE HB3  H  N N 418 
PHE HD1  H  N N 419 
PHE HD2  H  N N 420 
PHE HE1  H  N N 421 
PHE HE2  H  N N 422 
PHE HZ   H  N N 423 
PHE HXT  H  N N 424 
PRO N    N  N N 425 
PRO CA   C  N S 426 
PRO C    C  N N 427 
PRO O    O  N N 428 
PRO CB   C  N N 429 
PRO CG   C  N N 430 
PRO CD   C  N N 431 
PRO OXT  O  N N 432 
PRO H    H  N N 433 
PRO HA   H  N N 434 
PRO HB2  H  N N 435 
PRO HB3  H  N N 436 
PRO HG2  H  N N 437 
PRO HG3  H  N N 438 
PRO HD2  H  N N 439 
PRO HD3  H  N N 440 
PRO HXT  H  N N 441 
SER N    N  N N 442 
SER CA   C  N S 443 
SER C    C  N N 444 
SER O    O  N N 445 
SER CB   C  N N 446 
SER OG   O  N N 447 
SER OXT  O  N N 448 
SER H    H  N N 449 
SER H2   H  N N 450 
SER HA   H  N N 451 
SER HB2  H  N N 452 
SER HB3  H  N N 453 
SER HG   H  N N 454 
SER HXT  H  N N 455 
THR N    N  N N 456 
THR CA   C  N S 457 
THR C    C  N N 458 
THR O    O  N N 459 
THR CB   C  N R 460 
THR OG1  O  N N 461 
THR CG2  C  N N 462 
THR OXT  O  N N 463 
THR H    H  N N 464 
THR H2   H  N N 465 
THR HA   H  N N 466 
THR HB   H  N N 467 
THR HG1  H  N N 468 
THR HG21 H  N N 469 
THR HG22 H  N N 470 
THR HG23 H  N N 471 
THR HXT  H  N N 472 
TRP N    N  N N 473 
TRP CA   C  N S 474 
TRP C    C  N N 475 
TRP O    O  N N 476 
TRP CB   C  N N 477 
TRP CG   C  Y N 478 
TRP CD1  C  Y N 479 
TRP CD2  C  Y N 480 
TRP NE1  N  Y N 481 
TRP CE2  C  Y N 482 
TRP CE3  C  Y N 483 
TRP CZ2  C  Y N 484 
TRP CZ3  C  Y N 485 
TRP CH2  C  Y N 486 
TRP OXT  O  N N 487 
TRP H    H  N N 488 
TRP H2   H  N N 489 
TRP HA   H  N N 490 
TRP HB2  H  N N 491 
TRP HB3  H  N N 492 
TRP HD1  H  N N 493 
TRP HE1  H  N N 494 
TRP HE3  H  N N 495 
TRP HZ2  H  N N 496 
TRP HZ3  H  N N 497 
TRP HH2  H  N N 498 
TRP HXT  H  N N 499 
TYR N    N  N N 500 
TYR CA   C  N S 501 
TYR C    C  N N 502 
TYR O    O  N N 503 
TYR CB   C  N N 504 
TYR CG   C  Y N 505 
TYR CD1  C  Y N 506 
TYR CD2  C  Y N 507 
TYR CE1  C  Y N 508 
TYR CE2  C  Y N 509 
TYR CZ   C  Y N 510 
TYR OH   O  N N 511 
TYR OXT  O  N N 512 
TYR H    H  N N 513 
TYR H2   H  N N 514 
TYR HA   H  N N 515 
TYR HB2  H  N N 516 
TYR HB3  H  N N 517 
TYR HD1  H  N N 518 
TYR HD2  H  N N 519 
TYR HE1  H  N N 520 
TYR HE2  H  N N 521 
TYR HH   H  N N 522 
TYR HXT  H  N N 523 
VAL N    N  N N 524 
VAL CA   C  N S 525 
VAL C    C  N N 526 
VAL O    O  N N 527 
VAL CB   C  N N 528 
VAL CG1  C  N N 529 
VAL CG2  C  N N 530 
VAL OXT  O  N N 531 
VAL H    H  N N 532 
VAL H2   H  N N 533 
VAL HA   H  N N 534 
VAL HB   H  N N 535 
VAL HG11 H  N N 536 
VAL HG12 H  N N 537 
VAL HG13 H  N N 538 
VAL HG21 H  N N 539 
VAL HG22 H  N N 540 
VAL HG23 H  N N 541 
VAL HXT  H  N N 542 
# 
loop_
_chem_comp_bond.comp_id 
_chem_comp_bond.atom_id_1 
_chem_comp_bond.atom_id_2 
_chem_comp_bond.value_order 
_chem_comp_bond.pdbx_aromatic_flag 
_chem_comp_bond.pdbx_stereo_config 
_chem_comp_bond.pdbx_ordinal 
ACO N1A C2A  sing Y N 1   
ACO N1A C6A  doub Y N 2   
ACO C2A N3A  doub Y N 3   
ACO C2A H2A  sing N N 4   
ACO N3A C4A  sing Y N 5   
ACO C4A C5A  doub Y N 6   
ACO C4A N9A  sing Y N 7   
ACO C5A C6A  sing Y N 8   
ACO C5A N7A  sing Y N 9   
ACO C6A N6A  sing N N 10  
ACO N6A H61A sing N N 11  
ACO N6A H62A sing N N 12  
ACO N7A C8A  doub Y N 13  
ACO C8A N9A  sing Y N 14  
ACO C8A H8A  sing N N 15  
ACO N9A C1B  sing N N 16  
ACO C1B C2B  sing N N 17  
ACO C1B O4B  sing N N 18  
ACO C1B H1B  sing N N 19  
ACO C2B O2B  sing N N 20  
ACO C2B C3B  sing N N 21  
ACO C2B H2B  sing N N 22  
ACO O2B HO2A sing N N 23  
ACO C3B O3B  sing N N 24  
ACO C3B C4B  sing N N 25  
ACO C3B H3B  sing N N 26  
ACO O3B P3B  sing N N 27  
ACO P3B O7A  doub N N 28  
ACO P3B O8A  sing N N 29  
ACO P3B O9A  sing N N 30  
ACO O8A HOA8 sing N N 31  
ACO O9A HOA9 sing N N 32  
ACO C4B O4B  sing N N 33  
ACO C4B C5B  sing N N 34  
ACO C4B H4B  sing N N 35  
ACO C5B O5B  sing N N 36  
ACO C5B H51A sing N N 37  
ACO C5B H52A sing N N 38  
ACO O5B P1A  sing N N 39  
ACO P1A O1A  doub N N 40  
ACO P1A O2A  sing N N 41  
ACO P1A O3A  sing N N 42  
ACO O2A HOA2 sing N N 43  
ACO O3A P2A  sing N N 44  
ACO P2A O4A  doub N N 45  
ACO P2A O5A  sing N N 46  
ACO P2A O6A  sing N N 47  
ACO O5A HOA5 sing N N 48  
ACO O6A CCP  sing N N 49  
ACO CBP CCP  sing N N 50  
ACO CBP CDP  sing N N 51  
ACO CBP CEP  sing N N 52  
ACO CBP CAP  sing N N 53  
ACO CCP H121 sing N N 54  
ACO CCP H122 sing N N 55  
ACO CDP H131 sing N N 56  
ACO CDP H132 sing N N 57  
ACO CDP H133 sing N N 58  
ACO CEP H141 sing N N 59  
ACO CEP H142 sing N N 60  
ACO CEP H143 sing N N 61  
ACO CAP OAP  sing N N 62  
ACO CAP C9P  sing N N 63  
ACO CAP H10  sing N N 64  
ACO OAP HO1  sing N N 65  
ACO C9P O9P  doub N N 66  
ACO C9P N8P  sing N N 67  
ACO N8P C7P  sing N N 68  
ACO N8P HN8  sing N N 69  
ACO C7P C6P  sing N N 70  
ACO C7P H71  sing N N 71  
ACO C7P H72  sing N N 72  
ACO C6P C5P  sing N N 73  
ACO C6P H61  sing N N 74  
ACO C6P H62  sing N N 75  
ACO C5P O5P  doub N N 76  
ACO C5P N4P  sing N N 77  
ACO N4P C3P  sing N N 78  
ACO N4P HN4  sing N N 79  
ACO C3P C2P  sing N N 80  
ACO C3P H31  sing N N 81  
ACO C3P H32  sing N N 82  
ACO C2P S1P  sing N N 83  
ACO C2P H21  sing N N 84  
ACO C2P H22  sing N N 85  
ACO S1P C    sing N N 86  
ACO C   O    doub N N 87  
ACO C   CH3  sing N N 88  
ACO CH3 HH31 sing N N 89  
ACO CH3 HH32 sing N N 90  
ACO CH3 HH33 sing N N 91  
ALA N   CA   sing N N 92  
ALA N   H    sing N N 93  
ALA N   H2   sing N N 94  
ALA CA  C    sing N N 95  
ALA CA  CB   sing N N 96  
ALA CA  HA   sing N N 97  
ALA C   O    doub N N 98  
ALA C   OXT  sing N N 99  
ALA CB  HB1  sing N N 100 
ALA CB  HB2  sing N N 101 
ALA CB  HB3  sing N N 102 
ALA OXT HXT  sing N N 103 
ARG N   CA   sing N N 104 
ARG N   H    sing N N 105 
ARG N   H2   sing N N 106 
ARG CA  C    sing N N 107 
ARG CA  CB   sing N N 108 
ARG CA  HA   sing N N 109 
ARG C   O    doub N N 110 
ARG C   OXT  sing N N 111 
ARG CB  CG   sing N N 112 
ARG CB  HB2  sing N N 113 
ARG CB  HB3  sing N N 114 
ARG CG  CD   sing N N 115 
ARG CG  HG2  sing N N 116 
ARG CG  HG3  sing N N 117 
ARG CD  NE   sing N N 118 
ARG CD  HD2  sing N N 119 
ARG CD  HD3  sing N N 120 
ARG NE  CZ   sing N N 121 
ARG NE  HE   sing N N 122 
ARG CZ  NH1  sing N N 123 
ARG CZ  NH2  doub N N 124 
ARG NH1 HH11 sing N N 125 
ARG NH1 HH12 sing N N 126 
ARG NH2 HH21 sing N N 127 
ARG NH2 HH22 sing N N 128 
ARG OXT HXT  sing N N 129 
ASN N   CA   sing N N 130 
ASN N   H    sing N N 131 
ASN N   H2   sing N N 132 
ASN CA  C    sing N N 133 
ASN CA  CB   sing N N 134 
ASN CA  HA   sing N N 135 
ASN C   O    doub N N 136 
ASN C   OXT  sing N N 137 
ASN CB  CG   sing N N 138 
ASN CB  HB2  sing N N 139 
ASN CB  HB3  sing N N 140 
ASN CG  OD1  doub N N 141 
ASN CG  ND2  sing N N 142 
ASN ND2 HD21 sing N N 143 
ASN ND2 HD22 sing N N 144 
ASN OXT HXT  sing N N 145 
ASP N   CA   sing N N 146 
ASP N   H    sing N N 147 
ASP N   H2   sing N N 148 
ASP CA  C    sing N N 149 
ASP CA  CB   sing N N 150 
ASP CA  HA   sing N N 151 
ASP C   O    doub N N 152 
ASP C   OXT  sing N N 153 
ASP CB  CG   sing N N 154 
ASP CB  HB2  sing N N 155 
ASP CB  HB3  sing N N 156 
ASP CG  OD1  doub N N 157 
ASP CG  OD2  sing N N 158 
ASP OD2 HD2  sing N N 159 
ASP OXT HXT  sing N N 160 
CYS N   CA   sing N N 161 
CYS N   H    sing N N 162 
CYS N   H2   sing N N 163 
CYS CA  C    sing N N 164 
CYS CA  CB   sing N N 165 
CYS CA  HA   sing N N 166 
CYS C   O    doub N N 167 
CYS C   OXT  sing N N 168 
CYS CB  SG   sing N N 169 
CYS CB  HB2  sing N N 170 
CYS CB  HB3  sing N N 171 
CYS SG  HG   sing N N 172 
CYS OXT HXT  sing N N 173 
G6P C1  C2   sing N N 174 
G6P C1  O1   sing N N 175 
G6P C1  O5   sing N N 176 
G6P C1  H1   sing N N 177 
G6P C2  C3   sing N N 178 
G6P C2  O2   sing N N 179 
G6P C2  H2   sing N N 180 
G6P C3  C4   sing N N 181 
G6P C3  O3   sing N N 182 
G6P C3  H3   sing N N 183 
G6P C4  C5   sing N N 184 
G6P C4  O4   sing N N 185 
G6P C4  H4   sing N N 186 
G6P C5  C6   sing N N 187 
G6P C5  O5   sing N N 188 
G6P C5  H5   sing N N 189 
G6P C6  O6   sing N N 190 
G6P C6  H61  sing N N 191 
G6P C6  H62  sing N N 192 
G6P O1  HO1  sing N N 193 
G6P O2  HO2  sing N N 194 
G6P O3  HO3  sing N N 195 
G6P O4  HO4  sing N N 196 
G6P O6  P    sing N N 197 
G6P P   O1P  sing N N 198 
G6P P   O2P  sing N N 199 
G6P P   O3P  doub N N 200 
G6P O1P HO1P sing N N 201 
G6P O2P HO2P sing N N 202 
GLN N   CA   sing N N 203 
GLN N   H    sing N N 204 
GLN N   H2   sing N N 205 
GLN CA  C    sing N N 206 
GLN CA  CB   sing N N 207 
GLN CA  HA   sing N N 208 
GLN C   O    doub N N 209 
GLN C   OXT  sing N N 210 
GLN CB  CG   sing N N 211 
GLN CB  HB2  sing N N 212 
GLN CB  HB3  sing N N 213 
GLN CG  CD   sing N N 214 
GLN CG  HG2  sing N N 215 
GLN CG  HG3  sing N N 216 
GLN CD  OE1  doub N N 217 
GLN CD  NE2  sing N N 218 
GLN NE2 HE21 sing N N 219 
GLN NE2 HE22 sing N N 220 
GLN OXT HXT  sing N N 221 
GLU N   CA   sing N N 222 
GLU N   H    sing N N 223 
GLU N   H2   sing N N 224 
GLU CA  C    sing N N 225 
GLU CA  CB   sing N N 226 
GLU CA  HA   sing N N 227 
GLU C   O    doub N N 228 
GLU C   OXT  sing N N 229 
GLU CB  CG   sing N N 230 
GLU CB  HB2  sing N N 231 
GLU CB  HB3  sing N N 232 
GLU CG  CD   sing N N 233 
GLU CG  HG2  sing N N 234 
GLU CG  HG3  sing N N 235 
GLU CD  OE1  doub N N 236 
GLU CD  OE2  sing N N 237 
GLU OE2 HE2  sing N N 238 
GLU OXT HXT  sing N N 239 
GLY N   CA   sing N N 240 
GLY N   H    sing N N 241 
GLY N   H2   sing N N 242 
GLY CA  C    sing N N 243 
GLY CA  HA2  sing N N 244 
GLY CA  HA3  sing N N 245 
GLY C   O    doub N N 246 
GLY C   OXT  sing N N 247 
GLY OXT HXT  sing N N 248 
HIS N   CA   sing N N 249 
HIS N   H    sing N N 250 
HIS N   H2   sing N N 251 
HIS CA  C    sing N N 252 
HIS CA  CB   sing N N 253 
HIS CA  HA   sing N N 254 
HIS C   O    doub N N 255 
HIS C   OXT  sing N N 256 
HIS CB  CG   sing N N 257 
HIS CB  HB2  sing N N 258 
HIS CB  HB3  sing N N 259 
HIS CG  ND1  sing Y N 260 
HIS CG  CD2  doub Y N 261 
HIS ND1 CE1  doub Y N 262 
HIS ND1 HD1  sing N N 263 
HIS CD2 NE2  sing Y N 264 
HIS CD2 HD2  sing N N 265 
HIS CE1 NE2  sing Y N 266 
HIS CE1 HE1  sing N N 267 
HIS NE2 HE2  sing N N 268 
HIS OXT HXT  sing N N 269 
HOH O   H1   sing N N 270 
HOH O   H2   sing N N 271 
ILE N   CA   sing N N 272 
ILE N   H    sing N N 273 
ILE N   H2   sing N N 274 
ILE CA  C    sing N N 275 
ILE CA  CB   sing N N 276 
ILE CA  HA   sing N N 277 
ILE C   O    doub N N 278 
ILE C   OXT  sing N N 279 
ILE CB  CG1  sing N N 280 
ILE CB  CG2  sing N N 281 
ILE CB  HB   sing N N 282 
ILE CG1 CD1  sing N N 283 
ILE CG1 HG12 sing N N 284 
ILE CG1 HG13 sing N N 285 
ILE CG2 HG21 sing N N 286 
ILE CG2 HG22 sing N N 287 
ILE CG2 HG23 sing N N 288 
ILE CD1 HD11 sing N N 289 
ILE CD1 HD12 sing N N 290 
ILE CD1 HD13 sing N N 291 
ILE OXT HXT  sing N N 292 
LEU N   CA   sing N N 293 
LEU N   H    sing N N 294 
LEU N   H2   sing N N 295 
LEU CA  C    sing N N 296 
LEU CA  CB   sing N N 297 
LEU CA  HA   sing N N 298 
LEU C   O    doub N N 299 
LEU C   OXT  sing N N 300 
LEU CB  CG   sing N N 301 
LEU CB  HB2  sing N N 302 
LEU CB  HB3  sing N N 303 
LEU CG  CD1  sing N N 304 
LEU CG  CD2  sing N N 305 
LEU CG  HG   sing N N 306 
LEU CD1 HD11 sing N N 307 
LEU CD1 HD12 sing N N 308 
LEU CD1 HD13 sing N N 309 
LEU CD2 HD21 sing N N 310 
LEU CD2 HD22 sing N N 311 
LEU CD2 HD23 sing N N 312 
LEU OXT HXT  sing N N 313 
LYS N   CA   sing N N 314 
LYS N   H    sing N N 315 
LYS N   H2   sing N N 316 
LYS CA  C    sing N N 317 
LYS CA  CB   sing N N 318 
LYS CA  HA   sing N N 319 
LYS C   O    doub N N 320 
LYS C   OXT  sing N N 321 
LYS CB  CG   sing N N 322 
LYS CB  HB2  sing N N 323 
LYS CB  HB3  sing N N 324 
LYS CG  CD   sing N N 325 
LYS CG  HG2  sing N N 326 
LYS CG  HG3  sing N N 327 
LYS CD  CE   sing N N 328 
LYS CD  HD2  sing N N 329 
LYS CD  HD3  sing N N 330 
LYS CE  NZ   sing N N 331 
LYS CE  HE2  sing N N 332 
LYS CE  HE3  sing N N 333 
LYS NZ  HZ1  sing N N 334 
LYS NZ  HZ2  sing N N 335 
LYS NZ  HZ3  sing N N 336 
LYS OXT HXT  sing N N 337 
MET N   CA   sing N N 338 
MET N   H    sing N N 339 
MET N   H2   sing N N 340 
MET CA  C    sing N N 341 
MET CA  CB   sing N N 342 
MET CA  HA   sing N N 343 
MET C   O    doub N N 344 
MET C   OXT  sing N N 345 
MET CB  CG   sing N N 346 
MET CB  HB2  sing N N 347 
MET CB  HB3  sing N N 348 
MET CG  SD   sing N N 349 
MET CG  HG2  sing N N 350 
MET CG  HG3  sing N N 351 
MET SD  CE   sing N N 352 
MET CE  HE1  sing N N 353 
MET CE  HE2  sing N N 354 
MET CE  HE3  sing N N 355 
MET OXT HXT  sing N N 356 
N3Q CL2 CAB  sing N N 357 
N3Q CAA CAB  doub Y N 358 
N3Q CAA CAF  sing Y N 359 
N3Q CAB CAC  sing Y N 360 
N3Q CAM CAO  sing N N 361 
N3Q CAM NAL  sing N N 362 
N3Q CAO OAP  sing N N 363 
N3Q NAH NAI  sing Y N 364 
N3Q NAH CAG  doub Y N 365 
N3Q NAI CAJ  doub Y N 366 
N3Q CAF NAL  sing N N 367 
N3Q CAF CAE  doub Y N 368 
N3Q NAL CAN  sing N N 369 
N3Q CAC CAG  sing N N 370 
N3Q CAC CAD  doub Y N 371 
N3Q CAG NAK  sing Y N 372 
N3Q OAR CAQ  sing N N 373 
N3Q CAJ NAK  sing Y N 374 
N3Q CAE CAD  sing Y N 375 
N3Q CAD CL1  sing N N 376 
N3Q CAN CAQ  sing N N 377 
N3Q OAP H1   sing N N 378 
N3Q CAO H2   sing N N 379 
N3Q CAO H3   sing N N 380 
N3Q CAM H4   sing N N 381 
N3Q CAM H5   sing N N 382 
N3Q CAN H6   sing N N 383 
N3Q CAN H7   sing N N 384 
N3Q CAQ H8   sing N N 385 
N3Q CAQ H9   sing N N 386 
N3Q OAR H10  sing N N 387 
N3Q CAA H11  sing N N 388 
N3Q CAE H12  sing N N 389 
N3Q NAK H13  sing N N 390 
N3Q CAJ H14  sing N N 391 
PHE N   CA   sing N N 392 
PHE N   H    sing N N 393 
PHE N   H2   sing N N 394 
PHE CA  C    sing N N 395 
PHE CA  CB   sing N N 396 
PHE CA  HA   sing N N 397 
PHE C   O    doub N N 398 
PHE C   OXT  sing N N 399 
PHE CB  CG   sing N N 400 
PHE CB  HB2  sing N N 401 
PHE CB  HB3  sing N N 402 
PHE CG  CD1  doub Y N 403 
PHE CG  CD2  sing Y N 404 
PHE CD1 CE1  sing Y N 405 
PHE CD1 HD1  sing N N 406 
PHE CD2 CE2  doub Y N 407 
PHE CD2 HD2  sing N N 408 
PHE CE1 CZ   doub Y N 409 
PHE CE1 HE1  sing N N 410 
PHE CE2 CZ   sing Y N 411 
PHE CE2 HE2  sing N N 412 
PHE CZ  HZ   sing N N 413 
PHE OXT HXT  sing N N 414 
PRO N   CA   sing N N 415 
PRO N   CD   sing N N 416 
PRO N   H    sing N N 417 
PRO CA  C    sing N N 418 
PRO CA  CB   sing N N 419 
PRO CA  HA   sing N N 420 
PRO C   O    doub N N 421 
PRO C   OXT  sing N N 422 
PRO CB  CG   sing N N 423 
PRO CB  HB2  sing N N 424 
PRO CB  HB3  sing N N 425 
PRO CG  CD   sing N N 426 
PRO CG  HG2  sing N N 427 
PRO CG  HG3  sing N N 428 
PRO CD  HD2  sing N N 429 
PRO CD  HD3  sing N N 430 
PRO OXT HXT  sing N N 431 
SER N   CA   sing N N 432 
SER N   H    sing N N 433 
SER N   H2   sing N N 434 
SER CA  C    sing N N 435 
SER CA  CB   sing N N 436 
SER CA  HA   sing N N 437 
SER C   O    doub N N 438 
SER C   OXT  sing N N 439 
SER CB  OG   sing N N 440 
SER CB  HB2  sing N N 441 
SER CB  HB3  sing N N 442 
SER OG  HG   sing N N 443 
SER OXT HXT  sing N N 444 
THR N   CA   sing N N 445 
THR N   H    sing N N 446 
THR N   H2   sing N N 447 
THR CA  C    sing N N 448 
THR CA  CB   sing N N 449 
THR CA  HA   sing N N 450 
THR C   O    doub N N 451 
THR C   OXT  sing N N 452 
THR CB  OG1  sing N N 453 
THR CB  CG2  sing N N 454 
THR CB  HB   sing N N 455 
THR OG1 HG1  sing N N 456 
THR CG2 HG21 sing N N 457 
THR CG2 HG22 sing N N 458 
THR CG2 HG23 sing N N 459 
THR OXT HXT  sing N N 460 
TRP N   CA   sing N N 461 
TRP N   H    sing N N 462 
TRP N   H2   sing N N 463 
TRP CA  C    sing N N 464 
TRP CA  CB   sing N N 465 
TRP CA  HA   sing N N 466 
TRP C   O    doub N N 467 
TRP C   OXT  sing N N 468 
TRP CB  CG   sing N N 469 
TRP CB  HB2  sing N N 470 
TRP CB  HB3  sing N N 471 
TRP CG  CD1  doub Y N 472 
TRP CG  CD2  sing Y N 473 
TRP CD1 NE1  sing Y N 474 
TRP CD1 HD1  sing N N 475 
TRP CD2 CE2  doub Y N 476 
TRP CD2 CE3  sing Y N 477 
TRP NE1 CE2  sing Y N 478 
TRP NE1 HE1  sing N N 479 
TRP CE2 CZ2  sing Y N 480 
TRP CE3 CZ3  doub Y N 481 
TRP CE3 HE3  sing N N 482 
TRP CZ2 CH2  doub Y N 483 
TRP CZ2 HZ2  sing N N 484 
TRP CZ3 CH2  sing Y N 485 
TRP CZ3 HZ3  sing N N 486 
TRP CH2 HH2  sing N N 487 
TRP OXT HXT  sing N N 488 
TYR N   CA   sing N N 489 
TYR N   H    sing N N 490 
TYR N   H2   sing N N 491 
TYR CA  C    sing N N 492 
TYR CA  CB   sing N N 493 
TYR CA  HA   sing N N 494 
TYR C   O    doub N N 495 
TYR C   OXT  sing N N 496 
TYR CB  CG   sing N N 497 
TYR CB  HB2  sing N N 498 
TYR CB  HB3  sing N N 499 
TYR CG  CD1  doub Y N 500 
TYR CG  CD2  sing Y N 501 
TYR CD1 CE1  sing Y N 502 
TYR CD1 HD1  sing N N 503 
TYR CD2 CE2  doub Y N 504 
TYR CD2 HD2  sing N N 505 
TYR CE1 CZ   doub Y N 506 
TYR CE1 HE1  sing N N 507 
TYR CE2 CZ   sing Y N 508 
TYR CE2 HE2  sing N N 509 
TYR CZ  OH   sing N N 510 
TYR OH  HH   sing N N 511 
TYR OXT HXT  sing N N 512 
VAL N   CA   sing N N 513 
VAL N   H    sing N N 514 
VAL N   H2   sing N N 515 
VAL CA  C    sing N N 516 
VAL CA  CB   sing N N 517 
VAL CA  HA   sing N N 518 
VAL C   O    doub N N 519 
VAL C   OXT  sing N N 520 
VAL CB  CG1  sing N N 521 
VAL CB  CG2  sing N N 522 
VAL CB  HB   sing N N 523 
VAL CG1 HG11 sing N N 524 
VAL CG1 HG12 sing N N 525 
VAL CG1 HG13 sing N N 526 
VAL CG2 HG21 sing N N 527 
VAL CG2 HG22 sing N N 528 
VAL CG2 HG23 sing N N 529 
VAL OXT HXT  sing N N 530 
# 
_pdbx_audit_support.funding_organization   'Medical Research Council (United Kingdom)' 
_pdbx_audit_support.country                'United Kingdom' 
_pdbx_audit_support.grant_number           M004139 
_pdbx_audit_support.ordinal                1 
# 
_pdbx_entity_instance_feature.ordinal        1 
_pdbx_entity_instance_feature.comp_id        N3Q 
_pdbx_entity_instance_feature.asym_id        ? 
_pdbx_entity_instance_feature.seq_num        ? 
_pdbx_entity_instance_feature.auth_comp_id   N3Q 
_pdbx_entity_instance_feature.auth_asym_id   ? 
_pdbx_entity_instance_feature.auth_seq_num   ? 
_pdbx_entity_instance_feature.feature_type   'SUBJECT OF INVESTIGATION' 
_pdbx_entity_instance_feature.details        ? 
# 
_pdbx_initial_refinement_model.id               1 
_pdbx_initial_refinement_model.entity_id_list   ? 
_pdbx_initial_refinement_model.type             'experimental model' 
_pdbx_initial_refinement_model.source_name      PDB 
_pdbx_initial_refinement_model.accession_code   2VEZ 
_pdbx_initial_refinement_model.details          ? 
# 
_atom_sites.entry_id                    6TDF 
_atom_sites.Cartn_transf_matrix[1][1]   ? 
_atom_sites.Cartn_transf_matrix[1][2]   ? 
_atom_sites.Cartn_transf_matrix[1][3]   ? 
_atom_sites.Cartn_transf_matrix[2][1]   ? 
_atom_sites.Cartn_transf_matrix[2][2]   ? 
_atom_sites.Cartn_transf_matrix[2][3]   ? 
_atom_sites.Cartn_transf_matrix[3][1]   ? 
_atom_sites.Cartn_transf_matrix[3][2]   ? 
_atom_sites.Cartn_transf_matrix[3][3]   ? 
_atom_sites.Cartn_transf_vector[1]      ? 
_atom_sites.Cartn_transf_vector[2]      ? 
_atom_sites.Cartn_transf_vector[3]      ? 
_atom_sites.fract_transf_matrix[1][1]   0.00591866 
_atom_sites.fract_transf_matrix[1][2]   -0.00231627 
_atom_sites.fract_transf_matrix[1][3]   -0.01257731 
_atom_sites.fract_transf_matrix[2][1]   0.00136191 
_atom_sites.fract_transf_matrix[2][2]   -0.00944194 
_atom_sites.fract_transf_matrix[2][3]   0.00237974 
_atom_sites.fract_transf_matrix[3][1]   -0.01604177 
_atom_sites.fract_transf_matrix[3][2]   -0.00402949 
_atom_sites.fract_transf_matrix[3][3]   -0.00680689 
_atom_sites.fract_transf_vector[1]      -0.129865 
_atom_sites.fract_transf_vector[2]      -0.177236 
_atom_sites.fract_transf_vector[3]      0.083175 
_atom_sites.solution_primary            ? 
_atom_sites.solution_secondary          ? 
_atom_sites.solution_hydrogens          ? 
_atom_sites.special_details             ? 
# 
loop_
_atom_type.symbol 
C  
CL 
N  
O  
P  
S  
# 
loop_
_atom_site.group_PDB 
_atom_site.id 
_atom_site.type_symbol 
_atom_site.label_atom_id 
_atom_site.label_alt_id 
_atom_site.label_comp_id 
_atom_site.label_asym_id 
_atom_site.label_entity_id 
_atom_site.label_seq_id 
_atom_site.pdbx_PDB_ins_code 
_atom_site.Cartn_x 
_atom_site.Cartn_y 
_atom_site.Cartn_z 
_atom_site.occupancy 
_atom_site.B_iso_or_equiv 
_atom_site.pdbx_formal_charge 
_atom_site.auth_seq_id 
_atom_site.auth_comp_id 
_atom_site.auth_asym_id 
_atom_site.auth_atom_id 
_atom_site.pdbx_PDB_model_num 
ATOM   1    N  N   . GLU A 1 26  ? 6.639   19.316  -0.769  1.00 70.43 ? 26  GLU A N   1 
ATOM   2    C  CA  . GLU A 1 26  ? 5.162   19.435  -0.534  1.00 66.21 ? 26  GLU A CA  1 
ATOM   3    C  C   . GLU A 1 26  ? 4.733   18.349  0.459   1.00 64.81 ? 26  GLU A C   1 
ATOM   4    O  O   . GLU A 1 26  ? 5.226   17.209  0.355   1.00 60.24 ? 26  GLU A O   1 
ATOM   5    C  CB  . GLU A 1 26  ? 4.422   19.323  -1.865  1.00 66.33 ? 26  GLU A CB  1 
ATOM   6    C  CG  . GLU A 1 26  ? 2.947   19.667  -1.828  1.00 67.78 ? 26  GLU A CG  1 
ATOM   7    C  CD  . GLU A 1 26  ? 2.675   21.084  -1.363  1.00 77.28 ? 26  GLU A CD  1 
ATOM   8    O  OE1 . GLU A 1 26  ? 2.653   21.291  -0.124  1.00 71.56 ? 26  GLU A OE1 1 
ATOM   9    O  OE2 . GLU A 1 26  ? 2.532   21.983  -2.234  1.00 70.52 ? 26  GLU A OE2 1 
ATOM   10   N  N   . ASN A 1 27  ? 3.848   18.707  1.384   1.00 61.35 ? 27  ASN A N   1 
ATOM   11   C  CA  . ASN A 1 27  ? 3.373   17.829  2.479   1.00 63.03 ? 27  ASN A CA  1 
ATOM   12   C  C   . ASN A 1 27  ? 1.879   17.533  2.291   1.00 57.43 ? 27  ASN A C   1 
ATOM   13   O  O   . ASN A 1 27  ? 1.251   17.047  3.249   1.00 59.51 ? 27  ASN A O   1 
ATOM   14   C  CB  . ASN A 1 27  ? 3.711   18.464  3.830   1.00 66.81 ? 27  ASN A CB  1 
ATOM   15   C  CG  . ASN A 1 27  ? 5.196   18.412  4.119   1.00 71.72 ? 27  ASN A CG  1 
ATOM   16   O  OD1 . ASN A 1 27  ? 5.722   17.369  4.511   1.00 76.12 ? 27  ASN A OD1 1 
ATOM   17   N  ND2 . ASN A 1 27  ? 5.882   19.522  3.910   1.00 66.64 ? 27  ASN A ND2 1 
ATOM   18   N  N   . THR A 1 28  ? 1.328   17.824  1.110   1.00 56.90 ? 28  THR A N   1 
ATOM   19   C  CA  . THR A 1 28  ? -0.091  17.563  0.742   1.00 54.11 ? 28  THR A CA  1 
ATOM   20   C  C   . THR A 1 28  ? -0.294  16.055  0.573   1.00 50.61 ? 28  THR A C   1 
ATOM   21   O  O   . THR A 1 28  ? 0.360   15.459  -0.266  1.00 50.75 ? 28  THR A O   1 
ATOM   22   C  CB  . THR A 1 28  ? -0.462  18.301  -0.548  1.00 52.48 ? 28  THR A CB  1 
ATOM   23   O  OG1 . THR A 1 28  ? -0.312  19.699  -0.310  1.00 58.24 ? 28  THR A OG1 1 
ATOM   24   C  CG2 . THR A 1 28  ? -1.872  18.021  -1.009  1.00 52.18 ? 28  THR A CG2 1 
ATOM   25   N  N   . PRO A 1 29  ? -1.189  15.388  1.345   1.00 48.60 ? 29  PRO A N   1 
ATOM   26   C  CA  . PRO A 1 29  ? -1.454  13.958  1.158   1.00 44.37 ? 29  PRO A CA  1 
ATOM   27   C  C   . PRO A 1 29  ? -1.880  13.631  -0.281  1.00 45.52 ? 29  PRO A C   1 
ATOM   28   O  O   . PRO A 1 29  ? -2.584  14.423  -0.892  1.00 42.28 ? 29  PRO A O   1 
ATOM   29   C  CB  . PRO A 1 29  ? -2.612  13.645  2.120   1.00 45.76 ? 29  PRO A CB  1 
ATOM   30   C  CG  . PRO A 1 29  ? -2.581  14.753  3.144   1.00 47.39 ? 29  PRO A CG  1 
ATOM   31   C  CD  . PRO A 1 29  ? -1.978  15.957  2.449   1.00 46.57 ? 29  PRO A CD  1 
ATOM   32   N  N   . LEU A 1 30  ? -1.444  12.473  -0.778  1.00 40.74 ? 30  LEU A N   1 
ATOM   33   C  CA  . LEU A 1 30  ? -1.879  11.886  -2.077  1.00 38.12 ? 30  LEU A CA  1 
ATOM   34   C  C   . LEU A 1 30  ? -3.405  11.791  -2.143  1.00 40.55 ? 30  LEU A C   1 
ATOM   35   O  O   . LEU A 1 30  ? -3.972  11.962  -3.243  1.00 44.26 ? 30  LEU A O   1 
ATOM   36   C  CB  . LEU A 1 30  ? -1.278  10.485  -2.207  1.00 36.22 ? 30  LEU A CB  1 
ATOM   37   C  CG  . LEU A 1 30  ? -1.381  9.858   -3.593  1.00 36.10 ? 30  LEU A CG  1 
ATOM   38   C  CD1 . LEU A 1 30  ? -0.823  10.795  -4.642  1.00 34.23 ? 30  LEU A CD1 1 
ATOM   39   C  CD2 . LEU A 1 30  ? -0.633  8.540   -3.626  1.00 32.96 ? 30  LEU A CD2 1 
ATOM   40   N  N   . PHE A 1 31  ? -4.029  11.439  -1.022  1.00 36.42 ? 31  PHE A N   1 
ATOM   41   C  CA  . PHE A 1 31  ? -5.492  11.257  -0.905  1.00 36.79 ? 31  PHE A CA  1 
ATOM   42   C  C   . PHE A 1 31  ? -5.881  11.658  0.512   1.00 38.23 ? 31  PHE A C   1 
ATOM   43   O  O   . PHE A 1 31  ? -4.982  11.945  1.355   1.00 36.78 ? 31  PHE A O   1 
ATOM   44   C  CB  . PHE A 1 31  ? -5.904  9.817   -1.272  1.00 37.17 ? 31  PHE A CB  1 
ATOM   45   C  CG  . PHE A 1 31  ? -5.367  8.732   -0.371  1.00 33.89 ? 31  PHE A CG  1 
ATOM   46   C  CD1 . PHE A 1 31  ? -5.990  8.432   0.829   1.00 35.01 ? 31  PHE A CD1 1 
ATOM   47   C  CD2 . PHE A 1 31  ? -4.207  8.041   -0.695  1.00 33.38 ? 31  PHE A CD2 1 
ATOM   48   C  CE1 . PHE A 1 31  ? -5.516  7.422   1.656   1.00 35.09 ? 31  PHE A CE1 1 
ATOM   49   C  CE2 . PHE A 1 31  ? -3.726  7.035   0.130   1.00 35.36 ? 31  PHE A CE2 1 
ATOM   50   C  CZ  . PHE A 1 31  ? -4.382  6.727   1.318   1.00 34.96 ? 31  PHE A CZ  1 
ATOM   51   N  N   . SER A 1 32  ? -7.187  11.681  0.761   1.00 38.34 ? 32  SER A N   1 
ATOM   52   C  CA  . SER A 1 32  ? -7.795  12.215  1.999   1.00 42.59 ? 32  SER A CA  1 
ATOM   53   C  C   . SER A 1 32  ? -7.408  11.336  3.174   1.00 39.83 ? 32  SER A C   1 
ATOM   54   O  O   . SER A 1 32  ? -7.716  10.149  3.172   1.00 38.21 ? 32  SER A O   1 
ATOM   55   C  CB  . SER A 1 32  ? -9.288  12.308  1.867   1.00 44.93 ? 32  SER A CB  1 
ATOM   56   O  OG  . SER A 1 32  ? -9.886  12.493  3.137   1.00 41.69 ? 32  SER A OG  1 
ATOM   57   N  N   . PRO A 1 33  ? -6.770  11.898  4.225   1.00 43.06 ? 33  PRO A N   1 
ATOM   58   C  CA  . PRO A 1 33  ? -6.615  11.205  5.510   1.00 42.96 ? 33  PRO A CA  1 
ATOM   59   C  C   . PRO A 1 33  ? -7.872  10.582  6.139   1.00 39.87 ? 33  PRO A C   1 
ATOM   60   O  O   . PRO A 1 33  ? -7.714  9.773   7.021   1.00 44.25 ? 33  PRO A O   1 
ATOM   61   C  CB  . PRO A 1 33  ? -6.098  12.324  6.424   1.00 45.70 ? 33  PRO A CB  1 
ATOM   62   C  CG  . PRO A 1 33  ? -5.284  13.182  5.492   1.00 46.04 ? 33  PRO A CG  1 
ATOM   63   C  CD  . PRO A 1 33  ? -6.115  13.214  4.223   1.00 45.16 ? 33  PRO A CD  1 
ATOM   64   N  N   . SER A 1 34  ? -9.071  10.952  5.686   1.00 39.36 ? 34  SER A N   1 
ATOM   65   C  CA  . SER A 1 34  ? -10.366 10.366  6.134   1.00 43.17 ? 34  SER A CA  1 
ATOM   66   C  C   . SER A 1 34  ? -10.454 8.910   5.662   1.00 41.53 ? 34  SER A C   1 
ATOM   67   O  O   . SER A 1 34  ? -11.200 8.128   6.273   1.00 42.57 ? 34  SER A O   1 
ATOM   68   C  CB  . SER A 1 34  ? -11.572 11.195  5.666   1.00 42.41 ? 34  SER A CB  1 
ATOM   69   O  OG  . SER A 1 34  ? -11.790 11.114  4.254   1.00 45.23 ? 34  SER A OG  1 
ATOM   70   N  N   . LEU A 1 35  ? -9.687  8.544   4.628   1.00 38.00 ? 35  LEU A N   1 
ATOM   71   C  CA  . LEU A 1 35  ? -9.668  7.167   4.082   1.00 36.44 ? 35  LEU A CA  1 
ATOM   72   C  C   . LEU A 1 35  ? -8.784  6.225   4.931   1.00 36.30 ? 35  LEU A C   1 
ATOM   73   O  O   . LEU A 1 35  ? -8.881  4.998   4.724   1.00 39.28 ? 35  LEU A O   1 
ATOM   74   C  CB  . LEU A 1 35  ? -9.259  7.244   2.601   1.00 37.40 ? 35  LEU A CB  1 
ATOM   75   C  CG  . LEU A 1 35  ? -10.416 7.606   1.672   1.00 34.52 ? 35  LEU A CG  1 
ATOM   76   C  CD1 . LEU A 1 35  ? -9.974  7.844   0.228   1.00 35.99 ? 35  LEU A CD1 1 
ATOM   77   C  CD2 . LEU A 1 35  ? -11.465 6.518   1.739   1.00 33.61 ? 35  LEU A CD2 1 
ATOM   78   N  N   . ILE A 1 36  ? -8.030  6.743   5.908   1.00 36.78 ? 36  ILE A N   1 
ATOM   79   C  CA  . ILE A 1 36  ? -7.196  5.930   6.838   1.00 38.07 ? 36  ILE A CA  1 
ATOM   80   C  C   . ILE A 1 36  ? -8.071  5.358   7.965   1.00 40.44 ? 36  ILE A C   1 
ATOM   81   O  O   . ILE A 1 36  ? -8.714  6.146   8.703   1.00 42.41 ? 36  ILE A O   1 
ATOM   82   C  CB  . ILE A 1 36  ? -6.022  6.756   7.395   1.00 38.13 ? 36  ILE A CB  1 
ATOM   83   C  CG1 . ILE A 1 36  ? -5.115  7.294   6.279   1.00 40.78 ? 36  ILE A CG1 1 
ATOM   84   C  CG2 . ILE A 1 36  ? -5.247  5.940   8.408   1.00 37.69 ? 36  ILE A CG2 1 
ATOM   85   C  CD1 . ILE A 1 36  ? -4.569  6.215   5.338   1.00 39.78 ? 36  ILE A CD1 1 
ATOM   86   N  N   . SER A 1 37  ? -8.050  4.030   8.123   1.00 37.78 ? 37  SER A N   1 
ATOM   87   C  CA  . SER A 1 37  ? -8.813  3.264   9.140   1.00 39.28 ? 37  SER A CA  1 
ATOM   88   C  C   . SER A 1 37  ? -8.523  3.798   10.540  1.00 40.60 ? 37  SER A C   1 
ATOM   89   O  O   . SER A 1 37  ? -7.397  3.692   11.027  1.00 40.54 ? 37  SER A O   1 
ATOM   90   C  CB  . SER A 1 37  ? -8.520  1.793   9.083   1.00 38.53 ? 37  SER A CB  1 
ATOM   91   O  OG  . SER A 1 37  ? -9.231  1.089   10.092  1.00 42.14 ? 37  SER A OG  1 
ATOM   92   N  N   . PRO A 1 38  ? -9.528  4.367   11.232  1.00 40.34 ? 38  PRO A N   1 
ATOM   93   C  CA  . PRO A 1 38  ? -9.321  4.851   12.594  1.00 44.70 ? 38  PRO A CA  1 
ATOM   94   C  C   . PRO A 1 38  ? -9.009  3.702   13.557  1.00 43.42 ? 38  PRO A C   1 
ATOM   95   O  O   . PRO A 1 38  ? -8.199  3.880   14.445  1.00 46.19 ? 38  PRO A O   1 
ATOM   96   C  CB  . PRO A 1 38  ? -10.644 5.567   12.909  1.00 48.43 ? 38  PRO A CB  1 
ATOM   97   C  CG  . PRO A 1 38  ? -11.656 4.872   12.013  1.00 49.42 ? 38  PRO A CG  1 
ATOM   98   C  CD  . PRO A 1 38  ? -10.884 4.654   10.730  1.00 45.11 ? 38  PRO A CD  1 
ATOM   99   N  N   . ASP A 1 39  ? -9.602  2.537   13.317  1.00 46.04 ? 39  ASP A N   1 
ATOM   100  C  CA  . ASP A 1 39  ? -9.416  1.346   14.178  1.00 45.14 ? 39  ASP A CA  1 
ATOM   101  C  C   . ASP A 1 39  ? -7.979  0.879   14.062  1.00 45.70 ? 39  ASP A C   1 
ATOM   102  O  O   . ASP A 1 39  ? -7.426  0.415   15.056  1.00 45.55 ? 39  ASP A O   1 
ATOM   103  C  CB  . ASP A 1 39  ? -10.366 0.221   13.795  1.00 49.60 ? 39  ASP A CB  1 
ATOM   104  C  CG  . ASP A 1 39  ? -11.763 0.421   14.350  1.00 56.20 ? 39  ASP A CG  1 
ATOM   105  O  OD1 . ASP A 1 39  ? -11.979 1.414   15.101  1.00 53.02 ? 39  ASP A OD1 1 
ATOM   106  O  OD2 . ASP A 1 39  ? -12.618 -0.420  14.038  1.00 61.99 ? 39  ASP A OD2 1 
ATOM   107  N  N   . VAL A 1 40  ? -7.410  0.964   12.865  1.00 44.00 ? 40  VAL A N   1 
ATOM   108  C  CA  . VAL A 1 40  ? -5.989  0.608   12.643  1.00 40.83 ? 40  VAL A CA  1 
ATOM   109  C  C   . VAL A 1 40  ? -5.114  1.647   13.352  1.00 39.18 ? 40  VAL A C   1 
ATOM   110  O  O   . VAL A 1 40  ? -4.180  1.241   14.029  1.00 38.15 ? 40  VAL A O   1 
ATOM   111  C  CB  . VAL A 1 40  ? -5.676  0.496   11.137  1.00 41.59 ? 40  VAL A CB  1 
ATOM   112  C  CG1 . VAL A 1 40  ? -4.173  0.435   10.890  1.00 38.59 ? 40  VAL A CG1 1 
ATOM   113  C  CG2 . VAL A 1 40  ? -6.395  -0.704  10.533  1.00 42.04 ? 40  VAL A CG2 1 
ATOM   114  N  N   . LEU A 1 41  ? -5.363  2.944   13.163  1.00 43.26 ? 41  LEU A N   1 
ATOM   115  C  CA  . LEU A 1 41  ? -4.555  3.987   13.852  1.00 42.93 ? 41  LEU A CA  1 
ATOM   116  C  C   . LEU A 1 41  ? -4.601  3.706   15.353  1.00 43.28 ? 41  LEU A C   1 
ATOM   117  O  O   . LEU A 1 41  ? -3.545  3.748   15.984  1.00 42.50 ? 41  LEU A O   1 
ATOM   118  C  CB  . LEU A 1 41  ? -5.088  5.387   13.554  1.00 42.53 ? 41  LEU A CB  1 
ATOM   119  C  CG  . LEU A 1 41  ? -4.804  5.929   12.163  1.00 46.85 ? 41  LEU A CG  1 
ATOM   120  C  CD1 . LEU A 1 41  ? -5.658  7.163   11.899  1.00 44.53 ? 41  LEU A CD1 1 
ATOM   121  C  CD2 . LEU A 1 41  ? -3.330  6.243   11.987  1.00 48.50 ? 41  LEU A CD2 1 
ATOM   122  N  N   . ALA A 1 42  ? -5.773  3.348   15.880  1.00 46.31 ? 42  ALA A N   1 
ATOM   123  C  CA  . ALA A 1 42  ? -5.986  3.158   17.334  1.00 47.39 ? 42  ALA A CA  1 
ATOM   124  C  C   . ALA A 1 42  ? -5.083  2.037   17.874  1.00 50.17 ? 42  ALA A C   1 
ATOM   125  O  O   . ALA A 1 42  ? -4.698  2.124   19.030  1.00 48.81 ? 42  ALA A O   1 
ATOM   126  C  CB  . ALA A 1 42  ? -7.439  2.885   17.605  1.00 45.61 ? 42  ALA A CB  1 
ATOM   127  N  N   . VAL A 1 43  ? -4.709  1.034   17.077  1.00 48.23 ? 43  VAL A N   1 
ATOM   128  C  CA  . VAL A 1 43  ? -4.082  -0.206  17.623  1.00 43.15 ? 43  VAL A CA  1 
ATOM   129  C  C   . VAL A 1 43  ? -2.618  -0.329  17.177  1.00 46.53 ? 43  VAL A C   1 
ATOM   130  O  O   . VAL A 1 43  ? -1.976  -1.319  17.551  1.00 41.11 ? 43  VAL A O   1 
ATOM   131  C  CB  . VAL A 1 43  ? -4.954  -1.411  17.228  1.00 45.36 ? 43  VAL A CB  1 
ATOM   132  C  CG1 . VAL A 1 43  ? -4.729  -1.839  15.784  1.00 42.96 ? 43  VAL A CG1 1 
ATOM   133  C  CG2 . VAL A 1 43  ? -4.778  -2.572  18.177  1.00 47.24 ? 43  VAL A CG2 1 
ATOM   134  N  N   . LEU A 1 44  ? -2.081  0.635   16.419  1.00 49.06 ? 44  LEU A N   1 
ATOM   135  C  CA  . LEU A 1 44  ? -0.632  0.661   16.057  1.00 47.91 ? 44  LEU A CA  1 
ATOM   136  C  C   . LEU A 1 44  ? 0.199   0.704   17.338  1.00 49.60 ? 44  LEU A C   1 
ATOM   137  O  O   . LEU A 1 44  ? -0.317  1.067   18.384  1.00 56.05 ? 44  LEU A O   1 
ATOM   138  C  CB  . LEU A 1 44  ? -0.334  1.886   15.190  1.00 45.84 ? 44  LEU A CB  1 
ATOM   139  C  CG  . LEU A 1 44  ? -0.651  1.736   13.703  1.00 49.68 ? 44  LEU A CG  1 
ATOM   140  C  CD1 . LEU A 1 44  ? -0.504  3.073   12.978  1.00 47.32 ? 44  LEU A CD1 1 
ATOM   141  C  CD2 . LEU A 1 44  ? 0.244   0.685   13.068  1.00 49.94 ? 44  LEU A CD2 1 
ATOM   142  N  N   . PRO A 1 45  ? 1.497   0.335   17.315  1.00 48.39 ? 45  PRO A N   1 
ATOM   143  C  CA  . PRO A 1 45  ? 2.384   0.587   18.448  1.00 50.12 ? 45  PRO A CA  1 
ATOM   144  C  C   . PRO A 1 45  ? 2.574   2.093   18.664  1.00 53.24 ? 45  PRO A C   1 
ATOM   145  O  O   . PRO A 1 45  ? 2.612   2.863   17.683  1.00 47.16 ? 45  PRO A O   1 
ATOM   146  C  CB  . PRO A 1 45  ? 3.730   -0.057  18.070  1.00 51.46 ? 45  PRO A CB  1 
ATOM   147  C  CG  . PRO A 1 45  ? 3.412   -0.944  16.877  1.00 52.54 ? 45  PRO A CG  1 
ATOM   148  C  CD  . PRO A 1 45  ? 2.192   -0.339  16.212  1.00 50.38 ? 45  PRO A CD  1 
ATOM   149  N  N   . ALA A 1 46  ? 2.696   2.482   19.933  1.00 52.48 ? 46  ALA A N   1 
ATOM   150  C  CA  . ALA A 1 46  ? 2.771   3.881   20.406  1.00 50.66 ? 46  ALA A CA  1 
ATOM   151  C  C   . ALA A 1 46  ? 3.708   4.691   19.503  1.00 44.03 ? 46  ALA A C   1 
ATOM   152  O  O   . ALA A 1 46  ? 4.797   4.186   19.220  1.00 50.10 ? 46  ALA A O   1 
ATOM   153  C  CB  . ALA A 1 46  ? 3.250   3.895   21.834  1.00 53.63 ? 46  ALA A CB  1 
ATOM   154  N  N   . ASP A 1 47  ? 3.247   5.856   19.034  1.00 44.98 ? 47  ASP A N   1 
ATOM   155  C  CA  . ASP A 1 47  ? 4.004   6.858   18.233  1.00 52.28 ? 47  ASP A CA  1 
ATOM   156  C  C   . ASP A 1 47  ? 4.173   6.420   16.766  1.00 55.51 ? 47  ASP A C   1 
ATOM   157  O  O   . ASP A 1 47  ? 4.764   7.208   15.995  1.00 60.24 ? 47  ASP A O   1 
ATOM   158  C  CB  . ASP A 1 47  ? 5.359   7.167   18.882  1.00 58.34 ? 47  ASP A CB  1 
ATOM   159  C  CG  . ASP A 1 47  ? 5.226   7.615   20.331  1.00 60.16 ? 47  ASP A CG  1 
ATOM   160  O  OD1 . ASP A 1 47  ? 4.292   8.388   20.629  1.00 59.04 ? 47  ASP A OD1 1 
ATOM   161  O  OD2 . ASP A 1 47  ? 6.034   7.158   21.156  1.00 70.19 ? 47  ASP A OD2 1 
ATOM   162  N  N   . TYR A 1 48  ? 3.698   5.227   16.378  1.00 49.89 ? 48  TYR A N   1 
ATOM   163  C  CA  . TYR A 1 48  ? 3.600   4.806   14.954  1.00 43.37 ? 48  TYR A CA  1 
ATOM   164  C  C   . TYR A 1 48  ? 2.299   5.334   14.373  1.00 42.91 ? 48  TYR A C   1 
ATOM   165  O  O   . TYR A 1 48  ? 1.309   5.459   15.115  1.00 39.50 ? 48  TYR A O   1 
ATOM   166  C  CB  . TYR A 1 48  ? 3.625   3.289   14.794  1.00 40.18 ? 48  TYR A CB  1 
ATOM   167  C  CG  . TYR A 1 48  ? 5.002   2.700   14.914  1.00 43.58 ? 48  TYR A CG  1 
ATOM   168  C  CD1 . TYR A 1 48  ? 5.759   2.878   16.063  1.00 44.37 ? 48  TYR A CD1 1 
ATOM   169  C  CD2 . TYR A 1 48  ? 5.549   1.955   13.876  1.00 44.21 ? 48  TYR A CD2 1 
ATOM   170  C  CE1 . TYR A 1 48  ? 7.034   2.354   16.173  1.00 42.75 ? 48  TYR A CE1 1 
ATOM   171  C  CE2 . TYR A 1 48  ? 6.813   1.403   13.986  1.00 38.93 ? 48  TYR A CE2 1 
ATOM   172  C  CZ  . TYR A 1 48  ? 7.551   1.598   15.134  1.00 42.31 ? 48  TYR A CZ  1 
ATOM   173  O  OH  . TYR A 1 48  ? 8.800   1.065   15.224  1.00 39.83 ? 48  TYR A OH  1 
ATOM   174  N  N   . THR A 1 49  ? 2.297   5.612   13.071  1.00 41.94 ? 49  THR A N   1 
ATOM   175  C  CA  . THR A 1 49  ? 1.112   6.111   12.340  1.00 40.99 ? 49  THR A CA  1 
ATOM   176  C  C   . THR A 1 49  ? 1.061   5.481   10.948  1.00 41.51 ? 49  THR A C   1 
ATOM   177  O  O   . THR A 1 49  ? 2.115   5.052   10.450  1.00 37.82 ? 49  THR A O   1 
ATOM   178  C  CB  . THR A 1 49  ? 1.147   7.644   12.271  1.00 48.73 ? 49  THR A CB  1 
ATOM   179  O  OG1 . THR A 1 49  ? -0.152  8.028   11.806  1.00 51.24 ? 49  THR A OG1 1 
ATOM   180  C  CG2 . THR A 1 49  ? 2.234   8.194   11.376  1.00 46.41 ? 49  THR A CG2 1 
ATOM   181  N  N   . ILE A 1 50  ? -0.119  5.475   10.332  1.00 42.26 ? 50  ILE A N   1 
ATOM   182  C  CA  . ILE A 1 50  ? -0.316  5.143   8.888   1.00 42.66 ? 50  ILE A CA  1 
ATOM   183  C  C   . ILE A 1 50  ? -0.971  6.360   8.249   1.00 40.54 ? 50  ILE A C   1 
ATOM   184  O  O   . ILE A 1 50  ? -1.951  6.861   8.819   1.00 43.11 ? 50  ILE A O   1 
ATOM   185  C  CB  . ILE A 1 50  ? -1.170  3.874   8.696   1.00 42.56 ? 50  ILE A CB  1 
ATOM   186  C  CG1 . ILE A 1 50  ? -0.436  2.641   9.216   1.00 54.18 ? 50  ILE A CG1 1 
ATOM   187  C  CG2 . ILE A 1 50  ? -1.546  3.705   7.232   1.00 46.55 ? 50  ILE A CG2 1 
ATOM   188  C  CD1 . ILE A 1 50  ? -1.228  1.348   9.155   1.00 57.24 ? 50  ILE A CD1 1 
ATOM   189  N  N   . ARG A 1 51  ? -0.444  6.817   7.125   1.00 36.25 ? 51  ARG A N   1 
ATOM   190  C  CA  . ARG A 1 51  ? -0.966  8.015   6.437   1.00 38.70 ? 51  ARG A CA  1 
ATOM   191  C  C   . ARG A 1 51  ? -0.732  7.859   4.947   1.00 40.52 ? 51  ARG A C   1 
ATOM   192  O  O   . ARG A 1 51  ? 0.084   7.024   4.519   1.00 33.17 ? 51  ARG A O   1 
ATOM   193  C  CB  . ARG A 1 51  ? -0.281  9.288   6.950   1.00 45.50 ? 51  ARG A CB  1 
ATOM   194  C  CG  . ARG A 1 51  ? 1.242   9.258   6.986   1.00 41.18 ? 51  ARG A CG  1 
ATOM   195  C  CD  . ARG A 1 51  ? 1.810   10.670  6.962   1.00 42.46 ? 51  ARG A CD  1 
ATOM   196  N  NE  . ARG A 1 51  ? 3.256   10.732  6.839   1.00 43.27 ? 51  ARG A NE  1 
ATOM   197  C  CZ  . ARG A 1 51  ? 3.947   10.670  5.681   1.00 50.30 ? 51  ARG A CZ  1 
ATOM   198  N  NH1 . ARG A 1 51  ? 3.329   10.518  4.514   1.00 41.05 ? 51  ARG A NH1 1 
ATOM   199  N  NH2 . ARG A 1 51  ? 5.272   10.746  5.710   1.00 48.23 ? 51  ARG A NH2 1 
ATOM   200  N  N   . PRO A 1 52  ? -1.434  8.674   4.136   1.00 38.06 ? 52  PRO A N   1 
ATOM   201  C  CA  . PRO A 1 52  ? -1.179  8.728   2.701   1.00 36.83 ? 52  PRO A CA  1 
ATOM   202  C  C   . PRO A 1 52  ? 0.273   9.107   2.418   1.00 34.05 ? 52  PRO A C   1 
ATOM   203  O  O   . PRO A 1 52  ? 0.878   9.810   3.179   1.00 36.77 ? 52  PRO A O   1 
ATOM   204  C  CB  . PRO A 1 52  ? -2.136  9.823   2.198   1.00 40.30 ? 52  PRO A CB  1 
ATOM   205  C  CG  . PRO A 1 52  ? -3.241  9.863   3.259   1.00 39.46 ? 52  PRO A CG  1 
ATOM   206  C  CD  . PRO A 1 52  ? -2.515  9.578   4.549   1.00 36.72 ? 52  PRO A CD  1 
ATOM   207  N  N   . LEU A 1 53  ? 0.805   8.634   1.299   1.00 33.75 ? 53  LEU A N   1 
ATOM   208  C  CA  . LEU A 1 53  ? 2.060   9.164   0.728   1.00 32.51 ? 53  LEU A CA  1 
ATOM   209  C  C   . LEU A 1 53  ? 1.926   10.671  0.520   1.00 33.23 ? 53  LEU A C   1 
ATOM   210  O  O   . LEU A 1 53  ? 0.836   11.105  0.168   1.00 35.59 ? 53  LEU A O   1 
ATOM   211  C  CB  . LEU A 1 53  ? 2.298   8.480   -0.623  1.00 35.32 ? 53  LEU A CB  1 
ATOM   212  C  CG  . LEU A 1 53  ? 3.678   8.761   -1.219  1.00 38.53 ? 53  LEU A CG  1 
ATOM   213  C  CD1 . LEU A 1 53  ? 4.778   8.060   -0.417  1.00 34.54 ? 53  LEU A CD1 1 
ATOM   214  C  CD2 . LEU A 1 53  ? 3.695   8.335   -2.690  1.00 44.79 ? 53  LEU A CD2 1 
ATOM   215  N  N   . CYS A 1 54  ? 3.007   11.433  0.693   1.00 38.30 ? 54  CYS A N   1 
ATOM   216  C  CA  . CYS A 1 54  ? 3.164   12.792  0.110   1.00 40.06 ? 54  CYS A CA  1 
ATOM   217  C  C   . CYS A 1 54  ? 4.480   12.848  -0.673  1.00 38.85 ? 54  CYS A C   1 
ATOM   218  O  O   . CYS A 1 54  ? 5.314   11.926  -0.494  1.00 37.71 ? 54  CYS A O   1 
ATOM   219  C  CB  . CYS A 1 54  ? 3.117   13.872  1.178   1.00 39.12 ? 54  CYS A CB  1 
ATOM   220  S  SG  . CYS A 1 54  ? 4.492   13.794  2.338   1.00 52.68 ? 54  CYS A SG  1 
ATOM   221  N  N   . ARG A 1 55  ? 4.690   13.916  -1.444  1.00 41.49 ? 55  ARG A N   1 
ATOM   222  C  CA  . ARG A 1 55  ? 5.829   14.056  -2.389  1.00 45.72 ? 55  ARG A CA  1 
ATOM   223  C  C   . ARG A 1 55  ? 7.171   14.079  -1.634  1.00 45.14 ? 55  ARG A C   1 
ATOM   224  O  O   . ARG A 1 55  ? 8.168   13.499  -2.152  1.00 44.50 ? 55  ARG A O   1 
ATOM   225  C  CB  . ARG A 1 55  ? 5.639   15.286  -3.286  1.00 50.93 ? 55  ARG A CB  1 
ATOM   226  C  CG  . ARG A 1 55  ? 6.629   15.321  -4.446  1.00 57.15 ? 55  ARG A CG  1 
ATOM   227  C  CD  . ARG A 1 55  ? 6.347   16.318  -5.549  1.00 59.96 ? 55  ARG A CD  1 
ATOM   228  N  NE  . ARG A 1 55  ? 6.835   17.636  -5.175  1.00 66.48 ? 55  ARG A NE  1 
ATOM   229  C  CZ  . ARG A 1 55  ? 6.078   18.627  -4.714  1.00 72.81 ? 55  ARG A CZ  1 
ATOM   230  N  NH1 . ARG A 1 55  ? 4.768   18.478  -4.584  1.00 80.86 ? 55  ARG A NH1 1 
ATOM   231  N  NH2 . ARG A 1 55  ? 6.635   19.783  -4.399  1.00 65.99 ? 55  ARG A NH2 1 
ATOM   232  N  N   . SER A 1 56  ? 7.219   14.671  -0.446  1.00 44.32 ? 56  SER A N   1 
ATOM   233  C  CA  . SER A 1 56  ? 8.470   14.803  0.349   1.00 46.80 ? 56  SER A CA  1 
ATOM   234  C  C   . SER A 1 56  ? 8.912   13.439  0.906   1.00 48.56 ? 56  SER A C   1 
ATOM   235  O  O   . SER A 1 56  ? 10.066  13.351  1.418   1.00 56.46 ? 56  SER A O   1 
ATOM   236  C  CB  . SER A 1 56  ? 8.327   15.836  1.454   1.00 46.01 ? 56  SER A CB  1 
ATOM   237  O  OG  . SER A 1 56  ? 7.175   15.579  2.247   1.00 42.51 ? 56  SER A OG  1 
ATOM   238  N  N   . ASP A 1 57  ? 8.073   12.401  0.818   1.00 44.19 ? 57  ASP A N   1 
ATOM   239  C  CA  . ASP A 1 57  ? 8.444   11.057  1.340   1.00 44.85 ? 57  ASP A CA  1 
ATOM   240  C  C   . ASP A 1 57  ? 9.653   10.489  0.560   1.00 45.04 ? 57  ASP A C   1 
ATOM   241  O  O   . ASP A 1 57  ? 10.262  9.541   1.072   1.00 41.03 ? 57  ASP A O   1 
ATOM   242  C  CB  . ASP A 1 57  ? 7.219   10.141  1.405   1.00 43.53 ? 57  ASP A CB  1 
ATOM   243  C  CG  . ASP A 1 57  ? 6.246   10.486  2.527   1.00 46.01 ? 57  ASP A CG  1 
ATOM   244  O  OD1 . ASP A 1 57  ? 6.669   11.120  3.508   1.00 46.75 ? 57  ASP A OD1 1 
ATOM   245  O  OD2 . ASP A 1 57  ? 5.057   10.126  2.418   1.00 47.59 ? 57  ASP A OD2 1 
ATOM   246  N  N   . TYR A 1 58  ? 10.056  11.063  -0.590  1.00 49.12 ? 58  TYR A N   1 
ATOM   247  C  CA  . TYR A 1 58  ? 11.312  10.677  -1.300  1.00 50.20 ? 58  TYR A CA  1 
ATOM   248  C  C   . TYR A 1 58  ? 12.493  10.738  -0.317  1.00 52.83 ? 58  TYR A C   1 
ATOM   249  O  O   . TYR A 1 58  ? 13.348  9.823   -0.320  1.00 45.12 ? 58  TYR A O   1 
ATOM   250  C  CB  . TYR A 1 58  ? 11.595  11.552  -2.527  1.00 51.74 ? 58  TYR A CB  1 
ATOM   251  C  CG  . TYR A 1 58  ? 12.865  11.217  -3.285  1.00 52.58 ? 58  TYR A CG  1 
ATOM   252  C  CD1 . TYR A 1 58  ? 12.966  10.056  -4.048  1.00 51.87 ? 58  TYR A CD1 1 
ATOM   253  C  CD2 . TYR A 1 58  ? 13.971  12.061  -3.252  1.00 51.80 ? 58  TYR A CD2 1 
ATOM   254  C  CE1 . TYR A 1 58  ? 14.123  9.745   -4.755  1.00 55.89 ? 58  TYR A CE1 1 
ATOM   255  C  CE2 . TYR A 1 58  ? 15.137  11.766  -3.948  1.00 49.32 ? 58  TYR A CE2 1 
ATOM   256  C  CZ  . TYR A 1 58  ? 15.215  10.604  -4.705  1.00 54.95 ? 58  TYR A CZ  1 
ATOM   257  O  OH  . TYR A 1 58  ? 16.358  10.292  -5.396  1.00 51.84 ? 58  TYR A OH  1 
ATOM   258  N  N   . LYS A 1 59  ? 12.509  11.762  0.541   1.00 54.32 ? 59  LYS A N   1 
ATOM   259  C  CA  . LYS A 1 59  ? 13.611  12.009  1.506   1.00 56.67 ? 59  LYS A CA  1 
ATOM   260  C  C   . LYS A 1 59  ? 13.440  11.204  2.801   1.00 57.58 ? 59  LYS A C   1 
ATOM   261  O  O   . LYS A 1 59  ? 14.424  11.148  3.554   1.00 64.61 ? 59  LYS A O   1 
ATOM   262  C  CB  . LYS A 1 59  ? 13.668  13.496  1.837   1.00 59.66 ? 59  LYS A CB  1 
ATOM   263  C  CG  . LYS A 1 59  ? 14.015  14.380  0.653   1.00 60.90 ? 59  LYS A CG  1 
ATOM   264  C  CD  . LYS A 1 59  ? 13.013  15.470  0.441   1.00 67.15 ? 59  LYS A CD  1 
ATOM   265  C  CE  . LYS A 1 59  ? 12.356  15.921  1.729   1.00 67.71 ? 59  LYS A CE  1 
ATOM   266  N  NZ  . LYS A 1 59  ? 12.074  17.371  1.696   1.00 75.42 ? 59  LYS A NZ  1 
ATOM   267  N  N   . ARG A 1 60  ? 12.266  10.617  3.063   1.00 50.02 ? 60  ARG A N   1 
ATOM   268  C  CA  . ARG A 1 60  ? 11.956  9.947   4.352   1.00 48.17 ? 60  ARG A CA  1 
ATOM   269  C  C   . ARG A 1 60  ? 12.214  8.438   4.276   1.00 46.29 ? 60  ARG A C   1 
ATOM   270  O  O   . ARG A 1 60  ? 11.756  7.737   5.190   1.00 49.44 ? 60  ARG A O   1 
ATOM   271  C  CB  . ARG A 1 60  ? 10.508  10.231  4.751   1.00 54.03 ? 60  ARG A CB  1 
ATOM   272  C  CG  . ARG A 1 60  ? 10.262  11.654  5.232   1.00 55.70 ? 60  ARG A CG  1 
ATOM   273  C  CD  . ARG A 1 60  ? 8.949   11.747  6.006   1.00 59.13 ? 60  ARG A CD  1 
ATOM   274  N  NE  . ARG A 1 60  ? 8.459   13.113  6.173   1.00 64.61 ? 60  ARG A NE  1 
ATOM   275  C  CZ  . ARG A 1 60  ? 7.968   13.903  5.204   1.00 67.69 ? 60  ARG A CZ  1 
ATOM   276  N  NH1 . ARG A 1 60  ? 7.878   13.490  3.950   1.00 59.03 ? 60  ARG A NH1 1 
ATOM   277  N  NH2 . ARG A 1 60  ? 7.569   15.132  5.502   1.00 74.24 ? 60  ARG A NH2 1 
ATOM   278  N  N   . GLY A 1 61  ? 12.906  7.956   3.237   1.00 45.39 ? 61  GLY A N   1 
ATOM   279  C  CA  . GLY A 1 61  ? 13.343  6.552   3.093   1.00 44.59 ? 61  GLY A CA  1 
ATOM   280  C  C   . GLY A 1 61  ? 12.293  5.648   2.469   1.00 47.14 ? 61  GLY A C   1 
ATOM   281  O  O   . GLY A 1 61  ? 12.351  4.415   2.714   1.00 46.06 ? 61  GLY A O   1 
ATOM   282  N  N   . TYR A 1 62  ? 11.378  6.203   1.667   1.00 46.17 ? 62  TYR A N   1 
ATOM   283  C  CA  . TYR A 1 62  ? 10.284  5.433   1.017   1.00 42.45 ? 62  TYR A CA  1 
ATOM   284  C  C   . TYR A 1 62  ? 10.864  4.310   0.149   1.00 41.07 ? 62  TYR A C   1 
ATOM   285  O  O   . TYR A 1 62  ? 10.449  3.146   0.309   1.00 42.02 ? 62  TYR A O   1 
ATOM   286  C  CB  . TYR A 1 62  ? 9.397   6.324   0.144   1.00 39.28 ? 62  TYR A CB  1 
ATOM   287  C  CG  . TYR A 1 62  ? 8.223   5.602   -0.473  1.00 39.29 ? 62  TYR A CG  1 
ATOM   288  C  CD1 . TYR A 1 62  ? 7.128   5.197   0.286   1.00 37.49 ? 62  TYR A CD1 1 
ATOM   289  C  CD2 . TYR A 1 62  ? 8.219   5.291   -1.824  1.00 38.97 ? 62  TYR A CD2 1 
ATOM   290  C  CE1 . TYR A 1 62  ? 6.049   4.534   -0.284  1.00 39.13 ? 62  TYR A CE1 1 
ATOM   291  C  CE2 . TYR A 1 62  ? 7.126   4.675   -2.419  1.00 39.74 ? 62  TYR A CE2 1 
ATOM   292  C  CZ  . TYR A 1 62  ? 6.049   4.273   -1.649  1.00 41.10 ? 62  TYR A CZ  1 
ATOM   293  O  OH  . TYR A 1 62  ? 5.013   3.630   -2.259  1.00 39.85 ? 62  TYR A OH  1 
ATOM   294  N  N   . LEU A 1 63  ? 11.748  4.667   -0.782  1.00 43.12 ? 63  LEU A N   1 
ATOM   295  C  CA  . LEU A 1 63  ? 12.315  3.737   -1.793  1.00 45.33 ? 63  LEU A CA  1 
ATOM   296  C  C   . LEU A 1 63  ? 13.204  2.683   -1.107  1.00 49.74 ? 63  LEU A C   1 
ATOM   297  O  O   . LEU A 1 63  ? 13.228  1.525   -1.599  1.00 52.58 ? 63  LEU A O   1 
ATOM   298  C  CB  . LEU A 1 63  ? 13.093  4.555   -2.827  1.00 45.55 ? 63  LEU A CB  1 
ATOM   299  C  CG  . LEU A 1 63  ? 12.266  5.475   -3.725  1.00 45.80 ? 63  LEU A CG  1 
ATOM   300  C  CD1 . LEU A 1 63  ? 13.160  6.271   -4.666  1.00 49.21 ? 63  LEU A CD1 1 
ATOM   301  C  CD2 . LEU A 1 63  ? 11.232  4.690   -4.517  1.00 46.96 ? 63  LEU A CD2 1 
ATOM   302  N  N   . ASP A 1 64  ? 13.883  3.049   -0.011  1.00 48.99 ? 64  ASP A N   1 
ATOM   303  C  CA  . ASP A 1 64  ? 14.636  2.103   0.859   1.00 52.56 ? 64  ASP A CA  1 
ATOM   304  C  C   . ASP A 1 64  ? 13.746  0.931   1.236   1.00 50.01 ? 64  ASP A C   1 
ATOM   305  O  O   . ASP A 1 64  ? 14.184  -0.216  1.074   1.00 53.31 ? 64  ASP A O   1 
ATOM   306  C  CB  . ASP A 1 64  ? 15.075  2.719   2.186   1.00 55.00 ? 64  ASP A CB  1 
ATOM   307  C  CG  . ASP A 1 64  ? 16.263  3.642   2.057   1.00 61.45 ? 64  ASP A CG  1 
ATOM   308  O  OD1 . ASP A 1 64  ? 16.979  3.500   1.053   1.00 66.76 ? 64  ASP A OD1 1 
ATOM   309  O  OD2 . ASP A 1 64  ? 16.457  4.501   2.963   1.00 68.50 ? 64  ASP A OD2 1 
ATOM   310  N  N   . VAL A 1 65  ? 12.549  1.223   1.729   1.00 47.08 ? 65  VAL A N   1 
ATOM   311  C  CA  . VAL A 1 65  ? 11.603  0.183   2.229   1.00 49.61 ? 65  VAL A CA  1 
ATOM   312  C  C   . VAL A 1 65  ? 11.258  -0.756  1.063   1.00 47.35 ? 65  VAL A C   1 
ATOM   313  O  O   . VAL A 1 65  ? 11.145  -1.973  1.293   1.00 42.72 ? 65  VAL A O   1 
ATOM   314  C  CB  . VAL A 1 65  ? 10.353  0.821   2.871   1.00 47.46 ? 65  VAL A CB  1 
ATOM   315  C  CG1 . VAL A 1 65  ? 9.477   -0.201  3.570   1.00 49.40 ? 65  VAL A CG1 1 
ATOM   316  C  CG2 . VAL A 1 65  ? 10.738  1.914   3.845   1.00 49.92 ? 65  VAL A CG2 1 
ATOM   317  N  N   . LEU A 1 66  ? 11.125  -0.224  -0.153  1.00 48.89 ? 66  LEU A N   1 
ATOM   318  C  CA  . LEU A 1 66  ? 10.708  -1.026  -1.342  1.00 53.44 ? 66  LEU A CA  1 
ATOM   319  C  C   . LEU A 1 66  ? 11.854  -1.965  -1.754  1.00 54.63 ? 66  LEU A C   1 
ATOM   320  O  O   . LEU A 1 66  ? 11.577  -2.986  -2.423  1.00 58.91 ? 66  LEU A O   1 
ATOM   321  C  CB  . LEU A 1 66  ? 10.285  -0.100  -2.487  1.00 56.24 ? 66  LEU A CB  1 
ATOM   322  C  CG  . LEU A 1 66  ? 8.931   0.591   -2.326  1.00 59.96 ? 66  LEU A CG  1 
ATOM   323  C  CD1 . LEU A 1 66  ? 8.661   1.522   -3.498  1.00 62.60 ? 66  LEU A CD1 1 
ATOM   324  C  CD2 . LEU A 1 66  ? 7.805   -0.426  -2.188  1.00 61.65 ? 66  LEU A CD2 1 
ATOM   325  N  N   . ARG A 1 67  ? 13.073  -1.688  -1.300  1.00 51.98 ? 67  ARG A N   1 
ATOM   326  C  CA  . ARG A 1 67  ? 14.264  -2.523  -1.593  1.00 56.94 ? 67  ARG A CA  1 
ATOM   327  C  C   . ARG A 1 67  ? 14.077  -3.922  -0.992  1.00 52.24 ? 67  ARG A C   1 
ATOM   328  O  O   . ARG A 1 67  ? 14.604  -4.887  -1.573  1.00 58.05 ? 67  ARG A O   1 
ATOM   329  C  CB  . ARG A 1 67  ? 15.543  -1.794  -1.161  1.00 61.43 ? 67  ARG A CB  1 
ATOM   330  C  CG  . ARG A 1 67  ? 16.098  -0.862  -2.237  1.00 70.71 ? 67  ARG A CG  1 
ATOM   331  C  CD  . ARG A 1 67  ? 16.739  -1.690  -3.350  1.00 80.07 ? 67  ARG A CD  1 
ATOM   332  N  NE  . ARG A 1 67  ? 17.214  -0.981  -4.539  1.00 82.79 ? 67  ARG A NE  1 
ATOM   333  C  CZ  . ARG A 1 67  ? 17.685  -1.579  -5.641  1.00 70.19 ? 67  ARG A CZ  1 
ATOM   334  N  NH1 . ARG A 1 67  ? 17.746  -2.896  -5.712  1.00 68.68 ? 67  ARG A NH1 1 
ATOM   335  N  NH2 . ARG A 1 67  ? 18.094  -0.857  -6.668  1.00 70.00 ? 67  ARG A NH2 1 
ATOM   336  N  N   . VAL A 1 68  ? 13.295  -4.071  0.076   1.00 44.63 ? 68  VAL A N   1 
ATOM   337  C  CA  . VAL A 1 68  ? 13.052  -5.424  0.653   1.00 48.74 ? 68  VAL A CA  1 
ATOM   338  C  C   . VAL A 1 68  ? 12.162  -6.232  -0.296  1.00 44.40 ? 68  VAL A C   1 
ATOM   339  O  O   . VAL A 1 68  ? 12.062  -7.441  -0.112  1.00 48.07 ? 68  VAL A O   1 
ATOM   340  C  CB  . VAL A 1 68  ? 12.426  -5.379  2.062   1.00 48.26 ? 68  VAL A CB  1 
ATOM   341  C  CG1 . VAL A 1 68  ? 13.157  -4.410  2.981   1.00 52.82 ? 68  VAL A CG1 1 
ATOM   342  C  CG2 . VAL A 1 68  ? 10.942  -5.076  2.005   1.00 51.15 ? 68  VAL A CG2 1 
ATOM   343  N  N   . LEU A 1 69  ? 11.470  -5.586  -1.229  1.00 47.45 ? 69  LEU A N   1 
ATOM   344  C  CA  . LEU A 1 69  ? 10.421  -6.255  -2.036  1.00 49.68 ? 69  LEU A CA  1 
ATOM   345  C  C   . LEU A 1 69  ? 11.067  -6.817  -3.304  1.00 52.44 ? 69  LEU A C   1 
ATOM   346  O  O   . LEU A 1 69  ? 10.840  -8.003  -3.635  1.00 50.01 ? 69  LEU A O   1 
ATOM   347  C  CB  . LEU A 1 69  ? 9.328   -5.234  -2.367  1.00 54.68 ? 69  LEU A CB  1 
ATOM   348  C  CG  . LEU A 1 69  ? 8.125   -5.787  -3.122  1.00 57.87 ? 69  LEU A CG  1 
ATOM   349  C  CD1 . LEU A 1 69  ? 7.420   -6.862  -2.305  1.00 59.73 ? 69  LEU A CD1 1 
ATOM   350  C  CD2 . LEU A 1 69  ? 7.173   -4.665  -3.487  1.00 58.94 ? 69  LEU A CD2 1 
ATOM   351  N  N   . THR A 1 70  ? 11.871  -5.994  -3.971  1.00 48.61 ? 70  THR A N   1 
ATOM   352  C  CA  . THR A 1 70  ? 12.455  -6.337  -5.285  1.00 52.20 ? 70  THR A CA  1 
ATOM   353  C  C   . THR A 1 70  ? 13.369  -5.176  -5.676  1.00 53.23 ? 70  THR A C   1 
ATOM   354  O  O   . THR A 1 70  ? 13.504  -4.227  -4.858  1.00 44.30 ? 70  THR A O   1 
ATOM   355  C  CB  . THR A 1 70  ? 11.305  -6.685  -6.254  1.00 55.99 ? 70  THR A CB  1 
ATOM   356  O  OG1 . THR A 1 70  ? 11.815  -7.150  -7.508  1.00 53.08 ? 70  THR A OG1 1 
ATOM   357  C  CG2 . THR A 1 70  ? 10.350  -5.528  -6.472  1.00 52.91 ? 70  THR A CG2 1 
ATOM   358  N  N   . THR A 1 71  ? 14.000  -5.281  -6.851  1.00 57.14 ? 71  THR A N   1 
ATOM   359  C  CA  . THR A 1 71  ? 14.856  -4.230  -7.460  1.00 55.84 ? 71  THR A CA  1 
ATOM   360  C  C   . THR A 1 71  ? 14.022  -2.967  -7.619  1.00 51.92 ? 71  THR A C   1 
ATOM   361  O  O   . THR A 1 71  ? 12.950  -3.045  -8.245  1.00 51.48 ? 71  THR A O   1 
ATOM   362  C  CB  . THR A 1 71  ? 15.393  -4.618  -8.846  1.00 57.71 ? 71  THR A CB  1 
ATOM   363  O  OG1 . THR A 1 71  ? 16.086  -5.856  -8.697  1.00 62.02 ? 71  THR A OG1 1 
ATOM   364  C  CG2 . THR A 1 71  ? 16.311  -3.572  -9.445  1.00 55.63 ? 71  THR A CG2 1 
ATOM   365  N  N   . VAL A 1 72  ? 14.517  -1.864  -7.076  1.00 51.11 ? 72  VAL A N   1 
ATOM   366  C  CA  . VAL A 1 72  ? 13.960  -0.502  -7.292  1.00 55.48 ? 72  VAL A CA  1 
ATOM   367  C  C   . VAL A 1 72  ? 14.734  0.178   -8.434  1.00 56.62 ? 72  VAL A C   1 
ATOM   368  O  O   . VAL A 1 72  ? 14.149  1.074   -9.088  1.00 49.85 ? 72  VAL A O   1 
ATOM   369  C  CB  . VAL A 1 72  ? 14.017  0.297   -5.977  1.00 53.90 ? 72  VAL A CB  1 
ATOM   370  C  CG1 . VAL A 1 72  ? 13.508  1.718   -6.155  1.00 50.74 ? 72  VAL A CG1 1 
ATOM   371  C  CG2 . VAL A 1 72  ? 13.269  -0.429  -4.863  1.00 58.30 ? 72  VAL A CG2 1 
ATOM   372  N  N   . GLY A 1 73  ? 15.991  -0.228  -8.674  1.00 56.29 ? 73  GLY A N   1 
ATOM   373  C  CA  . GLY A 1 73  ? 16.914  0.482   -9.579  1.00 57.18 ? 73  GLY A CA  1 
ATOM   374  C  C   . GLY A 1 73  ? 17.302  1.842   -9.021  1.00 58.47 ? 73  GLY A C   1 
ATOM   375  O  O   . GLY A 1 73  ? 17.142  2.048   -7.810  1.00 62.22 ? 73  GLY A O   1 
ATOM   376  N  N   . ASP A 1 74  ? 17.801  2.743   -9.867  1.00 65.55 ? 74  ASP A N   1 
ATOM   377  C  CA  . ASP A 1 74  ? 18.286  4.099   -9.486  1.00 70.41 ? 74  ASP A CA  1 
ATOM   378  C  C   . ASP A 1 74  ? 17.199  5.115   -9.852  1.00 69.62 ? 74  ASP A C   1 
ATOM   379  O  O   . ASP A 1 74  ? 16.732  5.079   -11.005 1.00 77.06 ? 74  ASP A O   1 
ATOM   380  C  CB  . ASP A 1 74  ? 19.614  4.420   -10.180 1.00 78.14 ? 74  ASP A CB  1 
ATOM   381  C  CG  . ASP A 1 74  ? 20.853  3.928   -9.446  1.00 78.38 ? 74  ASP A CG  1 
ATOM   382  O  OD1 . ASP A 1 74  ? 20.956  2.710   -9.206  1.00 80.04 ? 74  ASP A OD1 1 
ATOM   383  O  OD2 . ASP A 1 74  ? 21.709  4.774   -9.115  1.00 81.42 ? 74  ASP A OD2 1 
ATOM   384  N  N   . ILE A 1 75  ? 16.772  5.954   -8.906  1.00 61.71 ? 75  ILE A N   1 
ATOM   385  C  CA  . ILE A 1 75  ? 15.642  6.912   -9.111  1.00 58.57 ? 75  ILE A CA  1 
ATOM   386  C  C   . ILE A 1 75  ? 16.033  8.248   -8.478  1.00 53.02 ? 75  ILE A C   1 
ATOM   387  O  O   . ILE A 1 75  ? 16.086  8.288   -7.237  1.00 53.41 ? 75  ILE A O   1 
ATOM   388  C  CB  . ILE A 1 75  ? 14.333  6.370   -8.495  1.00 60.10 ? 75  ILE A CB  1 
ATOM   389  C  CG1 . ILE A 1 75  ? 13.824  5.136   -9.243  1.00 64.67 ? 75  ILE A CG1 1 
ATOM   390  C  CG2 . ILE A 1 75  ? 13.260  7.456   -8.410  1.00 57.74 ? 75  ILE A CG2 1 
ATOM   391  C  CD1 . ILE A 1 75  ? 12.554  4.537   -8.665  1.00 65.36 ? 75  ILE A CD1 1 
ATOM   392  N  N   . ASN A 1 76  ? 16.253  9.288   -9.286  1.00 45.74 ? 76  ASN A N   1 
ATOM   393  C  CA  . ASN A 1 76  ? 16.587  10.647  -8.786  1.00 48.00 ? 76  ASN A CA  1 
ATOM   394  C  C   . ASN A 1 76  ? 15.286  11.362  -8.415  1.00 46.43 ? 76  ASN A C   1 
ATOM   395  O  O   . ASN A 1 76  ? 14.200  10.835  -8.711  1.00 42.37 ? 76  ASN A O   1 
ATOM   396  C  CB  . ASN A 1 76  ? 17.471  11.436  -9.759  1.00 47.41 ? 76  ASN A CB  1 
ATOM   397  C  CG  . ASN A 1 76  ? 16.772  12.038  -10.966 1.00 56.31 ? 76  ASN A CG  1 
ATOM   398  O  OD1 . ASN A 1 76  ? 15.543  12.116  -11.041 1.00 55.96 ? 76  ASN A OD1 1 
ATOM   399  N  ND2 . ASN A 1 76  ? 17.570  12.498  -11.921 1.00 50.13 ? 76  ASN A ND2 1 
ATOM   400  N  N   . GLU A 1 77  ? 15.405  12.534  -7.807  1.00 47.72 ? 77  GLU A N   1 
ATOM   401  C  CA  . GLU A 1 77  ? 14.264  13.259  -7.205  1.00 50.83 ? 77  GLU A CA  1 
ATOM   402  C  C   . GLU A 1 77  ? 13.367  13.798  -8.323  1.00 48.71 ? 77  GLU A C   1 
ATOM   403  O  O   . GLU A 1 77  ? 12.155  13.876  -8.112  1.00 43.71 ? 77  GLU A O   1 
ATOM   404  C  CB  . GLU A 1 77  ? 14.787  14.359  -6.280  1.00 56.05 ? 77  GLU A CB  1 
ATOM   405  C  CG  . GLU A 1 77  ? 13.710  14.988  -5.418  1.00 62.86 ? 77  GLU A CG  1 
ATOM   406  C  CD  . GLU A 1 77  ? 14.235  15.657  -4.154  1.00 72.27 ? 77  GLU A CD  1 
ATOM   407  O  OE1 . GLU A 1 77  ? 15.309  16.285  -4.236  1.00 73.39 ? 77  GLU A OE1 1 
ATOM   408  O  OE2 . GLU A 1 77  ? 13.584  15.523  -3.082  1.00 71.17 ? 77  GLU A OE2 1 
ATOM   409  N  N   . GLU A 1 78  ? 13.945  14.121  -9.480  1.00 46.00 ? 78  GLU A N   1 
ATOM   410  C  CA  . GLU A 1 78  ? 13.207  14.724  -10.613 1.00 47.60 ? 78  GLU A CA  1 
ATOM   411  C  C   . GLU A 1 78  ? 12.297  13.652  -11.233 1.00 46.18 ? 78  GLU A C   1 
ATOM   412  O  O   . GLU A 1 78  ? 11.145  13.974  -11.552 1.00 40.33 ? 78  GLU A O   1 
ATOM   413  C  CB  . GLU A 1 78  ? 14.193  15.333  -11.614 1.00 61.47 ? 78  GLU A CB  1 
ATOM   414  C  CG  . GLU A 1 78  ? 15.015  16.501  -11.059 1.00 70.34 ? 78  GLU A CG  1 
ATOM   415  C  CD  . GLU A 1 78  ? 16.152  16.139  -10.104 1.00 79.70 ? 78  GLU A CD  1 
ATOM   416  O  OE1 . GLU A 1 78  ? 17.086  15.420  -10.531 1.00 71.06 ? 78  GLU A OE1 1 
ATOM   417  O  OE2 . GLU A 1 78  ? 16.091  16.558  -8.916  1.00 90.03 ? 78  GLU A OE2 1 
ATOM   418  N  N   . GLN A 1 79  ? 12.803  12.427  -11.396 1.00 45.72 ? 79  GLN A N   1 
ATOM   419  C  CA  . GLN A 1 79  ? 12.025  11.236  -11.837 1.00 45.64 ? 79  GLN A CA  1 
ATOM   420  C  C   . GLN A 1 79  ? 10.925  10.909  -10.818 1.00 42.45 ? 79  GLN A C   1 
ATOM   421  O  O   . GLN A 1 79  ? 9.788   10.719  -11.239 1.00 38.82 ? 79  GLN A O   1 
ATOM   422  C  CB  . GLN A 1 79  ? 12.952  10.041  -12.009 1.00 51.45 ? 79  GLN A CB  1 
ATOM   423  C  CG  . GLN A 1 79  ? 13.689  10.043  -13.341 1.00 48.92 ? 79  GLN A CG  1 
ATOM   424  C  CD  . GLN A 1 79  ? 14.657  8.890   -13.407 1.00 53.68 ? 79  GLN A CD  1 
ATOM   425  O  OE1 . GLN A 1 79  ? 15.308  8.545   -12.421 1.00 62.00 ? 79  GLN A OE1 1 
ATOM   426  N  NE2 . GLN A 1 79  ? 14.758  8.290   -14.583 1.00 58.74 ? 79  GLN A NE2 1 
ATOM   427  N  N   . TRP A 1 80  ? 11.264  10.870  -9.528  1.00 46.10 ? 80  TRP A N   1 
ATOM   428  C  CA  . TRP A 1 80  ? 10.291  10.731  -8.412  1.00 43.65 ? 80  TRP A CA  1 
ATOM   429  C  C   . TRP A 1 80  ? 9.138   11.705  -8.635  1.00 41.36 ? 80  TRP A C   1 
ATOM   430  O  O   . TRP A 1 80  ? 7.996   11.239  -8.684  1.00 37.97 ? 80  TRP A O   1 
ATOM   431  C  CB  . TRP A 1 80  ? 10.955  10.933  -7.045  1.00 46.01 ? 80  TRP A CB  1 
ATOM   432  C  CG  . TRP A 1 80  ? 9.985   11.034  -5.897  1.00 46.07 ? 80  TRP A CG  1 
ATOM   433  C  CD1 . TRP A 1 80  ? 9.448   12.170  -5.358  1.00 47.98 ? 80  TRP A CD1 1 
ATOM   434  C  CD2 . TRP A 1 80  ? 9.417   9.941   -5.152  1.00 43.29 ? 80  TRP A CD2 1 
ATOM   435  N  NE1 . TRP A 1 80  ? 8.606   11.857  -4.322  1.00 43.61 ? 80  TRP A NE1 1 
ATOM   436  C  CE2 . TRP A 1 80  ? 8.561   10.498  -4.180  1.00 40.36 ? 80  TRP A CE2 1 
ATOM   437  C  CE3 . TRP A 1 80  ? 9.539   8.552   -5.224  1.00 41.65 ? 80  TRP A CE3 1 
ATOM   438  C  CZ2 . TRP A 1 80  ? 7.831   9.713   -3.289  1.00 41.58 ? 80  TRP A CZ2 1 
ATOM   439  C  CZ3 . TRP A 1 80  ? 8.824   7.777   -4.340  1.00 43.63 ? 80  TRP A CZ3 1 
ATOM   440  C  CH2 . TRP A 1 80  ? 8.001   8.351   -3.368  1.00 43.22 ? 80  TRP A CH2 1 
ATOM   441  N  N   . ASN A 1 81  ? 9.447   12.998  -8.791  1.00 46.49 ? 81  ASN A N   1 
ATOM   442  C  CA  . ASN A 1 81  ? 8.450   14.097  -8.814  1.00 48.21 ? 81  ASN A CA  1 
ATOM   443  C  C   . ASN A 1 81  ? 7.507   13.915  -9.991  1.00 47.78 ? 81  ASN A C   1 
ATOM   444  O  O   . ASN A 1 81  ? 6.305   14.253  -9.830  1.00 44.46 ? 81  ASN A O   1 
ATOM   445  C  CB  . ASN A 1 81  ? 9.091   15.478  -8.888  1.00 50.92 ? 81  ASN A CB  1 
ATOM   446  C  CG  . ASN A 1 81  ? 9.603   15.933  -7.538  1.00 52.72 ? 81  ASN A CG  1 
ATOM   447  O  OD1 . ASN A 1 81  ? 9.299   15.336  -6.515  1.00 52.16 ? 81  ASN A OD1 1 
ATOM   448  N  ND2 . ASN A 1 81  ? 10.374  17.001  -7.530  1.00 51.19 ? 81  ASN A ND2 1 
ATOM   449  N  N   . SER A 1 82  ? 8.038   13.421  -11.113 1.00 45.78 ? 82  SER A N   1 
ATOM   450  C  CA  . SER A 1 82  ? 7.260   13.186  -12.355 1.00 46.42 ? 82  SER A CA  1 
ATOM   451  C  C   . SER A 1 82  ? 6.283   12.044  -12.127 1.00 43.78 ? 82  SER A C   1 
ATOM   452  O  O   . SER A 1 82  ? 5.096   12.232  -12.438 1.00 44.54 ? 82  SER A O   1 
ATOM   453  C  CB  . SER A 1 82  ? 8.139   12.914  -13.546 1.00 47.22 ? 82  SER A CB  1 
ATOM   454  O  OG  . SER A 1 82  ? 8.688   14.150  -13.982 1.00 51.82 ? 82  SER A OG  1 
ATOM   455  N  N   . ARG A 1 83  ? 6.766   10.919  -11.599 1.00 42.29 ? 83  ARG A N   1 
ATOM   456  C  CA  . ARG A 1 83  ? 5.897   9.737   -11.366 1.00 42.82 ? 83  ARG A CA  1 
ATOM   457  C  C   . ARG A 1 83  ? 4.889   10.112  -10.270 1.00 43.09 ? 83  ARG A C   1 
ATOM   458  O  O   . ARG A 1 83  ? 3.692   9.750   -10.432 1.00 44.91 ? 83  ARG A O   1 
ATOM   459  C  CB  . ARG A 1 83  ? 6.730   8.489   -11.084 1.00 42.44 ? 83  ARG A CB  1 
ATOM   460  C  CG  . ARG A 1 83  ? 5.918   7.259   -10.689 1.00 46.65 ? 83  ARG A CG  1 
ATOM   461  C  CD  . ARG A 1 83  ? 4.929   6.783   -11.730 1.00 44.76 ? 83  ARG A CD  1 
ATOM   462  N  NE  . ARG A 1 83  ? 5.481   6.696   -13.077 1.00 44.32 ? 83  ARG A NE  1 
ATOM   463  C  CZ  . ARG A 1 83  ? 6.001   5.612   -13.664 1.00 44.66 ? 83  ARG A CZ  1 
ATOM   464  N  NH1 . ARG A 1 83  ? 6.111   4.455   -13.034 1.00 45.46 ? 83  ARG A NH1 1 
ATOM   465  N  NH2 . ARG A 1 83  ? 6.419   5.701   -14.916 1.00 46.60 ? 83  ARG A NH2 1 
ATOM   466  N  N   . TYR A 1 84  ? 5.308   10.867  -9.251  1.00 41.67 ? 84  TYR A N   1 
ATOM   467  C  CA  . TYR A 1 84  ? 4.414   11.257  -8.131  1.00 44.44 ? 84  TYR A CA  1 
ATOM   468  C  C   . TYR A 1 84  ? 3.239   12.055  -8.713  1.00 48.09 ? 84  TYR A C   1 
ATOM   469  O  O   . TYR A 1 84  ? 2.074   11.846  -8.282  1.00 41.95 ? 84  TYR A O   1 
ATOM   470  C  CB  . TYR A 1 84  ? 5.098   12.074  -7.033  1.00 41.46 ? 84  TYR A CB  1 
ATOM   471  C  CG  . TYR A 1 84  ? 4.153   12.384  -5.893  1.00 42.34 ? 84  TYR A CG  1 
ATOM   472  C  CD1 . TYR A 1 84  ? 3.969   11.490  -4.850  1.00 42.53 ? 84  TYR A CD1 1 
ATOM   473  C  CD2 . TYR A 1 84  ? 3.381   13.537  -5.880  1.00 45.62 ? 84  TYR A CD2 1 
ATOM   474  C  CE1 . TYR A 1 84  ? 3.074   11.746  -3.812  1.00 43.18 ? 84  TYR A CE1 1 
ATOM   475  C  CE2 . TYR A 1 84  ? 2.489   13.813  -4.848  1.00 45.17 ? 84  TYR A CE2 1 
ATOM   476  C  CZ  . TYR A 1 84  ? 2.326   12.911  -3.809  1.00 41.49 ? 84  TYR A CZ  1 
ATOM   477  O  OH  . TYR A 1 84  ? 1.441   13.159  -2.789  1.00 39.24 ? 84  TYR A OH  1 
ATOM   478  N  N   . GLU A 1 85  ? 3.525   12.928  -9.680  1.00 46.98 ? 85  GLU A N   1 
ATOM   479  C  CA  . GLU A 1 85  ? 2.508   13.877  -10.208 1.00 49.80 ? 85  GLU A CA  1 
ATOM   480  C  C   . GLU A 1 85  ? 1.543   13.117  -11.113 1.00 43.37 ? 85  GLU A C   1 
ATOM   481  O  O   . GLU A 1 85  ? 0.343   13.396  -11.012 1.00 40.58 ? 85  GLU A O   1 
ATOM   482  C  CB  . GLU A 1 85  ? 3.161   15.071  -10.903 1.00 51.29 ? 85  GLU A CB  1 
ATOM   483  C  CG  . GLU A 1 85  ? 3.735   16.084  -9.921  1.00 57.88 ? 85  GLU A CG  1 
ATOM   484  C  CD  . GLU A 1 85  ? 2.803   16.522  -8.797  1.00 62.63 ? 85  GLU A CD  1 
ATOM   485  O  OE1 . GLU A 1 85  ? 3.302   16.788  -7.682  1.00 64.98 ? 85  GLU A OE1 1 
ATOM   486  O  OE2 . GLU A 1 85  ? 1.583   16.612  -9.033  1.00 59.85 ? 85  GLU A OE2 1 
ATOM   487  N  N   . TRP A 1 86  ? 2.045   12.175  -11.919 1.00 43.29 ? 86  TRP A N   1 
ATOM   488  C  CA  . TRP A 1 86  ? 1.211   11.263  -12.762 1.00 46.12 ? 86  TRP A CA  1 
ATOM   489  C  C   . TRP A 1 86  ? 0.206   10.530  -11.857 1.00 46.31 ? 86  TRP A C   1 
ATOM   490  O  O   . TRP A 1 86  ? -0.985  10.399  -12.240 1.00 46.33 ? 86  TRP A O   1 
ATOM   491  C  CB  . TRP A 1 86  ? 2.096   10.270  -13.551 1.00 45.68 ? 86  TRP A CB  1 
ATOM   492  C  CG  . TRP A 1 86  ? 1.334   9.458   -14.554 1.00 49.97 ? 86  TRP A CG  1 
ATOM   493  C  CD1 . TRP A 1 86  ? 1.146   9.737   -15.884 1.00 52.60 ? 86  TRP A CD1 1 
ATOM   494  C  CD2 . TRP A 1 86  ? 0.594   8.250   -14.286 1.00 48.65 ? 86  TRP A CD2 1 
ATOM   495  N  NE1 . TRP A 1 86  ? 0.371   8.766   -16.463 1.00 48.94 ? 86  TRP A NE1 1 
ATOM   496  C  CE2 . TRP A 1 86  ? 0.010   7.847   -15.506 1.00 49.27 ? 86  TRP A CE2 1 
ATOM   497  C  CE3 . TRP A 1 86  ? 0.393   7.462   -13.144 1.00 48.55 ? 86  TRP A CE3 1 
ATOM   498  C  CZ2 . TRP A 1 86  ? -0.775  6.696   -15.603 1.00 47.55 ? 86  TRP A CZ2 1 
ATOM   499  C  CZ3 . TRP A 1 86  ? -0.386  6.329   -13.242 1.00 48.90 ? 86  TRP A CZ3 1 
ATOM   500  C  CH2 . TRP A 1 86  ? -0.967  5.956   -14.458 1.00 50.39 ? 86  TRP A CH2 1 
ATOM   501  N  N   . ILE A 1 87  ? 0.677   10.038  -10.707 1.00 44.15 ? 87  ILE A N   1 
ATOM   502  C  CA  . ILE A 1 87  ? -0.152  9.251   -9.742  1.00 45.38 ? 87  ILE A CA  1 
ATOM   503  C  C   . ILE A 1 87  ? -1.158  10.200  -9.093  1.00 38.23 ? 87  ILE A C   1 
ATOM   504  O  O   . ILE A 1 87  ? -2.347  9.830   -9.051  1.00 36.54 ? 87  ILE A O   1 
ATOM   505  C  CB  . ILE A 1 87  ? 0.698   8.491   -8.704  1.00 44.88 ? 87  ILE A CB  1 
ATOM   506  C  CG1 . ILE A 1 87  ? 1.383   7.281   -9.347  1.00 51.45 ? 87  ILE A CG1 1 
ATOM   507  C  CG2 . ILE A 1 87  ? -0.143  8.078   -7.510  1.00 42.78 ? 87  ILE A CG2 1 
ATOM   508  C  CD1 . ILE A 1 87  ? 2.346   6.562   -8.431  1.00 57.00 ? 87  ILE A CD1 1 
ATOM   509  N  N   . ARG A 1 88  ? -0.711  11.380  -8.666  1.00 39.91 ? 88  ARG A N   1 
ATOM   510  C  CA  . ARG A 1 88  ? -1.595  12.378  -8.016  1.00 43.37 ? 88  ARG A CA  1 
ATOM   511  C  C   . ARG A 1 88  ? -2.706  12.798  -8.988  1.00 44.69 ? 88  ARG A C   1 
ATOM   512  O  O   . ARG A 1 88  ? -3.854  12.903  -8.541  1.00 42.18 ? 88  ARG A O   1 
ATOM   513  C  CB  . ARG A 1 88  ? -0.841  13.611  -7.533  1.00 51.11 ? 88  ARG A CB  1 
ATOM   514  C  CG  . ARG A 1 88  ? -1.386  14.163  -6.219  1.00 56.55 ? 88  ARG A CG  1 
ATOM   515  C  CD  . ARG A 1 88  ? -1.771  15.624  -6.270  1.00 62.60 ? 88  ARG A CD  1 
ATOM   516  N  NE  . ARG A 1 88  ? -0.832  16.430  -7.039  1.00 73.43 ? 88  ARG A NE  1 
ATOM   517  C  CZ  . ARG A 1 88  ? -0.965  17.734  -7.283  1.00 80.92 ? 88  ARG A CZ  1 
ATOM   518  N  NH1 . ARG A 1 88  ? -1.998  18.407  -6.800  1.00 76.48 ? 88  ARG A NH1 1 
ATOM   519  N  NH2 . ARG A 1 88  ? -0.050  18.362  -8.006  1.00 79.12 ? 88  ARG A NH2 1 
ATOM   520  N  N   . ALA A 1 89  ? -2.402  12.960  -10.275 1.00 42.48 ? 89  ALA A N   1 
ATOM   521  C  CA  . ALA A 1 89  ? -3.417  13.169  -11.333 1.00 47.70 ? 89  ALA A CA  1 
ATOM   522  C  C   . ALA A 1 89  ? -4.416  11.994  -11.363 1.00 49.83 ? 89  ALA A C   1 
ATOM   523  O  O   . ALA A 1 89  ? -5.400  12.144  -12.078 1.00 53.38 ? 89  ALA A O   1 
ATOM   524  C  CB  . ALA A 1 89  ? -2.753  13.374  -12.680 1.00 48.33 ? 89  ALA A CB  1 
ATOM   525  N  N   . ARG A 1 90  ? -4.193  10.913  -10.595 1.00 50.28 ? 90  ARG A N   1 
ATOM   526  C  CA  . ARG A 1 90  ? -5.068  9.698   -10.487 1.00 50.85 ? 90  ARG A CA  1 
ATOM   527  C  C   . ARG A 1 90  ? -5.248  9.228   -9.021  1.00 48.73 ? 90  ARG A C   1 
ATOM   528  O  O   . ARG A 1 90  ? -5.429  8.030   -8.746  1.00 41.70 ? 90  ARG A O   1 
ATOM   529  C  CB  . ARG A 1 90  ? -4.434  8.587   -11.326 1.00 45.24 ? 90  ARG A CB  1 
ATOM   530  C  CG  . ARG A 1 90  ? -4.383  8.946   -12.802 1.00 54.01 ? 90  ARG A CG  1 
ATOM   531  C  CD  . ARG A 1 90  ? -3.358  8.135   -13.538 1.00 52.38 ? 90  ARG A CD  1 
ATOM   532  N  NE  . ARG A 1 90  ? -3.516  8.320   -14.972 1.00 59.41 ? 90  ARG A NE  1 
ATOM   533  C  CZ  . ARG A 1 90  ? -3.054  9.353   -15.681 1.00 64.89 ? 90  ARG A CZ  1 
ATOM   534  N  NH1 . ARG A 1 90  ? -2.404  10.362  -15.107 1.00 60.85 ? 90  ARG A NH1 1 
ATOM   535  N  NH2 . ARG A 1 90  ? -3.244  9.354   -16.989 1.00 62.91 ? 90  ARG A NH2 1 
ATOM   536  N  N   . SER A 1 91  ? -5.282  10.127  -8.059  1.00 51.42 ? 91  SER A N   1 
ATOM   537  C  CA  . SER A 1 91  ? -5.449  9.717   -6.651  1.00 43.17 ? 91  SER A CA  1 
ATOM   538  C  C   . SER A 1 91  ? -6.805  9.045   -6.444  1.00 52.99 ? 91  SER A C   1 
ATOM   539  O  O   . SER A 1 91  ? -6.970  8.535   -5.329  1.00 59.15 ? 91  SER A O   1 
ATOM   540  C  CB  . SER A 1 91  ? -5.276  10.895  -5.732  1.00 56.94 ? 91  SER A CB  1 
ATOM   541  O  OG  . SER A 1 91  ? -6.050  12.008  -6.163  1.00 58.61 ? 91  SER A OG  1 
ATOM   542  N  N   . ASP A 1 92  ? -7.743  9.076   -7.427  1.00 53.78 ? 92  ASP A N   1 
ATOM   543  C  CA  . ASP A 1 92  ? -8.977  8.233   -7.405  1.00 50.86 ? 92  ASP A CA  1 
ATOM   544  C  C   . ASP A 1 92  ? -8.715  6.769   -7.831  1.00 45.44 ? 92  ASP A C   1 
ATOM   545  O  O   . ASP A 1 92  ? -9.686  5.996   -7.834  1.00 43.10 ? 92  ASP A O   1 
ATOM   546  C  CB  . ASP A 1 92  ? -10.106 8.800   -8.266  1.00 52.34 ? 92  ASP A CB  1 
ATOM   547  C  CG  . ASP A 1 92  ? -9.830  8.714   -9.752  1.00 60.08 ? 92  ASP A CG  1 
ATOM   548  O  OD1 . ASP A 1 92  ? -8.644  8.911   -10.144 1.00 63.10 ? 92  ASP A OD1 1 
ATOM   549  O  OD2 . ASP A 1 92  ? -10.797 8.453   -10.494 1.00 57.66 ? 92  ASP A OD2 1 
ATOM   550  N  N   . GLU A 1 93  ? -7.494  6.389   -8.215  1.00 36.79 ? 93  GLU A N   1 
ATOM   551  C  CA  . GLU A 1 93  ? -7.140  4.988   -8.571  1.00 40.62 ? 93  GLU A CA  1 
ATOM   552  C  C   . GLU A 1 93  ? -6.028  4.476   -7.658  1.00 36.18 ? 93  GLU A C   1 
ATOM   553  O  O   . GLU A 1 93  ? -6.098  3.321   -7.235  1.00 37.24 ? 93  GLU A O   1 
ATOM   554  C  CB  . GLU A 1 93  ? -6.582  4.865   -9.994  1.00 41.20 ? 93  GLU A CB  1 
ATOM   555  C  CG  . GLU A 1 93  ? -7.512  5.394   -11.034 1.00 46.65 ? 93  GLU A CG  1 
ATOM   556  C  CD  . GLU A 1 93  ? -6.832  5.561   -12.374 1.00 52.58 ? 93  GLU A CD  1 
ATOM   557  O  OE1 . GLU A 1 93  ? -6.213  4.595   -12.808 1.00 40.00 ? 93  GLU A OE1 1 
ATOM   558  O  OE2 . GLU A 1 93  ? -6.910  6.675   -12.945 1.00 54.08 ? 93  GLU A OE2 1 
ATOM   559  N  N   . TYR A 1 94  ? -5.000  5.286   -7.444  1.00 34.10 ? 94  TYR A N   1 
ATOM   560  C  CA  . TYR A 1 94  ? -3.762  4.876   -6.737  1.00 34.53 ? 94  TYR A CA  1 
ATOM   561  C  C   . TYR A 1 94  ? -3.807  5.417   -5.313  1.00 34.78 ? 94  TYR A C   1 
ATOM   562  O  O   . TYR A 1 94  ? -3.672  6.643   -5.144  1.00 39.43 ? 94  TYR A O   1 
ATOM   563  C  CB  . TYR A 1 94  ? -2.555  5.407   -7.485  1.00 36.80 ? 94  TYR A CB  1 
ATOM   564  C  CG  . TYR A 1 94  ? -2.278  4.679   -8.767  1.00 39.23 ? 94  TYR A CG  1 
ATOM   565  C  CD1 . TYR A 1 94  ? -2.985  4.980   -9.919  1.00 42.72 ? 94  TYR A CD1 1 
ATOM   566  C  CD2 . TYR A 1 94  ? -1.305  3.695   -8.833  1.00 38.04 ? 94  TYR A CD2 1 
ATOM   567  C  CE1 . TYR A 1 94  ? -2.751  4.305   -11.111 1.00 40.38 ? 94  TYR A CE1 1 
ATOM   568  C  CE2 . TYR A 1 94  ? -1.046  3.027   -10.018 1.00 38.94 ? 94  TYR A CE2 1 
ATOM   569  C  CZ  . TYR A 1 94  ? -1.775  3.326   -11.159 1.00 38.97 ? 94  TYR A CZ  1 
ATOM   570  O  OH  . TYR A 1 94  ? -1.498  2.704   -12.342 1.00 40.27 ? 94  TYR A OH  1 
ATOM   571  N  N   . TYR A 1 95  ? -4.017  4.516   -4.353  1.00 32.62 ? 95  TYR A N   1 
ATOM   572  C  CA  . TYR A 1 95  ? -3.998  4.779   -2.893  1.00 34.66 ? 95  TYR A CA  1 
ATOM   573  C  C   . TYR A 1 95  ? -2.707  4.167   -2.311  1.00 34.36 ? 95  TYR A C   1 
ATOM   574  O  O   . TYR A 1 95  ? -2.696  2.995   -1.869  1.00 37.80 ? 95  TYR A O   1 
ATOM   575  C  CB  . TYR A 1 95  ? -5.315  4.280   -2.303  1.00 32.42 ? 95  TYR A CB  1 
ATOM   576  C  CG  . TYR A 1 95  ? -6.544  4.884   -2.937  1.00 36.46 ? 95  TYR A CG  1 
ATOM   577  C  CD1 . TYR A 1 95  ? -7.062  4.380   -4.122  1.00 38.46 ? 95  TYR A CD1 1 
ATOM   578  C  CD2 . TYR A 1 95  ? -7.200  5.965   -2.360  1.00 38.26 ? 95  TYR A CD2 1 
ATOM   579  C  CE1 . TYR A 1 95  ? -8.180  4.940   -4.720  1.00 42.35 ? 95  TYR A CE1 1 
ATOM   580  C  CE2 . TYR A 1 95  ? -8.315  6.545   -2.950  1.00 39.70 ? 95  TYR A CE2 1 
ATOM   581  C  CZ  . TYR A 1 95  ? -8.815  6.027   -4.135  1.00 45.29 ? 95  TYR A CZ  1 
ATOM   582  O  OH  . TYR A 1 95  ? -9.918  6.587   -4.739  1.00 41.01 ? 95  TYR A OH  1 
ATOM   583  N  N   . LEU A 1 96  ? -1.637  4.957   -2.287  1.00 30.40 ? 96  LEU A N   1 
ATOM   584  C  CA  . LEU A 1 96  ? -0.340  4.585   -1.664  1.00 32.25 ? 96  LEU A CA  1 
ATOM   585  C  C   . LEU A 1 96  ? -0.250  5.162   -0.242  1.00 31.54 ? 96  LEU A C   1 
ATOM   586  O  O   . LEU A 1 96  ? -0.398  6.408   -0.072  1.00 29.03 ? 96  LEU A O   1 
ATOM   587  C  CB  . LEU A 1 96  ? 0.812   5.115   -2.509  1.00 30.77 ? 96  LEU A CB  1 
ATOM   588  C  CG  . LEU A 1 96  ? 1.081   4.352   -3.809  1.00 36.81 ? 96  LEU A CG  1 
ATOM   589  C  CD1 . LEU A 1 96  ? -0.113  4.396   -4.744  1.00 35.13 ? 96  LEU A CD1 1 
ATOM   590  C  CD2 . LEU A 1 96  ? 2.309   4.922   -4.514  1.00 38.44 ? 96  LEU A CD2 1 
ATOM   591  N  N   . LEU A 1 97  ? -0.010  4.309   0.746   1.00 33.43 ? 97  LEU A N   1 
ATOM   592  C  CA  . LEU A 1 97  ? 0.131   4.801   2.142   1.00 34.20 ? 97  LEU A CA  1 
ATOM   593  C  C   . LEU A 1 97  ? 1.428   4.258   2.737   1.00 35.17 ? 97  LEU A C   1 
ATOM   594  O  O   . LEU A 1 97  ? 2.048   3.341   2.152   1.00 36.49 ? 97  LEU A O   1 
ATOM   595  C  CB  . LEU A 1 97  ? -1.137  4.488   2.949   1.00 35.51 ? 97  LEU A CB  1 
ATOM   596  C  CG  . LEU A 1 97  ? -1.705  3.078   2.877   1.00 36.73 ? 97  LEU A CG  1 
ATOM   597  C  CD1 . LEU A 1 97  ? -0.743  2.073   3.473   1.00 39.55 ? 97  LEU A CD1 1 
ATOM   598  C  CD2 . LEU A 1 97  ? -3.044  2.985   3.586   1.00 38.34 ? 97  LEU A CD2 1 
ATOM   599  N  N   . VAL A 1 98  ? 1.875   4.891   3.805   1.00 34.85 ? 98  VAL A N   1 
ATOM   600  C  CA  . VAL A 1 98  ? 3.141   4.556   4.497   1.00 34.70 ? 98  VAL A CA  1 
ATOM   601  C  C   . VAL A 1 98  ? 2.860   4.341   5.987   1.00 38.80 ? 98  VAL A C   1 
ATOM   602  O  O   . VAL A 1 98  ? 1.892   4.935   6.516   1.00 37.84 ? 98  VAL A O   1 
ATOM   603  C  CB  . VAL A 1 98  ? 4.204   5.634   4.241   1.00 35.60 ? 98  VAL A CB  1 
ATOM   604  C  CG1 . VAL A 1 98  ? 4.632   5.626   2.772   1.00 39.14 ? 98  VAL A CG1 1 
ATOM   605  C  CG2 . VAL A 1 98  ? 3.742   7.022   4.657   1.00 37.65 ? 98  VAL A CG2 1 
ATOM   606  N  N   . VAL A 1 99  ? 3.658   3.478   6.613   1.00 39.38 ? 99  VAL A N   1 
ATOM   607  C  CA  . VAL A 1 99  ? 3.801   3.401   8.096   1.00 40.63 ? 99  VAL A CA  1 
ATOM   608  C  C   . VAL A 1 99  ? 5.053   4.189   8.482   1.00 39.03 ? 99  VAL A C   1 
ATOM   609  O  O   . VAL A 1 99  ? 6.085   3.984   7.838   1.00 34.11 ? 99  VAL A O   1 
ATOM   610  C  CB  . VAL A 1 99  ? 3.886   1.947   8.592   1.00 42.76 ? 99  VAL A CB  1 
ATOM   611  C  CG1 . VAL A 1 99  ? 3.901   1.871   10.120  1.00 39.38 ? 99  VAL A CG1 1 
ATOM   612  C  CG2 . VAL A 1 99  ? 2.755   1.095   8.024   1.00 40.11 ? 99  VAL A CG2 1 
ATOM   613  N  N   . CYS A 1 100 ? 4.928   5.067   9.481   1.00 39.83 ? 100 CYS A N   1 
ATOM   614  C  CA  . CYS A 1 100 ? 6.018   5.893   10.075  1.00 42.04 ? 100 CYS A CA  1 
ATOM   615  C  C   . CYS A 1 100 ? 6.200   5.506   11.536  1.00 43.28 ? 100 CYS A C   1 
ATOM   616  O  O   . CYS A 1 100 ? 5.164   5.340   12.219  1.00 35.36 ? 100 CYS A O   1 
ATOM   617  C  CB  . CYS A 1 100 ? 5.696   7.381   10.081  1.00 51.18 ? 100 CYS A CB  1 
ATOM   618  S  SG  . CYS A 1 100 ? 5.604   8.079   8.420   1.00 60.52 ? 100 CYS A SG  1 
ATOM   619  N  N   . ASP A 1 101 ? 7.456   5.409   11.978  1.00 41.49 ? 101 ASP A N   1 
ATOM   620  C  CA  . ASP A 1 101 ? 7.826   5.073   13.376  1.00 47.53 ? 101 ASP A CA  1 
ATOM   621  C  C   . ASP A 1 101 ? 7.677   6.343   14.230  1.00 47.29 ? 101 ASP A C   1 
ATOM   622  O  O   . ASP A 1 101 ? 7.202   7.352   13.688  1.00 41.57 ? 101 ASP A O   1 
ATOM   623  C  CB  . ASP A 1 101 ? 9.232   4.459   13.422  1.00 47.73 ? 101 ASP A CB  1 
ATOM   624  C  CG  . ASP A 1 101 ? 10.352  5.405   13.005  1.00 50.81 ? 101 ASP A CG  1 
ATOM   625  O  OD1 . ASP A 1 101 ? 10.104  6.628   12.939  1.00 45.26 ? 101 ASP A OD1 1 
ATOM   626  O  OD2 . ASP A 1 101 ? 11.460  4.906   12.729  1.00 48.45 ? 101 ASP A OD2 1 
ATOM   627  N  N   . GLY A 1 102 ? 8.118   6.313   15.491  1.00 47.92 ? 102 GLY A N   1 
ATOM   628  C  CA  . GLY A 1 102 ? 8.118   7.496   16.387  1.00 57.05 ? 102 GLY A CA  1 
ATOM   629  C  C   . GLY A 1 102 ? 8.924   8.689   15.852  1.00 50.38 ? 102 GLY A C   1 
ATOM   630  O  O   . GLY A 1 102 ? 8.552   9.824   16.152  1.00 53.42 ? 102 GLY A O   1 
ATOM   631  N  N   . GLU A 1 103 ? 9.974   8.452   15.066  1.00 50.55 ? 103 GLU A N   1 
ATOM   632  C  CA  . GLU A 1 103 ? 10.929  9.471   14.551  1.00 47.41 ? 103 GLU A CA  1 
ATOM   633  C  C   . GLU A 1 103 ? 10.573  9.942   13.132  1.00 42.51 ? 103 GLU A C   1 
ATOM   634  O  O   . GLU A 1 103 ? 11.458  10.497  12.476  1.00 43.62 ? 103 GLU A O   1 
ATOM   635  C  CB  . GLU A 1 103 ? 12.338  8.875   14.549  1.00 51.72 ? 103 GLU A CB  1 
ATOM   636  C  CG  . GLU A 1 103 ? 12.861  8.571   15.940  1.00 57.72 ? 103 GLU A CG  1 
ATOM   637  C  CD  . GLU A 1 103 ? 12.275  7.339   16.614  1.00 62.59 ? 103 GLU A CD  1 
ATOM   638  O  OE1 . GLU A 1 103 ? 12.173  6.269   15.958  1.00 61.04 ? 103 GLU A OE1 1 
ATOM   639  O  OE2 . GLU A 1 103 ? 11.892  7.460   17.786  1.00 65.34 ? 103 GLU A OE2 1 
ATOM   640  N  N   . GLY A 1 104 ? 9.347   9.711   12.650  1.00 43.57 ? 104 GLY A N   1 
ATOM   641  C  CA  . GLY A 1 104 ? 8.894   10.109  11.299  1.00 44.36 ? 104 GLY A CA  1 
ATOM   642  C  C   . GLY A 1 104 ? 9.678   9.467   10.152  1.00 46.83 ? 104 GLY A C   1 
ATOM   643  O  O   . GLY A 1 104 ? 9.639   10.032  9.056   1.00 53.77 ? 104 GLY A O   1 
ATOM   644  N  N   . ARG A 1 105 ? 10.356  8.332   10.360  1.00 40.38 ? 105 ARG A N   1 
ATOM   645  C  CA  . ARG A 1 105 ? 10.993  7.540   9.271   1.00 38.87 ? 105 ARG A CA  1 
ATOM   646  C  C   . ARG A 1 105 ? 9.930   6.599   8.695   1.00 39.07 ? 105 ARG A C   1 
ATOM   647  O  O   . ARG A 1 105 ? 9.122   6.090   9.495   1.00 40.84 ? 105 ARG A O   1 
ATOM   648  C  CB  . ARG A 1 105 ? 12.169  6.704   9.787   1.00 40.75 ? 105 ARG A CB  1 
ATOM   649  C  CG  . ARG A 1 105 ? 13.235  7.521   10.510  1.00 46.94 ? 105 ARG A CG  1 
ATOM   650  C  CD  . ARG A 1 105 ? 14.311  6.709   11.226  1.00 49.37 ? 105 ARG A CD  1 
ATOM   651  N  NE  . ARG A 1 105 ? 13.883  6.214   12.533  1.00 49.84 ? 105 ARG A NE  1 
ATOM   652  C  CZ  . ARG A 1 105 ? 14.694  5.810   13.512  1.00 51.31 ? 105 ARG A CZ  1 
ATOM   653  N  NH1 . ARG A 1 105 ? 16.004  5.837   13.355  1.00 46.67 ? 105 ARG A NH1 1 
ATOM   654  N  NH2 . ARG A 1 105 ? 14.195  5.399   14.666  1.00 54.87 ? 105 ARG A NH2 1 
ATOM   655  N  N   . ILE A 1 106 ? 9.934   6.362   7.377   1.00 40.09 ? 106 ILE A N   1 
ATOM   656  C  CA  . ILE A 1 106 ? 9.039   5.353   6.730   1.00 39.74 ? 106 ILE A CA  1 
ATOM   657  C  C   . ILE A 1 106 ? 9.587   3.962   7.067   1.00 37.10 ? 106 ILE A C   1 
ATOM   658  O  O   . ILE A 1 106 ? 10.767  3.730   6.819   1.00 35.41 ? 106 ILE A O   1 
ATOM   659  C  CB  . ILE A 1 106 ? 8.953   5.542   5.203   1.00 41.79 ? 106 ILE A CB  1 
ATOM   660  C  CG1 . ILE A 1 106 ? 8.528   6.954   4.795   1.00 48.63 ? 106 ILE A CG1 1 
ATOM   661  C  CG2 . ILE A 1 106 ? 8.042   4.486   4.596   1.00 38.84 ? 106 ILE A CG2 1 
ATOM   662  C  CD1 . ILE A 1 106 ? 7.405   7.485   5.600   1.00 51.93 ? 106 ILE A CD1 1 
ATOM   663  N  N   . VAL A 1 107 ? 8.758   3.064   7.590   1.00 36.24 ? 107 VAL A N   1 
ATOM   664  C  CA  . VAL A 1 107 ? 9.197   1.679   7.945   1.00 38.90 ? 107 VAL A CA  1 
ATOM   665  C  C   . VAL A 1 107 ? 8.338   0.645   7.197   1.00 39.10 ? 107 VAL A C   1 
ATOM   666  O  O   . VAL A 1 107 ? 8.671   -0.550  7.301   1.00 37.76 ? 107 VAL A O   1 
ATOM   667  C  CB  . VAL A 1 107 ? 9.155   1.427   9.469   1.00 36.13 ? 107 VAL A CB  1 
ATOM   668  C  CG1 . VAL A 1 107 ? 10.273  2.178   10.192  1.00 36.19 ? 107 VAL A CG1 1 
ATOM   669  C  CG2 . VAL A 1 107 ? 7.792   1.751   10.046  1.00 33.78 ? 107 VAL A CG2 1 
ATOM   670  N  N   . GLY A 1 108 ? 7.291   1.082   6.477   1.00 36.07 ? 108 GLY A N   1 
ATOM   671  C  CA  . GLY A 1 108 ? 6.306   0.204   5.813   1.00 37.75 ? 108 GLY A CA  1 
ATOM   672  C  C   . GLY A 1 108 ? 5.606   0.923   4.673   1.00 38.06 ? 108 GLY A C   1 
ATOM   673  O  O   . GLY A 1 108 ? 5.462   2.162   4.769   1.00 33.26 ? 108 GLY A O   1 
ATOM   674  N  N   . THR A 1 109 ? 5.221   0.190   3.620   1.00 37.13 ? 109 THR A N   1 
ATOM   675  C  CA  . THR A 1 109 ? 4.517   0.720   2.424   1.00 37.28 ? 109 THR A CA  1 
ATOM   676  C  C   . THR A 1 109 ? 3.437   -0.265  2.008   1.00 37.14 ? 109 THR A C   1 
ATOM   677  O  O   . THR A 1 109 ? 3.599   -1.468  2.244   1.00 35.35 ? 109 THR A O   1 
ATOM   678  C  CB  . THR A 1 109 ? 5.402   0.962   1.186   1.00 45.06 ? 109 THR A CB  1 
ATOM   679  O  OG1 . THR A 1 109 ? 5.910   -0.278  0.691   1.00 53.12 ? 109 THR A OG1 1 
ATOM   680  C  CG2 . THR A 1 109 ? 6.593   1.848   1.442   1.00 49.28 ? 109 THR A CG2 1 
ATOM   681  N  N   . GLY A 1 110 ? 2.402   0.259   1.360   1.00 35.21 ? 110 GLY A N   1 
ATOM   682  C  CA  . GLY A 1 110 ? 1.255   -0.507  0.862   1.00 35.70 ? 110 GLY A CA  1 
ATOM   683  C  C   . GLY A 1 110 ? 0.466   0.316   -0.123  1.00 34.05 ? 110 GLY A C   1 
ATOM   684  O  O   . GLY A 1 110 ? 0.255   1.523   0.148   1.00 30.29 ? 110 GLY A O   1 
ATOM   685  N  N   . SER A 1 111 ? 0.034   -0.340  -1.204  1.00 36.81 ? 111 SER A N   1 
ATOM   686  C  CA  . SER A 1 111 ? -0.721  0.239   -2.341  1.00 37.19 ? 111 SER A CA  1 
ATOM   687  C  C   . SER A 1 111 ? -2.043  -0.492  -2.545  1.00 35.77 ? 111 SER A C   1 
ATOM   688  O  O   . SER A 1 111 ? -2.079  -1.735  -2.481  1.00 35.80 ? 111 SER A O   1 
ATOM   689  C  CB  . SER A 1 111 ? 0.070   0.186   -3.614  1.00 37.67 ? 111 SER A CB  1 
ATOM   690  O  OG  . SER A 1 111 ? 1.326   0.806   -3.419  1.00 47.70 ? 111 SER A OG  1 
ATOM   691  N  N   . LEU A 1 112 ? -3.080  0.282   -2.837  1.00 36.46 ? 112 LEU A N   1 
ATOM   692  C  CA  . LEU A 1 112 ? -4.337  -0.204  -3.435  1.00 35.42 ? 112 LEU A CA  1 
ATOM   693  C  C   . LEU A 1 112 ? -4.553  0.551   -4.744  1.00 36.76 ? 112 LEU A C   1 
ATOM   694  O  O   . LEU A 1 112 ? -4.424  1.789   -4.777  1.00 37.62 ? 112 LEU A O   1 
ATOM   695  C  CB  . LEU A 1 112 ? -5.475  0.041   -2.453  1.00 33.99 ? 112 LEU A CB  1 
ATOM   696  C  CG  . LEU A 1 112 ? -6.851  -0.447  -2.901  1.00 37.31 ? 112 LEU A CG  1 
ATOM   697  C  CD1 . LEU A 1 112 ? -7.026  -1.935  -2.637  1.00 40.68 ? 112 LEU A CD1 1 
ATOM   698  C  CD2 . LEU A 1 112 ? -7.921  0.340   -2.184  1.00 37.62 ? 112 LEU A CD2 1 
ATOM   699  N  N   . VAL A 1 113 ? -4.815  -0.193  -5.801  1.00 34.55 ? 113 VAL A N   1 
ATOM   700  C  CA  . VAL A 1 113 ? -5.148  0.361   -7.136  1.00 32.04 ? 113 VAL A CA  1 
ATOM   701  C  C   . VAL A 1 113 ? -6.559  -0.116  -7.410  1.00 31.74 ? 113 VAL A C   1 
ATOM   702  O  O   . VAL A 1 113 ? -6.755  -1.330  -7.382  1.00 33.04 ? 113 VAL A O   1 
ATOM   703  C  CB  . VAL A 1 113 ? -4.143  -0.113  -8.199  1.00 31.25 ? 113 VAL A CB  1 
ATOM   704  C  CG1 . VAL A 1 113 ? -4.428  0.523   -9.542  1.00 33.66 ? 113 VAL A CG1 1 
ATOM   705  C  CG2 . VAL A 1 113 ? -2.726  0.191   -7.768  1.00 34.45 ? 113 VAL A CG2 1 
ATOM   706  N  N   . VAL A 1 114 ? -7.489  0.810   -7.608  1.00 32.67 ? 114 VAL A N   1 
ATOM   707  C  CA  . VAL A 1 114 ? -8.915  0.515   -7.876  1.00 36.64 ? 114 VAL A CA  1 
ATOM   708  C  C   . VAL A 1 114 ? -9.134  0.471   -9.388  1.00 39.50 ? 114 VAL A C   1 
ATOM   709  O  O   . VAL A 1 114 ? -9.126  1.537   -10.036 1.00 41.49 ? 114 VAL A O   1 
ATOM   710  C  CB  . VAL A 1 114 ? -9.813  1.544   -7.179  1.00 41.39 ? 114 VAL A CB  1 
ATOM   711  C  CG1 . VAL A 1 114 ? -11.295 1.271   -7.458  1.00 41.73 ? 114 VAL A CG1 1 
ATOM   712  C  CG2 . VAL A 1 114 ? -9.511  1.557   -5.685  1.00 39.30 ? 114 VAL A CG2 1 
ATOM   713  N  N   . GLU A 1 115 ? -9.354  -0.742  -9.889  1.00 40.37 ? 115 GLU A N   1 
ATOM   714  C  CA  . GLU A 1 115 ? -9.757  -1.033  -11.280 1.00 41.70 ? 115 GLU A CA  1 
ATOM   715  C  C   . GLU A 1 115 ? -11.252 -0.742  -11.456 1.00 41.84 ? 115 GLU A C   1 
ATOM   716  O  O   . GLU A 1 115 ? -12.064 -1.240  -10.635 1.00 40.27 ? 115 GLU A O   1 
ATOM   717  C  CB  . GLU A 1 115 ? -9.483  -2.504  -11.578 1.00 44.07 ? 115 GLU A CB  1 
ATOM   718  C  CG  . GLU A 1 115 ? -9.582  -2.851  -13.051 1.00 46.19 ? 115 GLU A CG  1 
ATOM   719  C  CD  . GLU A 1 115 ? -9.709  -4.343  -13.327 1.00 49.84 ? 115 GLU A CD  1 
ATOM   720  O  OE1 . GLU A 1 115 ? -9.717  -5.130  -12.340 1.00 46.43 ? 115 GLU A OE1 1 
ATOM   721  O  OE2 . GLU A 1 115 ? -9.777  -4.723  -14.537 1.00 49.47 ? 115 GLU A OE2 1 
ATOM   722  N  N   . ARG A 1 116 ? -11.600 0.022   -12.495 1.00 42.43 ? 116 ARG A N   1 
ATOM   723  C  CA  . ARG A 1 116 ? -13.005 0.181   -12.965 1.00 42.65 ? 116 ARG A CA  1 
ATOM   724  C  C   . ARG A 1 116 ? -13.299 -0.900  -13.996 1.00 39.37 ? 116 ARG A C   1 
ATOM   725  O  O   . ARG A 1 116 ? -12.439 -1.120  -14.856 1.00 40.33 ? 116 ARG A O   1 
ATOM   726  C  CB  . ARG A 1 116 ? -13.268 1.554   -13.581 1.00 42.71 ? 116 ARG A CB  1 
ATOM   727  C  CG  . ARG A 1 116 ? -13.670 2.582   -12.541 1.00 45.01 ? 116 ARG A CG  1 
ATOM   728  C  CD  . ARG A 1 116 ? -12.555 2.776   -11.542 1.00 43.09 ? 116 ARG A CD  1 
ATOM   729  N  NE  . ARG A 1 116 ? -12.829 3.922   -10.696 1.00 45.93 ? 116 ARG A NE  1 
ATOM   730  C  CZ  . ARG A 1 116 ? -11.988 4.428   -9.801  1.00 48.11 ? 116 ARG A CZ  1 
ATOM   731  N  NH1 . ARG A 1 116 ? -10.775 3.923   -9.633  1.00 46.10 ? 116 ARG A NH1 1 
ATOM   732  N  NH2 . ARG A 1 116 ? -12.362 5.478   -9.096  1.00 48.70 ? 116 ARG A NH2 1 
ATOM   733  N  N   . LYS A 1 117 ? -14.482 -1.499  -13.892 1.00 39.43 ? 117 LYS A N   1 
ATOM   734  C  CA  . LYS A 1 117 ? -14.973 -2.625  -14.723 1.00 43.56 ? 117 LYS A CA  1 
ATOM   735  C  C   . LYS A 1 117 ? -16.252 -2.201  -15.430 1.00 45.44 ? 117 LYS A C   1 
ATOM   736  O  O   . LYS A 1 117 ? -16.855 -1.187  -15.023 1.00 50.66 ? 117 LYS A O   1 
ATOM   737  C  CB  . LYS A 1 117 ? -15.339 -3.826  -13.848 1.00 47.17 ? 117 LYS A CB  1 
ATOM   738  C  CG  . LYS A 1 117 ? -14.203 -4.449  -13.057 1.00 49.28 ? 117 LYS A CG  1 
ATOM   739  C  CD  . LYS A 1 117 ? -13.207 -5.173  -13.913 1.00 48.91 ? 117 LYS A CD  1 
ATOM   740  C  CE  . LYS A 1 117 ? -12.564 -6.345  -13.213 1.00 52.38 ? 117 LYS A CE  1 
ATOM   741  N  NZ  . LYS A 1 117 ? -11.633 -7.063  -14.111 1.00 55.81 ? 117 LYS A NZ  1 
ATOM   742  N  N   . PHE A 1 118 ? -16.672 -2.978  -16.423 1.00 42.31 ? 118 PHE A N   1 
ATOM   743  C  CA  . PHE A 1 118 ? -18.050 -2.923  -16.957 1.00 43.87 ? 118 PHE A CA  1 
ATOM   744  C  C   . PHE A 1 118 ? -18.887 -3.963  -16.217 1.00 45.92 ? 118 PHE A C   1 
ATOM   745  O  O   . PHE A 1 118 ? -20.058 -3.637  -15.928 1.00 50.40 ? 118 PHE A O   1 
ATOM   746  C  CB  . PHE A 1 118 ? -18.074 -3.109  -18.469 1.00 42.11 ? 118 PHE A CB  1 
ATOM   747  C  CG  . PHE A 1 118 ? -17.703 -1.861  -19.223 1.00 41.76 ? 118 PHE A CG  1 
ATOM   748  C  CD1 . PHE A 1 118 ? -18.535 -0.753  -19.208 1.00 42.42 ? 118 PHE A CD1 1 
ATOM   749  C  CD2 . PHE A 1 118 ? -16.538 -1.804  -19.972 1.00 42.36 ? 118 PHE A CD2 1 
ATOM   750  C  CE1 . PHE A 1 118 ? -18.206 0.391   -19.919 1.00 41.49 ? 118 PHE A CE1 1 
ATOM   751  C  CE2 . PHE A 1 118 ? -16.222 -0.669  -20.697 1.00 40.99 ? 118 PHE A CE2 1 
ATOM   752  C  CZ  . PHE A 1 118 ? -17.045 0.435   -20.652 1.00 42.33 ? 118 PHE A CZ  1 
ATOM   753  N  N   . ILE A 1 119 ? -18.283 -5.118  -15.884 1.00 45.55 ? 119 ILE A N   1 
ATOM   754  C  CA  . ILE A 1 119 ? -18.950 -6.269  -15.200 1.00 45.14 ? 119 ILE A CA  1 
ATOM   755  C  C   . ILE A 1 119 ? -19.373 -5.860  -13.785 1.00 40.74 ? 119 ILE A C   1 
ATOM   756  O  O   . ILE A 1 119 ? -18.875 -4.838  -13.266 1.00 39.06 ? 119 ILE A O   1 
ATOM   757  C  CB  . ILE A 1 119 ? -18.072 -7.539  -15.178 1.00 51.45 ? 119 ILE A CB  1 
ATOM   758  C  CG1 . ILE A 1 119 ? -16.778 -7.372  -14.375 1.00 54.69 ? 119 ILE A CG1 1 
ATOM   759  C  CG2 . ILE A 1 119 ? -17.802 -8.023  -16.598 1.00 55.85 ? 119 ILE A CG2 1 
ATOM   760  C  CD1 . ILE A 1 119 ? -16.158 -8.691  -13.940 1.00 55.86 ? 119 ILE A CD1 1 
ATOM   761  N  N   . HIS A 1 120 ? -20.269 -6.639  -13.194 1.00 41.03 ? 120 HIS A N   1 
ATOM   762  C  CA  . HIS A 1 120 ? -20.826 -6.391  -11.837 1.00 44.31 ? 120 HIS A CA  1 
ATOM   763  C  C   . HIS A 1 120 ? -21.412 -4.977  -11.780 1.00 43.67 ? 120 HIS A C   1 
ATOM   764  O  O   . HIS A 1 120 ? -21.027 -4.230  -10.894 1.00 45.74 ? 120 HIS A O   1 
ATOM   765  C  CB  . HIS A 1 120 ? -19.747 -6.595  -10.764 1.00 44.44 ? 120 HIS A CB  1 
ATOM   766  C  CG  . HIS A 1 120 ? -19.335 -8.014  -10.606 1.00 49.72 ? 120 HIS A CG  1 
ATOM   767  N  ND1 . HIS A 1 120 ? -20.007 -8.891  -9.781  1.00 60.15 ? 120 HIS A ND1 1 
ATOM   768  C  CD2 . HIS A 1 120 ? -18.329 -8.713  -11.172 1.00 54.18 ? 120 HIS A CD2 1 
ATOM   769  C  CE1 . HIS A 1 120 ? -19.443 -10.080 -9.863  1.00 60.96 ? 120 HIS A CE1 1 
ATOM   770  N  NE2 . HIS A 1 120 ? -18.404 -9.992  -10.705 1.00 58.13 ? 120 HIS A NE2 1 
ATOM   771  N  N   . SER A 1 121 ? -22.271 -4.614  -12.729 1.00 44.33 ? 121 SER A N   1 
ATOM   772  C  CA  . SER A 1 121 ? -22.984 -3.316  -12.736 1.00 47.66 ? 121 SER A CA  1 
ATOM   773  C  C   . SER A 1 121 ? -21.950 -2.202  -12.623 1.00 47.89 ? 121 SER A C   1 
ATOM   774  O  O   . SER A 1 121 ? -22.034 -1.404  -11.668 1.00 41.87 ? 121 SER A O   1 
ATOM   775  C  CB  . SER A 1 121 ? -23.977 -3.252  -11.594 1.00 51.03 ? 121 SER A CB  1 
ATOM   776  O  OG  . SER A 1 121 ? -24.815 -4.395  -11.608 1.00 50.51 ? 121 SER A OG  1 
ATOM   777  N  N   . LEU A 1 122 ? -20.983 -2.165  -13.543 1.00 42.07 ? 122 LEU A N   1 
ATOM   778  C  CA  . LEU A 1 122 ? -19.906 -1.148  -13.523 1.00 45.84 ? 122 LEU A CA  1 
ATOM   779  C  C   . LEU A 1 122 ? -19.181 -1.194  -12.163 1.00 48.08 ? 122 LEU A C   1 
ATOM   780  O  O   . LEU A 1 122 ? -18.947 -0.107  -11.581 1.00 43.03 ? 122 LEU A O   1 
ATOM   781  C  CB  . LEU A 1 122 ? -20.510 0.241   -13.737 1.00 45.93 ? 122 LEU A CB  1 
ATOM   782  C  CG  . LEU A 1 122 ? -21.364 0.458   -14.982 1.00 45.92 ? 122 LEU A CG  1 
ATOM   783  C  CD1 . LEU A 1 122 ? -21.854 1.897   -15.004 1.00 48.85 ? 122 LEU A CD1 1 
ATOM   784  C  CD2 . LEU A 1 122 ? -20.587 0.139   -16.251 1.00 48.90 ? 122 LEU A CD2 1 
ATOM   785  N  N   . GLY A 1 123 ? -18.839 -2.400  -11.691 1.00 47.13 ? 123 GLY A N   1 
ATOM   786  C  CA  . GLY A 1 123 ? -18.144 -2.653  -10.413 1.00 46.55 ? 123 GLY A CA  1 
ATOM   787  C  C   . GLY A 1 123 ? -16.720 -2.099  -10.373 1.00 43.12 ? 123 GLY A C   1 
ATOM   788  O  O   . GLY A 1 123 ? -16.213 -1.524  -11.382 1.00 39.10 ? 123 GLY A O   1 
ATOM   789  N  N   . MET A 1 124 ? -16.095 -2.237  -9.213  1.00 38.93 ? 124 MET A N   1 
ATOM   790  C  CA  . MET A 1 124 ? -14.703 -1.812  -8.960  1.00 40.68 ? 124 MET A CA  1 
ATOM   791  C  C   . MET A 1 124 ? -14.002 -2.920  -8.175  1.00 39.19 ? 124 MET A C   1 
ATOM   792  O  O   . MET A 1 124 ? -14.597 -3.412  -7.192  1.00 38.32 ? 124 MET A O   1 
ATOM   793  C  CB  . MET A 1 124 ? -14.648 -0.506  -8.162  1.00 45.23 ? 124 MET A CB  1 
ATOM   794  C  CG  . MET A 1 124 ? -15.049 0.705   -8.967  1.00 53.57 ? 124 MET A CG  1 
ATOM   795  S  SD  . MET A 1 124 ? -15.122 2.174   -7.918  1.00 66.95 ? 124 MET A SD  1 
ATOM   796  C  CE  . MET A 1 124 ? -16.598 1.802   -6.970  1.00 61.09 ? 124 MET A CE  1 
ATOM   797  N  N   . VAL A 1 125 ? -12.768 -3.259  -8.571  1.00 35.39 ? 125 VAL A N   1 
ATOM   798  C  CA  . VAL A 1 125 ? -11.924 -4.252  -7.847  1.00 35.91 ? 125 VAL A CA  1 
ATOM   799  C  C   . VAL A 1 125 ? -10.710 -3.550  -7.223  1.00 36.22 ? 125 VAL A C   1 
ATOM   800  O  O   . VAL A 1 125 ? -9.956  -2.849  -7.958  1.00 41.01 ? 125 VAL A O   1 
ATOM   801  C  CB  . VAL A 1 125 ? -11.541 -5.417  -8.779  1.00 36.76 ? 125 VAL A CB  1 
ATOM   802  C  CG1 . VAL A 1 125 ? -10.576 -6.384  -8.117  1.00 41.18 ? 125 VAL A CG1 1 
ATOM   803  C  CG2 . VAL A 1 125 ? -12.792 -6.148  -9.245  1.00 35.11 ? 125 VAL A CG2 1 
ATOM   804  N  N   . GLY A 1 126 ? -10.521 -3.748  -5.916  1.00 33.96 ? 126 GLY A N   1 
ATOM   805  C  CA  . GLY A 1 126 ? -9.294  -3.374  -5.188  1.00 35.42 ? 126 GLY A CA  1 
ATOM   806  C  C   . GLY A 1 126 ? -8.152  -4.352  -5.444  1.00 33.98 ? 126 GLY A C   1 
ATOM   807  O  O   . GLY A 1 126 ? -8.341  -5.548  -5.199  1.00 39.55 ? 126 GLY A O   1 
ATOM   808  N  N   . HIS A 1 127 ? -7.016  -3.864  -5.944  1.00 35.43 ? 127 HIS A N   1 
ATOM   809  C  CA  . HIS A 1 127 ? -5.754  -4.632  -6.131  1.00 33.47 ? 127 HIS A CA  1 
ATOM   810  C  C   . HIS A 1 127 ? -4.707  -4.180  -5.113  1.00 33.25 ? 127 HIS A C   1 
ATOM   811  O  O   . HIS A 1 127 ? -4.189  -3.029  -5.207  1.00 35.16 ? 127 HIS A O   1 
ATOM   812  C  CB  . HIS A 1 127 ? -5.238  -4.494  -7.573  1.00 33.77 ? 127 HIS A CB  1 
ATOM   813  C  CG  . HIS A 1 127 ? -6.253  -4.941  -8.563  1.00 36.29 ? 127 HIS A CG  1 
ATOM   814  N  ND1 . HIS A 1 127 ? -6.434  -6.267  -8.876  1.00 34.71 ? 127 HIS A ND1 1 
ATOM   815  C  CD2 . HIS A 1 127 ? -7.174  -4.251  -9.278  1.00 35.99 ? 127 HIS A CD2 1 
ATOM   816  C  CE1 . HIS A 1 127 ? -7.426  -6.382  -9.744  1.00 34.92 ? 127 HIS A CE1 1 
ATOM   817  N  NE2 . HIS A 1 127 ? -7.902  -5.161  -10.009 1.00 35.77 ? 127 HIS A NE2 1 
ATOM   818  N  N   . ILE A 1 128 ? -4.341  -5.060  -4.192  1.00 34.42 ? 128 ILE A N   1 
ATOM   819  C  CA  . ILE A 1 128 ? -3.251  -4.775  -3.219  1.00 35.71 ? 128 ILE A CA  1 
ATOM   820  C  C   . ILE A 1 128 ? -1.901  -5.098  -3.860  1.00 37.30 ? 128 ILE A C   1 
ATOM   821  O  O   . ILE A 1 128 ? -1.731  -6.244  -4.314  1.00 38.10 ? 128 ILE A O   1 
ATOM   822  C  CB  . ILE A 1 128 ? -3.469  -5.532  -1.901  1.00 38.16 ? 128 ILE A CB  1 
ATOM   823  C  CG1 . ILE A 1 128 ? -4.519  -4.805  -1.054  1.00 36.90 ? 128 ILE A CG1 1 
ATOM   824  C  CG2 . ILE A 1 128 ? -2.142  -5.703  -1.176  1.00 39.54 ? 128 ILE A CG2 1 
ATOM   825  C  CD1 . ILE A 1 128 ? -4.963  -5.556  0.152   1.00 42.09 ? 128 ILE A CD1 1 
ATOM   826  N  N   . GLU A 1 129 ? -0.973  -4.138  -3.824  1.00 36.93 ? 129 GLU A N   1 
ATOM   827  C  CA  . GLU A 1 129 ? 0.367   -4.261  -4.458  1.00 40.51 ? 129 GLU A CA  1 
ATOM   828  C  C   . GLU A 1 129 ? 1.448   -3.746  -3.503  1.00 39.07 ? 129 GLU A C   1 
ATOM   829  O  O   . GLU A 1 129 ? 1.139   -2.912  -2.625  1.00 38.82 ? 129 GLU A O   1 
ATOM   830  C  CB  . GLU A 1 129 ? 0.430   -3.465  -5.756  1.00 44.56 ? 129 GLU A CB  1 
ATOM   831  C  CG  . GLU A 1 129 ? -0.626  -3.846  -6.765  1.00 49.04 ? 129 GLU A CG  1 
ATOM   832  C  CD  . GLU A 1 129 ? -0.268  -5.009  -7.680  1.00 55.47 ? 129 GLU A CD  1 
ATOM   833  O  OE1 . GLU A 1 129 ? 0.943   -5.259  -7.926  1.00 54.85 ? 129 GLU A OE1 1 
ATOM   834  O  OE2 . GLU A 1 129 ? -1.204  -5.662  -8.153  1.00 59.85 ? 129 GLU A OE2 1 
ATOM   835  N  N   . ASP A 1 130 ? 2.669   -4.255  -3.675  1.00 38.78 ? 130 ASP A N   1 
ATOM   836  C  CA  . ASP A 1 130 ? 3.939   -3.655  -3.201  1.00 38.45 ? 130 ASP A CA  1 
ATOM   837  C  C   . ASP A 1 130 ? 3.837   -3.389  -1.689  1.00 37.62 ? 130 ASP A C   1 
ATOM   838  O  O   . ASP A 1 130 ? 4.030   -2.236  -1.261  1.00 36.26 ? 130 ASP A O   1 
ATOM   839  C  CB  . ASP A 1 130 ? 4.290   -2.453  -4.095  1.00 41.48 ? 130 ASP A CB  1 
ATOM   840  C  CG  . ASP A 1 130 ? 4.452   -2.822  -5.578  1.00 44.65 ? 130 ASP A CG  1 
ATOM   841  O  OD1 . ASP A 1 130 ? 4.826   -3.963  -5.863  1.00 51.75 ? 130 ASP A OD1 1 
ATOM   842  O  OD2 . ASP A 1 130 ? 4.205   -1.964  -6.443  1.00 47.18 ? 130 ASP A OD2 1 
ATOM   843  N  N   . ILE A 1 131 ? 3.524   -4.437  -0.928  1.00 32.76 ? 131 ILE A N   1 
ATOM   844  C  CA  . ILE A 1 131 ? 3.538   -4.458  0.562   1.00 38.05 ? 131 ILE A CA  1 
ATOM   845  C  C   . ILE A 1 131 ? 4.982   -4.756  0.990   1.00 39.65 ? 131 ILE A C   1 
ATOM   846  O  O   . ILE A 1 131 ? 5.583   -5.751  0.516   1.00 43.05 ? 131 ILE A O   1 
ATOM   847  C  CB  . ILE A 1 131 ? 2.563   -5.510  1.107   1.00 39.49 ? 131 ILE A CB  1 
ATOM   848  C  CG1 . ILE A 1 131 ? 1.166   -5.371  0.488   1.00 43.34 ? 131 ILE A CG1 1 
ATOM   849  C  CG2 . ILE A 1 131 ? 2.529   -5.484  2.633   1.00 36.49 ? 131 ILE A CG2 1 
ATOM   850  C  CD1 . ILE A 1 131 ? 0.416   -4.144  0.909   1.00 41.16 ? 131 ILE A CD1 1 
ATOM   851  N  N   . ALA A 1 132 ? 5.561   -3.883  1.786   1.00 33.92 ? 132 ALA A N   1 
ATOM   852  C  CA  . ALA A 1 132 ? 6.953   -4.011  2.254   1.00 36.16 ? 132 ALA A CA  1 
ATOM   853  C  C   . ALA A 1 132 ? 7.012   -3.468  3.671   1.00 37.18 ? 132 ALA A C   1 
ATOM   854  O  O   . ALA A 1 132 ? 6.400   -2.420  3.900   1.00 35.96 ? 132 ALA A O   1 
ATOM   855  C  CB  . ALA A 1 132 ? 7.859   -3.243  1.343   1.00 33.13 ? 132 ALA A CB  1 
ATOM   856  N  N   . VAL A 1 133 ? 7.699   -4.172  4.561   1.00 36.97 ? 133 VAL A N   1 
ATOM   857  C  CA  . VAL A 1 133 ? 8.082   -3.675  5.913   1.00 37.68 ? 133 VAL A CA  1 
ATOM   858  C  C   . VAL A 1 133 ? 9.597   -3.845  6.068   1.00 38.72 ? 133 VAL A C   1 
ATOM   859  O  O   . VAL A 1 133 ? 10.102  -4.979  5.816   1.00 38.91 ? 133 VAL A O   1 
ATOM   860  C  CB  . VAL A 1 133 ? 7.316   -4.420  7.018   1.00 40.39 ? 133 VAL A CB  1 
ATOM   861  C  CG1 . VAL A 1 133 ? 7.852   -4.060  8.401   1.00 39.64 ? 133 VAL A CG1 1 
ATOM   862  C  CG2 . VAL A 1 133 ? 5.818   -4.181  6.920   1.00 41.22 ? 133 VAL A CG2 1 
ATOM   863  N  N   . GLU A 1 134 ? 10.285  -2.767  6.441   1.00 35.31 ? 134 GLU A N   1 
ATOM   864  C  CA  . GLU A 1 134 ? 11.731  -2.750  6.806   1.00 44.89 ? 134 GLU A CA  1 
ATOM   865  C  C   . GLU A 1 134 ? 12.082  -3.967  7.677   1.00 41.95 ? 134 GLU A C   1 
ATOM   866  O  O   . GLU A 1 134 ? 11.370  -4.211  8.681   1.00 41.47 ? 134 GLU A O   1 
ATOM   867  C  CB  . GLU A 1 134 ? 11.992  -1.445  7.555   1.00 49.64 ? 134 GLU A CB  1 
ATOM   868  C  CG  . GLU A 1 134 ? 13.421  -1.235  7.997   1.00 58.08 ? 134 GLU A CG  1 
ATOM   869  C  CD  . GLU A 1 134 ? 13.593  0.144   8.608   1.00 59.85 ? 134 GLU A CD  1 
ATOM   870  O  OE1 . GLU A 1 134 ? 13.621  1.118   7.828   1.00 65.73 ? 134 GLU A OE1 1 
ATOM   871  O  OE2 . GLU A 1 134 ? 13.614  0.248   9.859   1.00 63.96 ? 134 GLU A OE2 1 
ATOM   872  N  N   . LYS A 1 135 ? 13.148  -4.690  7.328   1.00 42.15 ? 135 LYS A N   1 
ATOM   873  C  CA  . LYS A 1 135 ? 13.513  -5.994  7.952   1.00 48.86 ? 135 LYS A CA  1 
ATOM   874  C  C   . LYS A 1 135 ? 13.513  -5.864  9.481   1.00 43.39 ? 135 LYS A C   1 
ATOM   875  O  O   . LYS A 1 135 ? 12.772  -6.614  10.134  1.00 43.86 ? 135 LYS A O   1 
ATOM   876  C  CB  . LYS A 1 135 ? 14.870  -6.499  7.442   1.00 55.06 ? 135 LYS A CB  1 
ATOM   877  C  CG  . LYS A 1 135 ? 14.815  -7.640  6.434   1.00 62.88 ? 135 LYS A CG  1 
ATOM   878  C  CD  . LYS A 1 135 ? 16.191  -8.043  5.917   1.00 72.45 ? 135 LYS A CD  1 
ATOM   879  C  CE  . LYS A 1 135 ? 16.384  -9.543  5.784   1.00 79.74 ? 135 LYS A CE  1 
ATOM   880  N  NZ  . LYS A 1 135 ? 17.811  -9.916  5.593   1.00 84.67 ? 135 LYS A NZ  1 
ATOM   881  N  N   . GLY A 1 136 ? 14.285  -4.929  10.029  1.00 42.25 ? 136 GLY A N   1 
ATOM   882  C  CA  . GLY A 1 136 ? 14.351  -4.687  11.489  1.00 42.20 ? 136 GLY A CA  1 
ATOM   883  C  C   . GLY A 1 136 ? 12.985  -4.485  12.116  1.00 44.07 ? 136 GLY A C   1 
ATOM   884  O  O   . GLY A 1 136 ? 12.885  -4.625  13.337  1.00 49.19 ? 136 GLY A O   1 
ATOM   885  N  N   . GLN A 1 137 ? 11.954  -4.179  11.324  1.00 40.82 ? 137 GLN A N   1 
ATOM   886  C  CA  . GLN A 1 137 ? 10.592  -3.839  11.816  1.00 40.40 ? 137 GLN A CA  1 
ATOM   887  C  C   . GLN A 1 137 ? 9.581   -4.951  11.504  1.00 39.22 ? 137 GLN A C   1 
ATOM   888  O  O   . GLN A 1 137 ? 8.388   -4.774  11.810  1.00 40.66 ? 137 GLN A O   1 
ATOM   889  C  CB  . GLN A 1 137 ? 10.146  -2.514  11.194  1.00 43.31 ? 137 GLN A CB  1 
ATOM   890  C  CG  . GLN A 1 137 ? 10.984  -1.336  11.644  1.00 45.75 ? 137 GLN A CG  1 
ATOM   891  C  CD  . GLN A 1 137 ? 10.691  -1.039  13.089  1.00 50.70 ? 137 GLN A CD  1 
ATOM   892  O  OE1 . GLN A 1 137 ? 9.594   -0.622  13.434  1.00 54.45 ? 137 GLN A OE1 1 
ATOM   893  N  NE2 . GLN A 1 137 ? 11.657  -1.306  13.951  1.00 58.81 ? 137 GLN A NE2 1 
ATOM   894  N  N   . GLN A 1 138 ? 10.012  -6.061  10.904  1.00 41.21 ? 138 GLN A N   1 
ATOM   895  C  CA  . GLN A 1 138 ? 9.093   -7.170  10.541  1.00 37.35 ? 138 GLN A CA  1 
ATOM   896  C  C   . GLN A 1 138 ? 8.706   -7.915  11.813  1.00 42.58 ? 138 GLN A C   1 
ATOM   897  O  O   . GLN A 1 138 ? 9.433   -7.801  12.818  1.00 41.51 ? 138 GLN A O   1 
ATOM   898  C  CB  . GLN A 1 138 ? 9.715   -8.083  9.487   1.00 37.77 ? 138 GLN A CB  1 
ATOM   899  C  CG  . GLN A 1 138 ? 9.787   -7.413  8.121   1.00 36.69 ? 138 GLN A CG  1 
ATOM   900  C  CD  . GLN A 1 138 ? 10.473  -8.279  7.101   1.00 38.84 ? 138 GLN A CD  1 
ATOM   901  O  OE1 . GLN A 1 138 ? 10.751  -9.448  7.348   1.00 41.65 ? 138 GLN A OE1 1 
ATOM   902  N  NE2 . GLN A 1 138 ? 10.755  -7.707  5.941   1.00 39.56 ? 138 GLN A NE2 1 
ATOM   903  N  N   . GLY A 1 139 ? 7.559   -8.596  11.769  1.00 44.57 ? 139 GLY A N   1 
ATOM   904  C  CA  . GLY A 1 139 ? 7.087   -9.503  12.829  1.00 43.16 ? 139 GLY A CA  1 
ATOM   905  C  C   . GLY A 1 139 ? 6.438   -8.764  13.972  1.00 44.58 ? 139 GLY A C   1 
ATOM   906  O  O   . GLY A 1 139 ? 6.313   -9.377  15.027  1.00 42.63 ? 139 GLY A O   1 
ATOM   907  N  N   . LYS A 1 140 ? 5.985   -7.523  13.751  1.00 45.16 ? 140 LYS A N   1 
ATOM   908  C  CA  . LYS A 1 140 ? 5.356   -6.655  14.784  1.00 47.75 ? 140 LYS A CA  1 
ATOM   909  C  C   . LYS A 1 140 ? 3.924   -6.269  14.385  1.00 50.75 ? 140 LYS A C   1 
ATOM   910  O  O   . LYS A 1 140 ? 3.428   -5.274  14.949  1.00 51.52 ? 140 LYS A O   1 
ATOM   911  C  CB  . LYS A 1 140 ? 6.123   -5.341  14.975  1.00 52.44 ? 140 LYS A CB  1 
ATOM   912  C  CG  . LYS A 1 140 ? 7.567   -5.412  15.441  1.00 60.09 ? 140 LYS A CG  1 
ATOM   913  C  CD  . LYS A 1 140 ? 8.191   -4.014  15.479  1.00 66.89 ? 140 LYS A CD  1 
ATOM   914  C  CE  . LYS A 1 140 ? 9.531   -3.947  16.181  1.00 73.37 ? 140 LYS A CE  1 
ATOM   915  N  NZ  . LYS A 1 140 ? 10.483  -4.941  15.625  1.00 77.59 ? 140 LYS A NZ  1 
ATOM   916  N  N   . LYS A 1 141 ? 3.291   -6.976  13.436  1.00 46.31 ? 141 LYS A N   1 
ATOM   917  C  CA  . LYS A 1 141 ? 1.906   -6.695  12.966  1.00 42.02 ? 141 LYS A CA  1 
ATOM   918  C  C   . LYS A 1 141 ? 1.835   -5.490  12.011  1.00 36.72 ? 141 LYS A C   1 
ATOM   919  O  O   . LYS A 1 141 ? 0.717   -5.120  11.636  1.00 34.49 ? 141 LYS A O   1 
ATOM   920  C  CB  . LYS A 1 141 ? 0.985   -6.410  14.155  1.00 45.19 ? 141 LYS A CB  1 
ATOM   921  C  CG  . LYS A 1 141 ? 0.866   -7.548  15.153  1.00 45.94 ? 141 LYS A CG  1 
ATOM   922  C  CD  . LYS A 1 141 ? 0.132   -8.721  14.594  1.00 45.90 ? 141 LYS A CD  1 
ATOM   923  C  CE  . LYS A 1 141 ? -0.346  -9.672  15.669  1.00 52.96 ? 141 LYS A CE  1 
ATOM   924  N  NZ  . LYS A 1 141 ? 0.788   -10.304 16.382  1.00 52.48 ? 141 LYS A NZ  1 
ATOM   925  N  N   . LEU A 1 142 ? 2.952   -4.881  11.612  1.00 37.46 ? 142 LEU A N   1 
ATOM   926  C  CA  . LEU A 1 142 ? 2.900   -3.674  10.747  1.00 37.96 ? 142 LEU A CA  1 
ATOM   927  C  C   . LEU A 1 142 ? 2.330   -4.074  9.382   1.00 37.14 ? 142 LEU A C   1 
ATOM   928  O  O   . LEU A 1 142 ? 1.486   -3.327  8.868   1.00 35.02 ? 142 LEU A O   1 
ATOM   929  C  CB  . LEU A 1 142 ? 4.280   -3.034  10.601  1.00 39.28 ? 142 LEU A CB  1 
ATOM   930  C  CG  . LEU A 1 142 ? 4.919   -2.482  11.875  1.00 40.11 ? 142 LEU A CG  1 
ATOM   931  C  CD1 . LEU A 1 142 ? 6.200   -1.738  11.512  1.00 38.48 ? 142 LEU A CD1 1 
ATOM   932  C  CD2 . LEU A 1 142 ? 3.970   -1.581  12.662  1.00 39.12 ? 142 LEU A CD2 1 
ATOM   933  N  N   . GLY A 1 143 ? 2.740   -5.228  8.841   1.00 35.63 ? 143 GLY A N   1 
ATOM   934  C  CA  . GLY A 1 143 ? 2.166   -5.789  7.603   1.00 35.82 ? 143 GLY A CA  1 
ATOM   935  C  C   . GLY A 1 143 ? 0.669   -5.982  7.698   1.00 36.80 ? 143 GLY A C   1 
ATOM   936  O  O   . GLY A 1 143 ? -0.032  -5.587  6.744   1.00 37.20 ? 143 GLY A O   1 
ATOM   937  N  N   . LEU A 1 144 ? 0.186   -6.568  8.796   1.00 35.73 ? 144 LEU A N   1 
ATOM   938  C  CA  . LEU A 1 144 ? -1.264  -6.763  9.051   1.00 39.67 ? 144 LEU A CA  1 
ATOM   939  C  C   . LEU A 1 144 ? -2.012  -5.418  9.073   1.00 38.37 ? 144 LEU A C   1 
ATOM   940  O  O   . LEU A 1 144 ? -3.161  -5.362  8.567   1.00 35.16 ? 144 LEU A O   1 
ATOM   941  C  CB  . LEU A 1 144 ? -1.452  -7.500  10.382  1.00 39.97 ? 144 LEU A CB  1 
ATOM   942  C  CG  . LEU A 1 144 ? -2.877  -7.493  10.926  1.00 43.96 ? 144 LEU A CG  1 
ATOM   943  C  CD1 . LEU A 1 144 ? -3.819  -8.303  10.034  1.00 48.43 ? 144 LEU A CD1 1 
ATOM   944  C  CD2 . LEU A 1 144 ? -2.920  -7.999  12.358  1.00 46.15 ? 144 LEU A CD2 1 
ATOM   945  N  N   . ARG A 1 145 ? -1.459  -4.410  9.742   1.00 37.47 ? 145 ARG A N   1 
ATOM   946  C  CA  . ARG A 1 145 ? -2.112  -3.086  9.856   1.00 37.57 ? 145 ARG A CA  1 
ATOM   947  C  C   . ARG A 1 145 ? -2.183  -2.485  8.453   1.00 34.43 ? 145 ARG A C   1 
ATOM   948  O  O   . ARG A 1 145 ? -3.234  -1.933  8.097   1.00 36.11 ? 145 ARG A O   1 
ATOM   949  C  CB  . ARG A 1 145 ? -1.348  -2.186  10.826  1.00 42.04 ? 145 ARG A CB  1 
ATOM   950  C  CG  . ARG A 1 145 ? -1.267  -2.720  12.250  1.00 45.35 ? 145 ARG A CG  1 
ATOM   951  C  CD  . ARG A 1 145 ? -2.498  -3.496  12.665  1.00 46.78 ? 145 ARG A CD  1 
ATOM   952  N  NE  . ARG A 1 145 ? -2.405  -3.918  14.060  1.00 46.05 ? 145 ARG A NE  1 
ATOM   953  C  CZ  . ARG A 1 145 ? -3.177  -4.832  14.636  1.00 43.72 ? 145 ARG A CZ  1 
ATOM   954  N  NH1 . ARG A 1 145 ? -4.158  -5.414  13.972  1.00 49.67 ? 145 ARG A NH1 1 
ATOM   955  N  NH2 . ARG A 1 145 ? -2.997  -5.127  15.906  1.00 48.43 ? 145 ARG A NH2 1 
ATOM   956  N  N   . ILE A 1 146 ? -1.108  -2.600  7.675   1.00 31.39 ? 146 ILE A N   1 
ATOM   957  C  CA  . ILE A 1 146 ? -1.108  -2.089  6.273   1.00 32.88 ? 146 ILE A CA  1 
ATOM   958  C  C   . ILE A 1 146 ? -2.274  -2.748  5.515   1.00 32.75 ? 146 ILE A C   1 
ATOM   959  O  O   . ILE A 1 146 ? -3.002  -2.021  4.846   1.00 32.12 ? 146 ILE A O   1 
ATOM   960  C  CB  . ILE A 1 146 ? 0.250   -2.293  5.570   1.00 32.60 ? 146 ILE A CB  1 
ATOM   961  C  CG1 . ILE A 1 146 ? 1.360   -1.436  6.186   1.00 35.70 ? 146 ILE A CG1 1 
ATOM   962  C  CG2 . ILE A 1 146 ? 0.120   -2.016  4.075   1.00 35.18 ? 146 ILE A CG2 1 
ATOM   963  C  CD1 . ILE A 1 146 ? 2.758   -1.707  5.621   1.00 37.09 ? 146 ILE A CD1 1 
ATOM   964  N  N   . ILE A 1 147 ? -2.459  -4.070  5.607   1.00 32.27 ? 147 ILE A N   1 
ATOM   965  C  CA  . ILE A 1 147 ? -3.517  -4.773  4.826   1.00 32.48 ? 147 ILE A CA  1 
ATOM   966  C  C   . ILE A 1 147 ? -4.877  -4.332  5.361   1.00 35.88 ? 147 ILE A C   1 
ATOM   967  O  O   . ILE A 1 147 ? -5.808  -4.092  4.570   1.00 33.78 ? 147 ILE A O   1 
ATOM   968  C  CB  . ILE A 1 147 ? -3.332  -6.300  4.891   1.00 34.81 ? 147 ILE A CB  1 
ATOM   969  C  CG1 . ILE A 1 147 ? -2.058  -6.741  4.180   1.00 38.57 ? 147 ILE A CG1 1 
ATOM   970  C  CG2 . ILE A 1 147 ? -4.546  -7.036  4.345   1.00 36.00 ? 147 ILE A CG2 1 
ATOM   971  C  CD1 . ILE A 1 147 ? -2.103  -6.555  2.684   1.00 41.63 ? 147 ILE A CD1 1 
ATOM   972  N  N   . GLN A 1 148 ? -5.014  -4.253  6.677   1.00 36.43 ? 148 GLN A N   1 
ATOM   973  C  CA  . GLN A 1 148 ? -6.297  -3.801  7.268   1.00 35.39 ? 148 GLN A CA  1 
ATOM   974  C  C   . GLN A 1 148 ? -6.588  -2.370  6.805   1.00 36.41 ? 148 GLN A C   1 
ATOM   975  O  O   . GLN A 1 148 ? -7.736  -2.081  6.519   1.00 35.34 ? 148 GLN A O   1 
ATOM   976  C  CB  . GLN A 1 148 ? -6.232  -3.878  8.782   1.00 35.69 ? 148 GLN A CB  1 
ATOM   977  C  CG  . GLN A 1 148 ? -6.054  -5.296  9.287   1.00 38.22 ? 148 GLN A CG  1 
ATOM   978  C  CD  . GLN A 1 148 ? -6.023  -5.367  10.792  1.00 39.91 ? 148 GLN A CD  1 
ATOM   979  O  OE1 . GLN A 1 148 ? -5.453  -4.512  11.470  1.00 41.21 ? 148 GLN A OE1 1 
ATOM   980  N  NE2 . GLN A 1 148 ? -6.623  -6.418  11.317  1.00 37.33 ? 148 GLN A NE2 1 
ATOM   981  N  N   . ALA A 1 149 ? -5.586  -1.500  6.704   1.00 36.02 ? 149 ALA A N   1 
ATOM   982  C  CA  . ALA A 1 149 ? -5.810  -0.124  6.198   1.00 36.08 ? 149 ALA A CA  1 
ATOM   983  C  C   . ALA A 1 149 ? -6.236  -0.169  4.728   1.00 36.23 ? 149 ALA A C   1 
ATOM   984  O  O   . ALA A 1 149 ? -7.107  0.611   4.348   1.00 37.32 ? 149 ALA A O   1 
ATOM   985  C  CB  . ALA A 1 149 ? -4.582  0.726   6.374   1.00 34.06 ? 149 ALA A CB  1 
ATOM   986  N  N   . LEU A 1 150 ? -5.609  -1.010  3.910   1.00 36.95 ? 150 LEU A N   1 
ATOM   987  C  CA  . LEU A 1 150 ? -5.882  -1.009  2.451   1.00 38.09 ? 150 LEU A CA  1 
ATOM   988  C  C   . LEU A 1 150 ? -7.285  -1.582  2.219   1.00 36.53 ? 150 LEU A C   1 
ATOM   989  O  O   . LEU A 1 150 ? -8.002  -1.020  1.387   1.00 37.91 ? 150 LEU A O   1 
ATOM   990  C  CB  . LEU A 1 150 ? -4.780  -1.767  1.701   1.00 38.31 ? 150 LEU A CB  1 
ATOM   991  C  CG  . LEU A 1 150 ? -3.390  -1.126  1.703   1.00 38.18 ? 150 LEU A CG  1 
ATOM   992  C  CD1 . LEU A 1 150 ? -2.380  -2.023  1.008   1.00 38.59 ? 150 LEU A CD1 1 
ATOM   993  C  CD2 . LEU A 1 150 ? -3.386  0.240   1.049   1.00 38.28 ? 150 LEU A CD2 1 
ATOM   994  N  N   . ASP A 1 151 ? -7.691  -2.612  2.970   1.00 41.80 ? 151 ASP A N   1 
ATOM   995  C  CA  . ASP A 1 151 ? -9.062  -3.192  2.931   1.00 41.65 ? 151 ASP A CA  1 
ATOM   996  C  C   . ASP A 1 151 ? -10.119 -2.168  3.380   1.00 41.49 ? 151 ASP A C   1 
ATOM   997  O  O   . ASP A 1 151 ? -11.235 -2.169  2.805   1.00 37.33 ? 151 ASP A O   1 
ATOM   998  C  CB  . ASP A 1 151 ? -9.165  -4.446  3.796   1.00 46.13 ? 151 ASP A CB  1 
ATOM   999  C  CG  . ASP A 1 151 ? -8.476  -5.644  3.172   1.00 54.22 ? 151 ASP A CG  1 
ATOM   1000 O  OD1 . ASP A 1 151 ? -8.090  -5.535  1.991   1.00 58.35 ? 151 ASP A OD1 1 
ATOM   1001 O  OD2 . ASP A 1 151 ? -8.318  -6.671  3.876   1.00 60.02 ? 151 ASP A OD2 1 
ATOM   1002 N  N   . TYR A 1 152 ? -9.788  -1.313  4.345   1.00 37.85 ? 152 TYR A N   1 
ATOM   1003 C  CA  . TYR A 1 152 ? -10.673 -0.210  4.788   1.00 42.16 ? 152 TYR A CA  1 
ATOM   1004 C  C   . TYR A 1 152 ? -10.892 0.779   3.633   1.00 39.27 ? 152 TYR A C   1 
ATOM   1005 O  O   . TYR A 1 152 ? -12.053 1.146   3.288   1.00 38.43 ? 152 TYR A O   1 
ATOM   1006 C  CB  . TYR A 1 152 ? -10.084 0.484   6.012   1.00 42.31 ? 152 TYR A CB  1 
ATOM   1007 C  CG  . TYR A 1 152 ? -10.957 1.598   6.521   1.00 43.38 ? 152 TYR A CG  1 
ATOM   1008 C  CD1 . TYR A 1 152 ? -12.012 1.350   7.386   1.00 43.87 ? 152 TYR A CD1 1 
ATOM   1009 C  CD2 . TYR A 1 152 ? -10.753 2.897   6.092   1.00 42.82 ? 152 TYR A CD2 1 
ATOM   1010 C  CE1 . TYR A 1 152 ? -12.816 2.379   7.847   1.00 43.44 ? 152 TYR A CE1 1 
ATOM   1011 C  CE2 . TYR A 1 152 ? -11.549 3.936   6.539   1.00 45.40 ? 152 TYR A CE2 1 
ATOM   1012 C  CZ  . TYR A 1 152 ? -12.583 3.675   7.419   1.00 45.43 ? 152 TYR A CZ  1 
ATOM   1013 O  OH  . TYR A 1 152 ? -13.353 4.717   7.843   1.00 49.31 ? 152 TYR A OH  1 
ATOM   1014 N  N   . VAL A 1 153 ? -9.806  1.198   2.992   1.00 41.16 ? 153 VAL A N   1 
ATOM   1015 C  CA  . VAL A 1 153 ? -9.912  2.108   1.813   1.00 39.86 ? 153 VAL A CA  1 
ATOM   1016 C  C   . VAL A 1 153 ? -10.850 1.468   0.785   1.00 41.80 ? 153 VAL A C   1 
ATOM   1017 O  O   . VAL A 1 153 ? -11.792 2.179   0.323   1.00 41.91 ? 153 VAL A O   1 
ATOM   1018 C  CB  . VAL A 1 153 ? -8.539  2.451   1.223   1.00 40.04 ? 153 VAL A CB  1 
ATOM   1019 C  CG1 . VAL A 1 153 ? -8.667  3.253   -0.063  1.00 41.66 ? 153 VAL A CG1 1 
ATOM   1020 C  CG2 . VAL A 1 153 ? -7.675  3.187   2.232   1.00 37.46 ? 153 VAL A CG2 1 
ATOM   1021 N  N   . ALA A 1 154 ? -10.664 0.174   0.471   1.00 38.94 ? 154 ALA A N   1 
ATOM   1022 C  CA  . ALA A 1 154 ? -11.295 -0.486  -0.698  1.00 39.04 ? 154 ALA A CA  1 
ATOM   1023 C  C   . ALA A 1 154 ? -12.811 -0.581  -0.497  1.00 38.51 ? 154 ALA A C   1 
ATOM   1024 O  O   . ALA A 1 154 ? -13.542 -0.374  -1.461  1.00 44.86 ? 154 ALA A O   1 
ATOM   1025 C  CB  . ALA A 1 154 ? -10.700 -1.856  -0.917  1.00 39.66 ? 154 ALA A CB  1 
ATOM   1026 N  N   . GLU A 1 155 ? -13.235 -0.966  0.699   1.00 37.80 ? 155 GLU A N   1 
ATOM   1027 C  CA  . GLU A 1 155 ? -14.648 -1.097  1.111   1.00 45.13 ? 155 GLU A CA  1 
ATOM   1028 C  C   . GLU A 1 155 ? -15.278 0.295   1.008   1.00 44.34 ? 155 GLU A C   1 
ATOM   1029 O  O   . GLU A 1 155 ? -16.408 0.453   0.439   1.00 43.63 ? 155 GLU A O   1 
ATOM   1030 C  CB  . GLU A 1 155 ? -14.687 -1.659  2.540   1.00 50.53 ? 155 GLU A CB  1 
ATOM   1031 C  CG  . GLU A 1 155 ? -16.070 -2.089  3.023   1.00 63.21 ? 155 GLU A CG  1 
ATOM   1032 C  CD  . GLU A 1 155 ? -16.879 -1.063  3.805   1.00 77.08 ? 155 GLU A CD  1 
ATOM   1033 O  OE1 . GLU A 1 155 ? -17.941 -1.457  4.351   1.00 85.24 ? 155 GLU A OE1 1 
ATOM   1034 O  OE2 . GLU A 1 155 ? -16.454 0.125   3.876   1.00 83.44 ? 155 GLU A OE2 1 
ATOM   1035 N  N   . LYS A 1 156 ? -14.554 1.279   1.531   1.00 40.50 ? 156 LYS A N   1 
ATOM   1036 C  CA  . LYS A 1 156 ? -15.067 2.654   1.687   1.00 43.26 ? 156 LYS A CA  1 
ATOM   1037 C  C   . LYS A 1 156 ? -15.252 3.302   0.324   1.00 42.95 ? 156 LYS A C   1 
ATOM   1038 O  O   . LYS A 1 156 ? -16.185 4.081   0.200   1.00 41.41 ? 156 LYS A O   1 
ATOM   1039 C  CB  . LYS A 1 156 ? -14.144 3.492   2.566   1.00 46.96 ? 156 LYS A CB  1 
ATOM   1040 C  CG  . LYS A 1 156 ? -14.778 4.777   3.056   1.00 54.01 ? 156 LYS A CG  1 
ATOM   1041 C  CD  . LYS A 1 156 ? -14.536 5.040   4.516   1.00 56.15 ? 156 LYS A CD  1 
ATOM   1042 C  CE  . LYS A 1 156 ? -15.056 6.388   4.965   1.00 54.97 ? 156 LYS A CE  1 
ATOM   1043 N  NZ  . LYS A 1 156 ? -14.157 7.004   5.970   1.00 54.55 ? 156 LYS A NZ  1 
ATOM   1044 N  N   . VAL A 1 157 ? -14.415 2.993   -0.672  1.00 39.89 ? 157 VAL A N   1 
ATOM   1045 C  CA  . VAL A 1 157 ? -14.634 3.582   -2.017  1.00 42.40 ? 157 VAL A CA  1 
ATOM   1046 C  C   . VAL A 1 157 ? -15.538 2.657   -2.849  1.00 42.18 ? 157 VAL A C   1 
ATOM   1047 O  O   . VAL A 1 157 ? -15.764 2.988   -3.997  1.00 46.01 ? 157 VAL A O   1 
ATOM   1048 C  CB  . VAL A 1 157 ? -13.315 3.959   -2.712  1.00 43.18 ? 157 VAL A CB  1 
ATOM   1049 C  CG1 . VAL A 1 157 ? -12.468 4.842   -1.798  1.00 43.15 ? 157 VAL A CG1 1 
ATOM   1050 C  CG2 . VAL A 1 157 ? -12.534 2.750   -3.200  1.00 42.09 ? 157 VAL A CG2 1 
ATOM   1051 N  N   . GLY A 1 158 ? -16.042 1.552   -2.297  1.00 40.23 ? 158 GLY A N   1 
ATOM   1052 C  CA  . GLY A 1 158 ? -17.109 0.746   -2.927  1.00 43.28 ? 158 GLY A CA  1 
ATOM   1053 C  C   . GLY A 1 158 ? -16.629 -0.386  -3.837  1.00 42.04 ? 158 GLY A C   1 
ATOM   1054 O  O   . GLY A 1 158 ? -17.400 -0.768  -4.750  1.00 41.15 ? 158 GLY A O   1 
ATOM   1055 N  N   . CYS A 1 159 ? -15.454 -0.966  -3.589  1.00 40.40 ? 159 CYS A N   1 
ATOM   1056 C  CA  . CYS A 1 159 ? -14.967 -2.204  -4.267  1.00 42.89 ? 159 CYS A CA  1 
ATOM   1057 C  C   . CYS A 1 159 ? -15.800 -3.411  -3.836  1.00 40.62 ? 159 CYS A C   1 
ATOM   1058 O  O   . CYS A 1 159 ? -16.202 -3.455  -2.656  1.00 35.65 ? 159 CYS A O   1 
ATOM   1059 C  CB  . CYS A 1 159 ? -13.512 -2.498  -3.924  1.00 41.10 ? 159 CYS A CB  1 
ATOM   1060 S  SG  . CYS A 1 159 ? -12.429 -1.195  -4.536  1.00 42.25 ? 159 CYS A SG  1 
ATOM   1061 N  N   . TYR A 1 160 ? -16.020 -4.373  -4.734  1.00 39.00 ? 160 TYR A N   1 
ATOM   1062 C  CA  . TYR A 1 160 ? -16.872 -5.548  -4.403  1.00 41.77 ? 160 TYR A CA  1 
ATOM   1063 C  C   . TYR A 1 160 ? -15.973 -6.642  -3.836  1.00 43.12 ? 160 TYR A C   1 
ATOM   1064 O  O   . TYR A 1 160 ? -16.488 -7.471  -3.108  1.00 43.96 ? 160 TYR A O   1 
ATOM   1065 C  CB  . TYR A 1 160 ? -17.778 -5.987  -5.563  1.00 38.62 ? 160 TYR A CB  1 
ATOM   1066 C  CG  . TYR A 1 160 ? -17.116 -6.584  -6.778  1.00 36.33 ? 160 TYR A CG  1 
ATOM   1067 C  CD1 . TYR A 1 160 ? -16.821 -7.934  -6.847  1.00 35.63 ? 160 TYR A CD1 1 
ATOM   1068 C  CD2 . TYR A 1 160 ? -16.887 -5.809  -7.897  1.00 41.87 ? 160 TYR A CD2 1 
ATOM   1069 C  CE1 . TYR A 1 160 ? -16.252 -8.491  -7.984  1.00 38.58 ? 160 TYR A CE1 1 
ATOM   1070 C  CE2 . TYR A 1 160 ? -16.292 -6.341  -9.033  1.00 42.20 ? 160 TYR A CE2 1 
ATOM   1071 C  CZ  . TYR A 1 160 ? -15.973 -7.685  -9.077  1.00 40.91 ? 160 TYR A CZ  1 
ATOM   1072 O  OH  . TYR A 1 160 ? -15.410 -8.185  -10.220 1.00 53.20 ? 160 TYR A OH  1 
ATOM   1073 N  N   . LYS A 1 161 ? -14.666 -6.583  -4.119  1.00 40.50 ? 161 LYS A N   1 
ATOM   1074 C  CA  . LYS A 1 161 ? -13.655 -7.509  -3.557  1.00 40.07 ? 161 LYS A CA  1 
ATOM   1075 C  C   . LYS A 1 161 ? -12.277 -6.868  -3.669  1.00 39.22 ? 161 LYS A C   1 
ATOM   1076 O  O   . LYS A 1 161 ? -12.101 -5.939  -4.482  1.00 39.40 ? 161 LYS A O   1 
ATOM   1077 C  CB  . LYS A 1 161 ? -13.629 -8.831  -4.323  1.00 42.36 ? 161 LYS A CB  1 
ATOM   1078 C  CG  . LYS A 1 161 ? -13.122 -8.702  -5.756  1.00 43.78 ? 161 LYS A CG  1 
ATOM   1079 C  CD  . LYS A 1 161 ? -13.136 -9.992  -6.526  1.00 42.82 ? 161 LYS A CD  1 
ATOM   1080 C  CE  . LYS A 1 161 ? -12.565 -9.806  -7.919  1.00 45.96 ? 161 LYS A CE  1 
ATOM   1081 N  NZ  . LYS A 1 161 ? -12.746 -11.023 -8.755  1.00 51.28 ? 161 LYS A NZ  1 
ATOM   1082 N  N   . THR A 1 162 ? -11.348 -7.374  -2.872  1.00 42.16 ? 162 THR A N   1 
ATOM   1083 C  CA  . THR A 1 162 ? -9.917  -7.003  -2.887  1.00 37.32 ? 162 THR A CA  1 
ATOM   1084 C  C   . THR A 1 162 ? -9.153  -8.268  -3.259  1.00 37.06 ? 162 THR A C   1 
ATOM   1085 O  O   . THR A 1 162 ? -9.440  -9.331  -2.692  1.00 33.13 ? 162 THR A O   1 
ATOM   1086 C  CB  . THR A 1 162 ? -9.519  -6.388  -1.539  1.00 41.00 ? 162 THR A CB  1 
ATOM   1087 O  OG1 . THR A 1 162 ? -10.120 -5.093  -1.432  1.00 44.64 ? 162 THR A OG1 1 
ATOM   1088 C  CG2 . THR A 1 162 ? -8.032  -6.227  -1.381  1.00 43.53 ? 162 THR A CG2 1 
ATOM   1089 N  N   . ILE A 1 163 ? -8.257  -8.181  -4.231  1.00 35.40 ? 163 ILE A N   1 
ATOM   1090 C  CA  . ILE A 1 163 ? -7.431  -9.353  -4.591  1.00 35.55 ? 163 ILE A CA  1 
ATOM   1091 C  C   . ILE A 1 163 ? -5.961  -8.919  -4.579  1.00 37.08 ? 163 ILE A C   1 
ATOM   1092 O  O   . ILE A 1 163 ? -5.665  -7.721  -4.531  1.00 35.98 ? 163 ILE A O   1 
ATOM   1093 C  CB  . ILE A 1 163 ? -7.887  -9.955  -5.937  1.00 39.15 ? 163 ILE A CB  1 
ATOM   1094 C  CG1 . ILE A 1 163 ? -7.693  -8.992  -7.110  1.00 38.42 ? 163 ILE A CG1 1 
ATOM   1095 C  CG2 . ILE A 1 163 ? -9.336  -10.414 -5.843  1.00 42.42 ? 163 ILE A CG2 1 
ATOM   1096 C  CD1 . ILE A 1 163 ? -7.741  -9.668  -8.482  1.00 38.38 ? 163 ILE A CD1 1 
ATOM   1097 N  N   . LEU A 1 164 ? -5.082  -9.903  -4.597  1.00 34.64 ? 164 LEU A N   1 
ATOM   1098 C  CA  . LEU A 1 164 ? -3.622  -9.725  -4.664  1.00 35.94 ? 164 LEU A CA  1 
ATOM   1099 C  C   . LEU A 1 164 ? -3.019  -11.050 -5.129  1.00 34.10 ? 164 LEU A C   1 
ATOM   1100 O  O   . LEU A 1 164 ? -3.724  -12.069 -5.111  1.00 33.68 ? 164 LEU A O   1 
ATOM   1101 C  CB  . LEU A 1 164 ? -3.117  -9.318  -3.275  1.00 36.20 ? 164 LEU A CB  1 
ATOM   1102 C  CG  . LEU A 1 164 ? -3.331  -10.338 -2.158  1.00 37.29 ? 164 LEU A CG  1 
ATOM   1103 C  CD1 . LEU A 1 164 ? -2.133  -11.262 -1.999  1.00 35.71 ? 164 LEU A CD1 1 
ATOM   1104 C  CD2 . LEU A 1 164 ? -3.612  -9.620  -0.843  1.00 38.26 ? 164 LEU A CD2 1 
ATOM   1105 N  N   . ASP A 1 165 ? -1.784  -10.977 -5.583  1.00 35.25 ? 165 ASP A N   1 
ATOM   1106 C  CA  . ASP A 1 165 ? -0.935  -12.112 -5.994  1.00 37.16 ? 165 ASP A CA  1 
ATOM   1107 C  C   . ASP A 1 165 ? 0.149   -12.287 -4.928  1.00 39.62 ? 165 ASP A C   1 
ATOM   1108 O  O   . ASP A 1 165 ? 0.723   -11.265 -4.481  1.00 43.02 ? 165 ASP A O   1 
ATOM   1109 C  CB  . ASP A 1 165 ? -0.348  -11.833 -7.377  1.00 38.60 ? 165 ASP A CB  1 
ATOM   1110 C  CG  . ASP A 1 165 ? -1.412  -11.801 -8.469  1.00 45.15 ? 165 ASP A CG  1 
ATOM   1111 O  OD1 . ASP A 1 165 ? -2.379  -12.603 -8.368  1.00 44.33 ? 165 ASP A OD1 1 
ATOM   1112 O  OD2 . ASP A 1 165 ? -1.258  -10.991 -9.422  1.00 48.46 ? 165 ASP A OD2 1 
ATOM   1113 N  N   . CYS A 1 166 ? 0.443   -13.527 -4.552  1.00 37.49 ? 166 CYS A N   1 
ATOM   1114 C  CA  . CYS A 1 166 ? 1.563   -13.831 -3.642  1.00 38.35 ? 166 CYS A CA  1 
ATOM   1115 C  C   . CYS A 1 166 ? 2.252   -15.134 -4.038  1.00 38.96 ? 166 CYS A C   1 
ATOM   1116 O  O   . CYS A 1 166 ? 1.818   -15.798 -4.981  1.00 38.31 ? 166 CYS A O   1 
ATOM   1117 C  CB  . CYS A 1 166 ? 1.070   -13.844 -2.203  1.00 40.68 ? 166 CYS A CB  1 
ATOM   1118 S  SG  . CYS A 1 166 ? -0.014  -15.226 -1.810  1.00 43.64 ? 166 CYS A SG  1 
ATOM   1119 N  N   . SER A 1 167 ? 3.348   -15.415 -3.338  1.00 42.29 ? 167 SER A N   1 
ATOM   1120 C  CA  . SER A 1 167 ? 4.181   -16.639 -3.403  1.00 41.79 ? 167 SER A CA  1 
ATOM   1121 C  C   . SER A 1 167 ? 3.594   -17.644 -2.430  1.00 45.03 ? 167 SER A C   1 
ATOM   1122 O  O   . SER A 1 167 ? 2.841   -17.221 -1.508  1.00 46.30 ? 167 SER A O   1 
ATOM   1123 C  CB  . SER A 1 167 ? 5.620   -16.324 -3.002  1.00 44.34 ? 167 SER A CB  1 
ATOM   1124 O  OG  . SER A 1 167 ? 5.639   -15.802 -1.666  1.00 38.24 ? 167 SER A OG  1 
ATOM   1125 N  N   . GLU A 1 168 ? 3.976   -18.906 -2.590  1.00 45.05 ? 168 GLU A N   1 
ATOM   1126 C  CA  . GLU A 1 168 ? 3.734   -19.960 -1.580  1.00 45.60 ? 168 GLU A CA  1 
ATOM   1127 C  C   . GLU A 1 168 ? 4.308   -19.472 -0.252  1.00 42.30 ? 168 GLU A C   1 
ATOM   1128 O  O   . GLU A 1 168 ? 3.594   -19.555 0.761   1.00 45.48 ? 168 GLU A O   1 
ATOM   1129 C  CB  . GLU A 1 168 ? 4.384   -21.270 -2.027  1.00 52.90 ? 168 GLU A CB  1 
ATOM   1130 C  CG  . GLU A 1 168 ? 3.653   -21.926 -3.189  1.00 55.96 ? 168 GLU A CG  1 
ATOM   1131 C  CD  . GLU A 1 168 ? 2.283   -22.509 -2.866  1.00 58.16 ? 168 GLU A CD  1 
ATOM   1132 O  OE1 . GLU A 1 168 ? 1.914   -22.563 -1.675  1.00 64.05 ? 168 GLU A OE1 1 
ATOM   1133 O  OE2 . GLU A 1 168 ? 1.592   -22.925 -3.809  1.00 62.33 ? 168 GLU A OE2 1 
ATOM   1134 N  N   . ALA A 1 169 ? 5.542   -18.963 -0.278  1.00 39.17 ? 169 ALA A N   1 
ATOM   1135 C  CA  . ALA A 1 169 ? 6.318   -18.576 0.921   1.00 44.16 ? 169 ALA A CA  1 
ATOM   1136 C  C   . ALA A 1 169 ? 5.561   -17.519 1.746   1.00 46.29 ? 169 ALA A C   1 
ATOM   1137 O  O   . ALA A 1 169 ? 5.715   -17.511 2.988   1.00 47.88 ? 169 ALA A O   1 
ATOM   1138 C  CB  . ALA A 1 169 ? 7.691   -18.091 0.519   1.00 46.72 ? 169 ALA A CB  1 
ATOM   1139 N  N   . ASN A 1 170 ? 4.739   -16.655 1.142   1.00 42.42 ? 170 ASN A N   1 
ATOM   1140 C  CA  . ASN A 1 170 ? 4.082   -15.624 1.980   1.00 44.21 ? 170 ASN A CA  1 
ATOM   1141 C  C   . ASN A 1 170 ? 2.562   -15.810 1.963   1.00 40.60 ? 170 ASN A C   1 
ATOM   1142 O  O   . ASN A 1 170 ? 1.886   -14.979 2.571   1.00 40.62 ? 170 ASN A O   1 
ATOM   1143 C  CB  . ASN A 1 170 ? 4.636   -14.218 1.700   1.00 48.46 ? 170 ASN A CB  1 
ATOM   1144 C  CG  . ASN A 1 170 ? 4.387   -13.721 0.299   1.00 53.23 ? 170 ASN A CG  1 
ATOM   1145 O  OD1 . ASN A 1 170 ? 3.474   -14.198 -0.373  1.00 51.10 ? 170 ASN A OD1 1 
ATOM   1146 N  ND2 . ASN A 1 170 ? 5.159   -12.729 -0.118  1.00 48.99 ? 170 ASN A ND2 1 
ATOM   1147 N  N   . GLU A 1 171 ? 2.046   -16.921 1.431   1.00 37.82 ? 171 GLU A N   1 
ATOM   1148 C  CA  . GLU A 1 171 ? 0.580   -17.171 1.422   1.00 37.51 ? 171 GLU A CA  1 
ATOM   1149 C  C   . GLU A 1 171 ? 0.039   -17.110 2.862   1.00 37.64 ? 171 GLU A C   1 
ATOM   1150 O  O   . GLU A 1 171 ? -1.072  -16.596 3.050   1.00 41.68 ? 171 GLU A O   1 
ATOM   1151 C  CB  . GLU A 1 171 ? 0.267   -18.517 0.772   1.00 39.07 ? 171 GLU A CB  1 
ATOM   1152 C  CG  . GLU A 1 171 ? -1.230  -18.791 0.698   1.00 41.82 ? 171 GLU A CG  1 
ATOM   1153 C  CD  . GLU A 1 171 ? -1.626  -20.141 0.142   1.00 39.97 ? 171 GLU A CD  1 
ATOM   1154 O  OE1 . GLU A 1 171 ? -0.705  -20.964 -0.131  1.00 44.95 ? 171 GLU A OE1 1 
ATOM   1155 O  OE2 . GLU A 1 171 ? -2.851  -20.359 -0.032  1.00 36.18 ? 171 GLU A OE2 1 
ATOM   1156 N  N   . GLY A 1 172 ? 0.798   -17.627 3.832   1.00 36.25 ? 172 GLY A N   1 
ATOM   1157 C  CA  . GLY A 1 172 ? 0.376   -17.771 5.237   1.00 36.73 ? 172 GLY A CA  1 
ATOM   1158 C  C   . GLY A 1 172 ? 0.173   -16.433 5.920   1.00 37.83 ? 172 GLY A C   1 
ATOM   1159 O  O   . GLY A 1 172 ? -0.651  -16.367 6.845   1.00 37.59 ? 172 GLY A O   1 
ATOM   1160 N  N   . PHE A 1 173 ? 0.902   -15.391 5.502   1.00 37.48 ? 173 PHE A N   1 
ATOM   1161 C  CA  . PHE A 1 173 ? 0.685   -14.005 6.004   1.00 37.10 ? 173 PHE A CA  1 
ATOM   1162 C  C   . PHE A 1 173 ? -0.702  -13.535 5.558   1.00 35.90 ? 173 PHE A C   1 
ATOM   1163 O  O   . PHE A 1 173 ? -1.480  -13.027 6.409   1.00 36.51 ? 173 PHE A O   1 
ATOM   1164 C  CB  . PHE A 1 173 ? 1.796   -13.066 5.542   1.00 35.37 ? 173 PHE A CB  1 
ATOM   1165 C  CG  . PHE A 1 173 ? 1.468   -11.598 5.652   1.00 36.34 ? 173 PHE A CG  1 
ATOM   1166 C  CD1 . PHE A 1 173 ? 1.348   -10.987 6.890   1.00 35.35 ? 173 PHE A CD1 1 
ATOM   1167 C  CD2 . PHE A 1 173 ? 1.284   -10.829 4.499   1.00 36.01 ? 173 PHE A CD2 1 
ATOM   1168 C  CE1 . PHE A 1 173 ? 1.025   -9.640  6.982   1.00 37.39 ? 173 PHE A CE1 1 
ATOM   1169 C  CE2 . PHE A 1 173 ? 0.981   -9.483  4.592   1.00 37.34 ? 173 PHE A CE2 1 
ATOM   1170 C  CZ  . PHE A 1 173 ? 0.828   -8.898  5.834   1.00 38.73 ? 173 PHE A CZ  1 
ATOM   1171 N  N   . TYR A 1 174 ? -1.034  -13.751 4.283   1.00 34.77 ? 174 TYR A N   1 
ATOM   1172 C  CA  . TYR A 1 174 ? -2.302  -13.263 3.660   1.00 36.28 ? 174 TYR A CA  1 
ATOM   1173 C  C   . TYR A 1 174 ? -3.485  -14.019 4.269   1.00 34.83 ? 174 TYR A C   1 
ATOM   1174 O  O   . TYR A 1 174 ? -4.537  -13.424 4.426   1.00 38.17 ? 174 TYR A O   1 
ATOM   1175 C  CB  . TYR A 1 174 ? -2.188  -13.282 2.129   1.00 34.19 ? 174 TYR A CB  1 
ATOM   1176 C  CG  . TYR A 1 174 ? -1.192  -12.266 1.628   1.00 36.37 ? 174 TYR A CG  1 
ATOM   1177 C  CD1 . TYR A 1 174 ? -1.428  -10.919 1.856   1.00 38.72 ? 174 TYR A CD1 1 
ATOM   1178 C  CD2 . TYR A 1 174 ? 0.001   -12.617 1.006   1.00 35.93 ? 174 TYR A CD2 1 
ATOM   1179 C  CE1 . TYR A 1 174 ? -0.526  -9.943  1.475   1.00 32.14 ? 174 TYR A CE1 1 
ATOM   1180 C  CE2 . TYR A 1 174 ? 0.915   -11.648 0.613   1.00 36.37 ? 174 TYR A CE2 1 
ATOM   1181 C  CZ  . TYR A 1 174 ? 0.639   -10.306 0.851   1.00 36.64 ? 174 TYR A CZ  1 
ATOM   1182 O  OH  . TYR A 1 174 ? 1.474   -9.283  0.526   1.00 40.04 ? 174 TYR A OH  1 
ATOM   1183 N  N   . ILE A 1 175 ? -3.300  -15.286 4.648   1.00 40.93 ? 175 ILE A N   1 
ATOM   1184 C  CA  . ILE A 1 175 ? -4.356  -16.100 5.314   1.00 36.06 ? 175 ILE A CA  1 
ATOM   1185 C  C   . ILE A 1 175 ? -4.615  -15.508 6.701   1.00 37.79 ? 175 ILE A C   1 
ATOM   1186 O  O   . ILE A 1 175 ? -5.778  -15.380 7.075   1.00 33.70 ? 175 ILE A O   1 
ATOM   1187 C  CB  . ILE A 1 175 ? -3.965  -17.587 5.388   1.00 40.86 ? 175 ILE A CB  1 
ATOM   1188 C  CG1 . ILE A 1 175 ? -4.075  -18.275 4.021   1.00 38.10 ? 175 ILE A CG1 1 
ATOM   1189 C  CG2 . ILE A 1 175 ? -4.817  -18.287 6.438   1.00 40.13 ? 175 ILE A CG2 1 
ATOM   1190 C  CD1 . ILE A 1 175 ? -3.489  -19.670 3.996   1.00 40.37 ? 175 ILE A CD1 1 
ATOM   1191 N  N   . LYS A 1 176 ? -3.559  -15.116 7.403   1.00 40.80 ? 176 LYS A N   1 
ATOM   1192 C  CA  . LYS A 1 176 ? -3.673  -14.510 8.755   1.00 45.00 ? 176 LYS A CA  1 
ATOM   1193 C  C   . LYS A 1 176 ? -4.378  -13.145 8.655   1.00 43.25 ? 176 LYS A C   1 
ATOM   1194 O  O   . LYS A 1 176 ? -4.936  -12.713 9.674   1.00 43.07 ? 176 LYS A O   1 
ATOM   1195 C  CB  . LYS A 1 176 ? -2.279  -14.420 9.386   1.00 47.79 ? 176 LYS A CB  1 
ATOM   1196 C  CG  . LYS A 1 176 ? -1.680  -15.752 9.829   1.00 49.79 ? 176 LYS A CG  1 
ATOM   1197 C  CD  . LYS A 1 176 ? -1.936  -16.079 11.293  1.00 55.08 ? 176 LYS A CD  1 
ATOM   1198 C  CE  . LYS A 1 176 ? -1.250  -17.344 11.784  1.00 55.71 ? 176 LYS A CE  1 
ATOM   1199 N  NZ  . LYS A 1 176 ? 0.038   -17.040 12.457  1.00 55.76 ? 176 LYS A NZ  1 
ATOM   1200 N  N   . CYS A 1 177 ? -4.345  -12.503 7.476   1.00 41.59 ? 177 CYS A N   1 
ATOM   1201 C  CA  . CYS A 1 177 ? -4.995  -11.202 7.173   1.00 44.17 ? 177 CYS A CA  1 
ATOM   1202 C  C   . CYS A 1 177 ? -6.466  -11.388 6.787   1.00 44.21 ? 177 CYS A C   1 
ATOM   1203 O  O   . CYS A 1 177 ? -7.187  -10.372 6.726   1.00 49.50 ? 177 CYS A O   1 
ATOM   1204 C  CB  . CYS A 1 177 ? -4.270  -10.474 6.046   1.00 43.58 ? 177 CYS A CB  1 
ATOM   1205 S  SG  . CYS A 1 177 ? -2.628  -9.881  6.527   1.00 44.40 ? 177 CYS A SG  1 
ATOM   1206 N  N   . GLY A 1 178 ? -6.901  -12.625 6.554   1.00 43.94 ? 178 GLY A N   1 
ATOM   1207 C  CA  . GLY A 1 178 ? -8.297  -12.939 6.200   1.00 41.96 ? 178 GLY A CA  1 
ATOM   1208 C  C   . GLY A 1 178 ? -8.486  -13.188 4.707   1.00 45.33 ? 178 GLY A C   1 
ATOM   1209 O  O   . GLY A 1 178 ? -9.643  -13.284 4.287   1.00 46.14 ? 178 GLY A O   1 
ATOM   1210 N  N   . PHE A 1 179 ? -7.419  -13.256 3.902   1.00 40.43 ? 179 PHE A N   1 
ATOM   1211 C  CA  . PHE A 1 179 ? -7.548  -13.586 2.455   1.00 41.81 ? 179 PHE A CA  1 
ATOM   1212 C  C   . PHE A 1 179 ? -7.681  -15.100 2.293   1.00 42.05 ? 179 PHE A C   1 
ATOM   1213 O  O   . PHE A 1 179 ? -7.172  -15.845 3.157   1.00 38.27 ? 179 PHE A O   1 
ATOM   1214 C  CB  . PHE A 1 179 ? -6.379  -13.019 1.651   1.00 40.84 ? 179 PHE A CB  1 
ATOM   1215 C  CG  . PHE A 1 179 ? -6.522  -11.543 1.435   1.00 43.71 ? 179 PHE A CG  1 
ATOM   1216 C  CD1 . PHE A 1 179 ? -6.410  -10.668 2.504   1.00 47.72 ? 179 PHE A CD1 1 
ATOM   1217 C  CD2 . PHE A 1 179 ? -6.865  -11.039 0.192   1.00 42.00 ? 179 PHE A CD2 1 
ATOM   1218 C  CE1 . PHE A 1 179 ? -6.596  -9.308  2.320   1.00 43.99 ? 179 PHE A CE1 1 
ATOM   1219 C  CE2 . PHE A 1 179 ? -7.042  -9.678  0.011   1.00 42.31 ? 179 PHE A CE2 1 
ATOM   1220 C  CZ  . PHE A 1 179 ? -6.916  -8.820  1.076   1.00 44.13 ? 179 PHE A CZ  1 
ATOM   1221 N  N   . LYS A 1 180 ? -8.318  -15.524 1.198   1.00 41.65 ? 180 LYS A N   1 
ATOM   1222 C  CA  . LYS A 1 180 ? -8.437  -16.947 0.790   1.00 45.65 ? 180 LYS A CA  1 
ATOM   1223 C  C   . LYS A 1 180 ? -7.842  -17.127 -0.609  1.00 43.59 ? 180 LYS A C   1 
ATOM   1224 O  O   . LYS A 1 180 ? -7.964  -16.193 -1.419  1.00 39.35 ? 180 LYS A O   1 
ATOM   1225 C  CB  . LYS A 1 180 ? -9.905  -17.378 0.768   1.00 52.70 ? 180 LYS A CB  1 
ATOM   1226 C  CG  . LYS A 1 180 ? -10.398 -18.082 2.021   1.00 60.68 ? 180 LYS A CG  1 
ATOM   1227 C  CD  . LYS A 1 180 ? -10.746 -17.132 3.143   1.00 66.92 ? 180 LYS A CD  1 
ATOM   1228 C  CE  . LYS A 1 180 ? -11.608 -17.775 4.209   1.00 70.97 ? 180 LYS A CE  1 
ATOM   1229 N  NZ  . LYS A 1 180 ? -11.653 -16.939 5.432   1.00 74.41 ? 180 LYS A NZ  1 
ATOM   1230 N  N   . ARG A 1 181 ? -7.275  -18.304 -0.881  1.00 42.87 ? 181 ARG A N   1 
ATOM   1231 C  CA  . ARG A 1 181 ? -6.777  -18.707 -2.216  1.00 45.87 ? 181 ARG A CA  1 
ATOM   1232 C  C   . ARG A 1 181 ? -7.949  -18.656 -3.193  1.00 43.26 ? 181 ARG A C   1 
ATOM   1233 O  O   . ARG A 1 181 ? -9.004  -19.156 -2.831  1.00 40.87 ? 181 ARG A O   1 
ATOM   1234 C  CB  . ARG A 1 181 ? -6.180  -20.114 -2.164  1.00 49.44 ? 181 ARG A CB  1 
ATOM   1235 C  CG  . ARG A 1 181 ? -5.529  -20.515 -3.476  1.00 56.34 ? 181 ARG A CG  1 
ATOM   1236 C  CD  . ARG A 1 181 ? -4.461  -21.572 -3.316  1.00 67.61 ? 181 ARG A CD  1 
ATOM   1237 N  NE  . ARG A 1 181 ? -4.170  -22.177 -4.607  1.00 76.70 ? 181 ARG A NE  1 
ATOM   1238 C  CZ  . ARG A 1 181 ? -3.297  -23.160 -4.816  1.00 85.12 ? 181 ARG A CZ  1 
ATOM   1239 N  NH1 . ARG A 1 181 ? -2.600  -23.664 -3.809  1.00 90.66 ? 181 ARG A NH1 1 
ATOM   1240 N  NH2 . ARG A 1 181 ? -3.121  -23.627 -6.042  1.00 84.47 ? 181 ARG A NH2 1 
ATOM   1241 N  N   . ALA A 1 182 ? -7.802  -18.035 -4.362  1.00 39.54 ? 182 ALA A N   1 
ATOM   1242 C  CA  . ALA A 1 182 ? -8.943  -17.851 -5.289  1.00 39.10 ? 182 ALA A CA  1 
ATOM   1243 C  C   . ALA A 1 182 ? -8.575  -18.252 -6.715  1.00 41.94 ? 182 ALA A C   1 
ATOM   1244 O  O   . ALA A 1 182 ? -9.492  -18.359 -7.522  1.00 51.17 ? 182 ALA A O   1 
ATOM   1245 C  CB  . ALA A 1 182 ? -9.448  -16.430 -5.215  1.00 41.43 ? 182 ALA A CB  1 
ATOM   1246 N  N   . GLY A 1 183 ? -7.288  -18.425 -7.015  1.00 40.52 ? 183 GLY A N   1 
ATOM   1247 C  CA  . GLY A 1 183 ? -6.828  -18.936 -8.312  1.00 37.41 ? 183 GLY A CA  1 
ATOM   1248 C  C   . GLY A 1 183 ? -5.325  -18.812 -8.452  1.00 35.92 ? 183 GLY A C   1 
ATOM   1249 O  O   . GLY A 1 183 ? -4.605  -18.804 -7.440  1.00 35.74 ? 183 GLY A O   1 
ATOM   1250 N  N   . LEU A 1 184 ? -4.870  -18.761 -9.694  1.00 37.09 ? 184 LEU A N   1 
ATOM   1251 C  CA  . LEU A 1 184 ? -3.448  -18.811 -10.058 1.00 37.16 ? 184 LEU A CA  1 
ATOM   1252 C  C   . LEU A 1 184 ? -3.094  -17.477 -10.700 1.00 36.15 ? 184 LEU A C   1 
ATOM   1253 O  O   . LEU A 1 184 ? -3.872  -17.009 -11.539 1.00 34.74 ? 184 LEU A O   1 
ATOM   1254 C  CB  . LEU A 1 184 ? -3.206  -19.953 -11.047 1.00 38.62 ? 184 LEU A CB  1 
ATOM   1255 C  CG  . LEU A 1 184 ? -3.678  -21.330 -10.597 1.00 41.65 ? 184 LEU A CG  1 
ATOM   1256 C  CD1 . LEU A 1 184 ? -3.463  -22.349 -11.704 1.00 47.53 ? 184 LEU A CD1 1 
ATOM   1257 C  CD2 . LEU A 1 184 ? -2.932  -21.761 -9.361  1.00 45.19 ? 184 LEU A CD2 1 
ATOM   1258 N  N   . GLU A 1 185 ? -1.953  -16.921 -10.312 1.00 36.97 ? 185 GLU A N   1 
ATOM   1259 C  CA  . GLU A 1 185 ? -1.242  -15.897 -11.096 1.00 39.33 ? 185 GLU A CA  1 
ATOM   1260 C  C   . GLU A 1 185 ? -0.426  -16.573 -12.197 1.00 35.85 ? 185 GLU A C   1 
ATOM   1261 O  O   . GLU A 1 185 ? 0.368   -17.472 -11.875 1.00 40.34 ? 185 GLU A O   1 
ATOM   1262 C  CB  . GLU A 1 185 ? -0.290  -15.110 -10.208 1.00 41.94 ? 185 GLU A CB  1 
ATOM   1263 C  CG  . GLU A 1 185 ? 0.360   -13.945 -10.938 1.00 44.02 ? 185 GLU A CG  1 
ATOM   1264 C  CD  . GLU A 1 185 ? 1.561   -13.356 -10.211 1.00 51.85 ? 185 GLU A CD  1 
ATOM   1265 O  OE1 . GLU A 1 185 ? 1.872   -13.796 -9.039  1.00 49.14 ? 185 GLU A OE1 1 
ATOM   1266 O  OE2 . GLU A 1 185 ? 2.177   -12.444 -10.798 1.00 50.11 ? 185 GLU A OE2 1 
ATOM   1267 N  N   . MET A 1 186 ? -0.577  -16.085 -13.426 1.00 36.35 ? 186 MET A N   1 
ATOM   1268 C  CA  . MET A 1 186 ? 0.199   -16.479 -14.625 1.00 33.11 ? 186 MET A CA  1 
ATOM   1269 C  C   . MET A 1 186 ? 0.936   -15.244 -15.130 1.00 36.59 ? 186 MET A C   1 
ATOM   1270 O  O   . MET A 1 186 ? 0.444   -14.131 -14.878 1.00 37.77 ? 186 MET A O   1 
ATOM   1271 C  CB  . MET A 1 186 ? -0.714  -16.990 -15.733 1.00 38.78 ? 186 MET A CB  1 
ATOM   1272 C  CG  . MET A 1 186 ? -1.702  -18.042 -15.274 1.00 39.93 ? 186 MET A CG  1 
ATOM   1273 S  SD  . MET A 1 186 ? -0.886  -19.594 -14.824 1.00 41.98 ? 186 MET A SD  1 
ATOM   1274 C  CE  . MET A 1 186 ? -0.416  -20.191 -16.453 1.00 37.66 ? 186 MET A CE  1 
ATOM   1275 N  N   . ALA A 1 187 ? 2.095   -15.430 -15.763 1.00 32.22 ? 187 ALA A N   1 
ATOM   1276 C  CA  . ALA A 1 187 ? 3.002   -14.329 -16.120 1.00 37.86 ? 187 ALA A CA  1 
ATOM   1277 C  C   . ALA A 1 187 ? 3.626   -14.610 -17.486 1.00 40.11 ? 187 ALA A C   1 
ATOM   1278 O  O   . ALA A 1 187 ? 3.815   -15.785 -17.832 1.00 38.40 ? 187 ALA A O   1 
ATOM   1279 C  CB  . ALA A 1 187 ? 4.060   -14.162 -15.051 1.00 39.68 ? 187 ALA A CB  1 
ATOM   1280 N  N   . HIS A 1 188 ? 3.909   -13.537 -18.206 1.00 44.46 ? 188 HIS A N   1 
ATOM   1281 C  CA  . HIS A 1 188 ? 4.695   -13.490 -19.460 1.00 52.47 ? 188 HIS A CA  1 
ATOM   1282 C  C   . HIS A 1 188 ? 5.746   -12.389 -19.269 1.00 55.09 ? 188 HIS A C   1 
ATOM   1283 O  O   . HIS A 1 188 ? 5.364   -11.264 -18.855 1.00 49.71 ? 188 HIS A O   1 
ATOM   1284 C  CB  . HIS A 1 188 ? 3.734   -13.260 -20.633 1.00 57.61 ? 188 HIS A CB  1 
ATOM   1285 C  CG  . HIS A 1 188 ? 4.294   -13.595 -21.968 1.00 67.45 ? 188 HIS A CG  1 
ATOM   1286 N  ND1 . HIS A 1 188 ? 3.523   -14.170 -22.962 1.00 70.67 ? 188 HIS A ND1 1 
ATOM   1287 C  CD2 . HIS A 1 188 ? 5.537   -13.446 -22.477 1.00 76.07 ? 188 HIS A CD2 1 
ATOM   1288 C  CE1 . HIS A 1 188 ? 4.263   -14.352 -24.035 1.00 72.71 ? 188 HIS A CE1 1 
ATOM   1289 N  NE2 . HIS A 1 188 ? 5.505   -13.914 -23.762 1.00 80.48 ? 188 HIS A NE2 1 
ATOM   1290 N  N   . TYR A 1 189 ? 7.021   -12.717 -19.480 1.00 60.84 ? 189 TYR A N   1 
ATOM   1291 C  CA  . TYR A 1 189 ? 8.161   -11.774 -19.350 1.00 62.03 ? 189 TYR A CA  1 
ATOM   1292 C  C   . TYR A 1 189 ? 8.628   -11.350 -20.754 1.00 69.44 ? 189 TYR A C   1 
ATOM   1293 O  O   . TYR A 1 189 ? 8.457   -12.125 -21.726 1.00 64.60 ? 189 TYR A O   1 
ATOM   1294 C  CB  . TYR A 1 189 ? 9.239   -12.398 -18.465 1.00 57.94 ? 189 TYR A CB  1 
ATOM   1295 C  CG  . TYR A 1 189 ? 9.013   -12.160 -16.994 1.00 54.44 ? 189 TYR A CG  1 
ATOM   1296 C  CD1 . TYR A 1 189 ? 8.247   -13.021 -16.222 1.00 58.78 ? 189 TYR A CD1 1 
ATOM   1297 C  CD2 . TYR A 1 189 ? 9.547   -11.047 -16.375 1.00 56.50 ? 189 TYR A CD2 1 
ATOM   1298 C  CE1 . TYR A 1 189 ? 8.025   -12.775 -14.872 1.00 60.81 ? 189 TYR A CE1 1 
ATOM   1299 C  CE2 . TYR A 1 189 ? 9.342   -10.788 -15.027 1.00 60.89 ? 189 TYR A CE2 1 
ATOM   1300 C  CZ  . TYR A 1 189 ? 8.578   -11.656 -14.269 1.00 62.05 ? 189 TYR A CZ  1 
ATOM   1301 O  OH  . TYR A 1 189 ? 8.390   -11.378 -12.942 1.00 71.10 ? 189 TYR A OH  1 
ATOM   1302 N  N   . TYR A 1 190 ? 9.152   -10.123 -20.864 1.00 74.24 ? 190 TYR A N   1 
ATOM   1303 C  CA  . TYR A 1 190 ? 9.563   -9.484  -22.144 1.00 80.59 ? 190 TYR A CA  1 
ATOM   1304 C  C   . TYR A 1 190 ? 11.064  -9.180  -22.129 1.00 82.82 ? 190 TYR A C   1 
ATOM   1305 O  O   . TYR A 1 190 ? 11.713  -9.211  -21.072 1.00 77.86 ? 190 TYR A O   1 
ATOM   1306 C  CB  . TYR A 1 190 ? 8.787   -8.186  -22.386 1.00 79.73 ? 190 TYR A CB  1 
ATOM   1307 C  CG  . TYR A 1 190 ? 7.292   -8.348  -22.487 1.00 73.68 ? 190 TYR A CG  1 
ATOM   1308 C  CD1 . TYR A 1 190 ? 6.730   -9.153  -23.465 1.00 76.35 ? 190 TYR A CD1 1 
ATOM   1309 C  CD2 . TYR A 1 190 ? 6.440   -7.680  -21.622 1.00 68.73 ? 190 TYR A CD2 1 
ATOM   1310 C  CE1 . TYR A 1 190 ? 5.357   -9.301  -23.573 1.00 74.01 ? 190 TYR A CE1 1 
ATOM   1311 C  CE2 . TYR A 1 190 ? 5.069   -7.819  -21.711 1.00 65.91 ? 190 TYR A CE2 1 
ATOM   1312 C  CZ  . TYR A 1 190 ? 4.526   -8.636  -22.689 1.00 74.31 ? 190 TYR A CZ  1 
ATOM   1313 O  OH  . TYR A 1 190 ? 3.173   -8.785  -22.792 1.00 71.21 ? 190 TYR A OH  1 
ATOM   1314 O  OXT . TYR A 1 190 ? 11.623  -8.884  -23.195 1.00 84.56 ? 190 TYR A OXT 1 
HETATM 1315 N  N1A . ACO B 2 .   ? 4.368   -16.725 6.279   1.00 33.96 ? 201 ACO A N1A 1 
HETATM 1316 C  C2A . ACO B 2 .   ? 3.542   -17.053 7.298   1.00 36.84 ? 201 ACO A C2A 1 
HETATM 1317 N  N3A . ACO B 2 .   ? 3.256   -16.188 8.288   1.00 36.16 ? 201 ACO A N3A 1 
HETATM 1318 C  C4A . ACO B 2 .   ? 3.771   -14.928 8.288   1.00 37.26 ? 201 ACO A C4A 1 
HETATM 1319 C  C5A . ACO B 2 .   ? 4.650   -14.524 7.204   1.00 34.19 ? 201 ACO A C5A 1 
HETATM 1320 C  C6A . ACO B 2 .   ? 4.938   -15.515 6.167   1.00 35.48 ? 201 ACO A C6A 1 
HETATM 1321 N  N6A . ACO B 2 .   ? 5.731   -15.168 5.110   1.00 36.66 ? 201 ACO A N6A 1 
HETATM 1322 N  N7A . ACO B 2 .   ? 5.002   -13.244 7.452   1.00 39.14 ? 201 ACO A N7A 1 
HETATM 1323 C  C8A . ACO B 2 .   ? 4.423   -12.844 8.604   1.00 34.84 ? 201 ACO A C8A 1 
HETATM 1324 N  N9A . ACO B 2 .   ? 3.690   -13.851 9.087   1.00 37.72 ? 201 ACO A N9A 1 
HETATM 1325 C  C1B . ACO B 2 .   ? 2.870   -13.846 10.296  1.00 40.33 ? 201 ACO A C1B 1 
HETATM 1326 C  C2B . ACO B 2 .   ? 3.435   -13.082 11.467  1.00 43.44 ? 201 ACO A C2B 1 
HETATM 1327 O  O2B . ACO B 2 .   ? 4.277   -13.954 12.208  1.00 48.82 ? 201 ACO A O2B 1 
HETATM 1328 C  C3B . ACO B 2 .   ? 2.174   -12.641 12.199  1.00 44.51 ? 201 ACO A C3B 1 
HETATM 1329 O  O3B . ACO B 2 .   ? 1.678   -13.744 12.922  1.00 50.80 ? 201 ACO A O3B 1 
HETATM 1330 P  P3B . ACO B 2 .   ? 0.686   -13.691 14.200  1.00 52.68 ? 201 ACO A P3B 1 
HETATM 1331 O  O7A . ACO B 2 .   ? -0.623  -13.009 13.857  1.00 57.39 ? 201 ACO A O7A 1 
HETATM 1332 O  O8A . ACO B 2 .   ? 0.413   -15.155 14.432  1.00 49.02 ? 201 ACO A O8A 1 
HETATM 1333 O  O9A . ACO B 2 .   ? 1.648   -12.917 15.031  1.00 42.59 ? 201 ACO A O9A 1 
HETATM 1334 C  C4B . ACO B 2 .   ? 1.196   -12.398 11.065  1.00 44.43 ? 201 ACO A C4B 1 
HETATM 1335 O  O4B . ACO B 2 .   ? 1.659   -13.206 9.950   1.00 45.40 ? 201 ACO A O4B 1 
HETATM 1336 C  C5B . ACO B 2 .   ? 1.132   -10.929 10.650  1.00 43.22 ? 201 ACO A C5B 1 
HETATM 1337 O  O5B . ACO B 2 .   ? 2.439   -10.510 10.304  1.00 40.04 ? 201 ACO A O5B 1 
HETATM 1338 P  P1A . ACO B 2 .   ? 3.106   -9.084  10.584  1.00 42.64 ? 201 ACO A P1A 1 
HETATM 1339 O  O1A . ACO B 2 .   ? 4.047   -9.049  11.744  1.00 37.87 ? 201 ACO A O1A 1 
HETATM 1340 O  O2A . ACO B 2 .   ? 2.057   -8.068  10.324  1.00 45.13 ? 201 ACO A O2A 1 
HETATM 1341 O  O3A . ACO B 2 .   ? 4.167   -9.194  9.366   1.00 38.65 ? 201 ACO A O3A 1 
HETATM 1342 P  P2A . ACO B 2 .   ? 5.352   -8.250  8.868   1.00 45.03 ? 201 ACO A P2A 1 
HETATM 1343 O  O4A . ACO B 2 .   ? 6.635   -8.946  8.730   1.00 40.62 ? 201 ACO A O4A 1 
HETATM 1344 O  O5A . ACO B 2 .   ? 5.210   -6.914  9.551   1.00 47.61 ? 201 ACO A O5A 1 
HETATM 1345 O  O6A . ACO B 2 .   ? 4.894   -8.070  7.348   1.00 45.35 ? 201 ACO A O6A 1 
HETATM 1346 C  CBP . ACO B 2 .   ? 5.399   -8.796  5.163   1.00 38.42 ? 201 ACO A CBP 1 
HETATM 1347 C  CCP . ACO B 2 .   ? 4.741   -9.173  6.477   1.00 42.95 ? 201 ACO A CCP 1 
HETATM 1348 C  CDP . ACO B 2 .   ? 4.677   -7.589  4.601   1.00 41.23 ? 201 ACO A CDP 1 
HETATM 1349 C  CEP . ACO B 2 .   ? 5.274   -10.023 4.290   1.00 40.02 ? 201 ACO A CEP 1 
HETATM 1350 C  CAP . ACO B 2 .   ? 6.846   -8.384  5.420   1.00 37.33 ? 201 ACO A CAP 1 
HETATM 1351 O  OAP . ACO B 2 .   ? 7.457   -9.432  6.168   1.00 39.27 ? 201 ACO A OAP 1 
HETATM 1352 C  C9P . ACO B 2 .   ? 7.724   -8.125  4.230   1.00 38.39 ? 201 ACO A C9P 1 
HETATM 1353 O  O9P . ACO B 2 .   ? 7.973   -6.998  3.839   1.00 33.59 ? 201 ACO A O9P 1 
HETATM 1354 N  N8P . ACO B 2 .   ? 8.280   -9.172  3.622   1.00 34.01 ? 201 ACO A N8P 1 
HETATM 1355 C  C7P . ACO B 2 .   ? 9.077   -8.939  2.437   1.00 36.17 ? 201 ACO A C7P 1 
HETATM 1356 C  C6P . ACO B 2 .   ? 8.339   -8.353  1.221   1.00 39.46 ? 201 ACO A C6P 1 
HETATM 1357 C  C5P . ACO B 2 .   ? 7.135   -9.181  0.788   1.00 44.57 ? 201 ACO A C5P 1 
HETATM 1358 O  O5P . ACO B 2 .   ? 7.198   -10.380 0.627   1.00 47.58 ? 201 ACO A O5P 1 
HETATM 1359 N  N4P . ACO B 2 .   ? 5.989   -8.536  0.572   1.00 44.31 ? 201 ACO A N4P 1 
HETATM 1360 C  C3P . ACO B 2 .   ? 4.785   -9.207  0.126   1.00 41.43 ? 201 ACO A C3P 1 
HETATM 1361 C  C2P . ACO B 2 .   ? 4.659   -9.217  -1.413  1.00 41.73 ? 201 ACO A C2P 1 
HETATM 1362 S  S1P . ACO B 2 .   ? 3.011   -9.808  -1.817  1.00 41.95 ? 201 ACO A S1P 1 
HETATM 1363 C  C   . ACO B 2 .   ? 2.182   -8.360  -2.155  1.00 41.94 ? 201 ACO A C   1 
HETATM 1364 O  O   . ACO B 2 .   ? 2.792   -7.289  -2.183  1.00 40.59 ? 201 ACO A O   1 
HETATM 1365 C  CH3 . ACO B 2 .   ? 0.697   -8.384  -2.413  1.00 42.35 ? 201 ACO A CH3 1 
HETATM 1366 O  OAP . N3Q C 3 .   ? -4.365  -8.727  -7.898  0.50 47.42 ? 202 N3Q A OAP 1 
HETATM 1367 C  CAO . N3Q C 3 .   ? -3.719  -7.608  -8.451  0.50 43.56 ? 202 N3Q A CAO 1 
HETATM 1368 C  CAM . N3Q C 3 .   ? -3.029  -8.070  -9.716  0.50 42.83 ? 202 N3Q A CAM 1 
HETATM 1369 N  NAL . N3Q C 3 .   ? -3.938  -7.618  -10.801 0.50 38.92 ? 202 N3Q A NAL 1 
HETATM 1370 C  CAN . N3Q C 3 .   ? -4.749  -8.694  -11.431 0.50 37.11 ? 202 N3Q A CAN 1 
HETATM 1371 C  CAQ . N3Q C 3 .   ? -4.292  -9.109  -12.847 0.50 33.18 ? 202 N3Q A CAQ 1 
HETATM 1372 O  OAR . N3Q C 3 .   ? -2.911  -8.811  -13.069 0.50 31.99 ? 202 N3Q A OAR 1 
HETATM 1373 C  CAF . N3Q C 3 .   ? -4.115  -6.322  -11.105 0.50 40.89 ? 202 N3Q A CAF 1 
HETATM 1374 C  CAA . N3Q C 3 .   ? -3.378  -5.316  -10.504 0.50 41.41 ? 202 N3Q A CAA 1 
HETATM 1375 C  CAB . N3Q C 3 .   ? -3.586  -3.973  -10.827 0.50 43.33 ? 202 N3Q A CAB 1 
HETATM 1376 CL CL2 . N3Q C 3 .   ? -2.616  -2.825  -10.037 0.50 49.01 ? 202 N3Q A CL2 1 
HETATM 1377 C  CAE . N3Q C 3 .   ? -5.072  -5.944  -12.032 0.50 41.47 ? 202 N3Q A CAE 1 
HETATM 1378 C  CAD . N3Q C 3 .   ? -5.279  -4.605  -12.356 0.50 43.57 ? 202 N3Q A CAD 1 
HETATM 1379 CL CL1 . N3Q C 3 .   ? -6.486  -4.267  -13.509 0.50 49.49 ? 202 N3Q A CL1 1 
HETATM 1380 C  CAC . N3Q C 3 .   ? -4.544  -3.574  -11.766 0.50 43.48 ? 202 N3Q A CAC 1 
HETATM 1381 C  CAG . N3Q C 3 .   ? -4.760  -2.264  -12.089 0.50 45.29 ? 202 N3Q A CAG 1 
HETATM 1382 N  NAK . N3Q C 3 .   ? -5.922  -1.604  -11.969 0.50 46.92 ? 202 N3Q A NAK 1 
HETATM 1383 C  CAJ . N3Q C 3 .   ? -5.699  -0.360  -12.398 0.50 44.77 ? 202 N3Q A CAJ 1 
HETATM 1384 N  NAI . N3Q C 3 .   ? -4.412  -0.275  -12.753 0.50 44.78 ? 202 N3Q A NAI 1 
HETATM 1385 N  NAH . N3Q C 3 .   ? -3.856  -1.399  -12.579 0.50 46.66 ? 202 N3Q A NAH 1 
HETATM 1386 C  C1  . G6P D 4 .   ? 3.658   -7.384  -6.714  1.00 78.44 ? 203 G6P A C1  1 
HETATM 1387 C  C2  . G6P D 4 .   ? 3.247   -8.822  -6.342  1.00 74.03 ? 203 G6P A C2  1 
HETATM 1388 C  C3  . G6P D 4 .   ? 4.310   -9.663  -5.640  1.00 79.06 ? 203 G6P A C3  1 
HETATM 1389 C  C4  . G6P D 4 .   ? 5.732   -9.401  -6.123  1.00 77.42 ? 203 G6P A C4  1 
HETATM 1390 C  C5  . G6P D 4 .   ? 6.080   -7.921  -6.278  1.00 79.14 ? 203 G6P A C5  1 
HETATM 1391 C  C6  . G6P D 4 .   ? 7.449   -7.789  -6.966  1.00 71.70 ? 203 G6P A C6  1 
HETATM 1392 O  O1  . G6P D 4 .   ? 3.160   -6.520  -5.681  1.00 71.13 ? 203 G6P A O1  1 
HETATM 1393 O  O2  . G6P D 4 .   ? 2.116   -8.782  -5.453  1.00 65.25 ? 203 G6P A O2  1 
HETATM 1394 O  O3  . G6P D 4 .   ? 3.972   -11.054 -5.817  1.00 69.92 ? 203 G6P A O3  1 
HETATM 1395 O  O4  . G6P D 4 .   ? 6.658   -9.943  -5.161  1.00 83.79 ? 203 G6P A O4  1 
HETATM 1396 O  O5  . G6P D 4 .   ? 5.075   -7.154  -6.979  1.00 82.49 ? 203 G6P A O5  1 
HETATM 1397 O  O6  . G6P D 4 .   ? 7.749   -8.873  -7.871  1.00 67.35 ? 203 G6P A O6  1 
HETATM 1398 P  P   . G6P D 4 .   ? 8.394   -8.595  -9.357  1.00 78.56 ? 203 G6P A P   1 
HETATM 1399 O  O1P . G6P D 4 .   ? 7.269   -7.907  -10.107 1.00 65.41 ? 203 G6P A O1P 1 
HETATM 1400 O  O2P . G6P D 4 .   ? 8.797   -9.931  -9.954  1.00 67.74 ? 203 G6P A O2P 1 
HETATM 1401 O  O3P . G6P D 4 .   ? 9.592   -7.713  -9.067  1.00 60.45 ? 203 G6P A O3P 1 
HETATM 1402 O  O   . HOH E 5 .   ? 5.945   -5.677  11.691  1.00 37.64 ? 301 HOH A O   1 
HETATM 1403 O  O   . HOH E 5 .   ? -7.879  -16.298 5.614   1.00 49.48 ? 302 HOH A O   1 
HETATM 1404 O  O   . HOH E 5 .   ? 4.157   -13.204 -7.281  1.00 48.26 ? 303 HOH A O   1 
HETATM 1405 O  O   . HOH E 5 .   ? 3.449   0.254   -1.898  1.00 40.91 ? 304 HOH A O   1 
HETATM 1406 O  O   . HOH E 5 .   ? 2.320   17.848  -5.344  1.00 60.46 ? 305 HOH A O   1 
HETATM 1407 O  O   . HOH E 5 .   ? 1.616   -6.044  -10.355 1.00 51.93 ? 306 HOH A O   1 
HETATM 1408 O  O   . HOH E 5 .   ? 15.810  -3.139  8.747   1.00 53.92 ? 307 HOH A O   1 
HETATM 1409 O  O   . HOH E 5 .   ? -0.655  -3.169  15.947  1.00 49.86 ? 308 HOH A O   1 
HETATM 1410 O  O   . HOH E 5 .   ? -0.457  -8.222  -5.954  1.00 35.21 ? 309 HOH A O   1 
HETATM 1411 O  O   . HOH E 5 .   ? 6.860   -13.062 11.802  1.00 47.44 ? 310 HOH A O   1 
HETATM 1412 O  O   . HOH E 5 .   ? -0.421  15.164  -3.202  1.00 46.21 ? 311 HOH A O   1 
HETATM 1413 O  O   . HOH E 5 .   ? 1.563   8.372   21.106  1.00 68.11 ? 312 HOH A O   1 
HETATM 1414 O  O   . HOH E 5 .   ? 4.917   -12.370 -2.856  1.00 43.58 ? 313 HOH A O   1 
HETATM 1415 O  O   . HOH E 5 .   ? -17.801 -2.570  -7.026  1.00 39.32 ? 314 HOH A O   1 
HETATM 1416 O  O   . HOH E 5 .   ? 16.334  -5.099  -3.759  1.00 55.89 ? 315 HOH A O   1 
HETATM 1417 O  O   . HOH E 5 .   ? 7.445   12.094  8.591   1.00 57.59 ? 316 HOH A O   1 
HETATM 1418 O  O   . HOH E 5 .   ? 5.271   -19.364 -5.047  1.00 55.55 ? 317 HOH A O   1 
HETATM 1419 O  O   . HOH E 5 .   ? 17.564  5.657   -6.213  1.00 59.25 ? 318 HOH A O   1 
HETATM 1420 O  O   . HOH E 5 .   ? 10.416  -9.103  -12.118 1.00 54.52 ? 319 HOH A O   1 
HETATM 1421 O  O   . HOH E 5 .   ? 4.696   23.471  -3.292  1.00 66.31 ? 320 HOH A O   1 
HETATM 1422 O  O   . HOH E 5 .   ? -16.780 1.717   6.281   1.00 56.17 ? 321 HOH A O   1 
HETATM 1423 O  O   . HOH E 5 .   ? 13.834  8.972   19.328  1.00 41.43 ? 322 HOH A O   1 
HETATM 1424 O  O   . HOH E 5 .   ? 6.110   0.296   -6.552  1.00 43.56 ? 323 HOH A O   1 
HETATM 1425 O  O   . HOH E 5 .   ? 12.056  -9.724  4.102   1.00 46.60 ? 324 HOH A O   1 
HETATM 1426 O  O   . HOH E 5 .   ? -7.453  -20.377 1.324   1.00 43.79 ? 325 HOH A O   1 
HETATM 1427 O  O   . HOH E 5 .   ? 7.486   -19.194 -2.617  1.00 54.45 ? 326 HOH A O   1 
HETATM 1428 O  O   . HOH E 5 .   ? -3.533  9.604   8.902   1.00 54.02 ? 327 HOH A O   1 
HETATM 1429 O  O   . HOH E 5 .   ? 8.656   -11.400 9.021   1.00 51.09 ? 328 HOH A O   1 
HETATM 1430 O  O   . HOH E 5 .   ? -8.515  12.018  -9.362  1.00 55.38 ? 329 HOH A O   1 
HETATM 1431 O  O   . HOH E 5 .   ? -6.613  -7.463  14.352  1.00 61.10 ? 330 HOH A O   1 
HETATM 1432 O  O   . HOH E 5 .   ? 7.912   -11.592 -2.624  1.00 61.32 ? 331 HOH A O   1 
HETATM 1433 O  O   . HOH E 5 .   ? 3.341   -0.287  21.658  1.00 52.78 ? 332 HOH A O   1 
HETATM 1434 O  O   . HOH E 5 .   ? 15.000  -8.133  -2.549  1.00 70.04 ? 333 HOH A O   1 
HETATM 1435 O  O   . HOH E 5 .   ? -5.988  15.180  -0.960  1.00 55.35 ? 334 HOH A O   1 
HETATM 1436 O  O   . HOH E 5 .   ? -10.112 15.873  1.988   1.00 46.41 ? 335 HOH A O   1 
HETATM 1437 O  O   . HOH E 5 .   ? 4.953   12.888  9.290   1.00 59.30 ? 336 HOH A O   1 
HETATM 1438 O  O   . HOH E 5 .   ? -20.162 -3.023  -2.693  1.00 55.44 ? 337 HOH A O   1 
HETATM 1439 O  O   . HOH E 5 .   ? 14.687  -10.773 -18.921 1.00 67.94 ? 338 HOH A O   1 
HETATM 1440 O  O   . HOH E 5 .   ? 10.258  21.464  -3.933  1.00 65.34 ? 339 HOH A O   1 
HETATM 1441 O  O   . HOH E 5 .   ? -9.267  -3.153  11.968  1.00 49.91 ? 340 HOH A O   1 
HETATM 1442 O  O   . HOH E 5 .   ? 7.708   -1.993  18.389  1.00 68.45 ? 341 HOH A O   1 
HETATM 1443 O  O   . HOH E 5 .   ? 20.562  12.135  -6.643  1.00 67.38 ? 342 HOH A O   1 
HETATM 1444 O  O   . HOH E 5 .   ? 13.392  2.373   18.471  1.00 59.31 ? 343 HOH A O   1 
HETATM 1445 O  O   . HOH E 5 .   ? 15.270  -9.082  13.541  1.00 62.47 ? 344 HOH A O   1 
HETATM 1446 O  O   . HOH E 5 .   ? -8.175  -12.642 14.469  1.00 60.81 ? 345 HOH A O   1 
# 
